data_4ZFZ
#
_entry.id   4ZFZ
#
_cell.length_a   46.402
_cell.length_b   85.179
_cell.length_c   127.990
_cell.angle_alpha   89.20
_cell.angle_beta   79.57
_cell.angle_gamma   90.02
#
_symmetry.space_group_name_H-M   'P 1'
#
loop_
_entity.id
_entity.type
_entity.pdbx_description
1 polymer 'Major histocompatibility complex class I'
2 polymer Beta-2-microglobulin
3 polymer '5-mer lipopeptide  from Protein Nef'
4 non-polymer 'ZINC ION'
5 non-polymer 1,2-ETHANEDIOL
6 non-polymer 2-AMINO-2-HYDROXYMETHYL-PROPANE-1,3-DIOL
7 non-polymer 'CHLORIDE ION'
8 non-polymer 'MYRISTIC ACID'
9 water water
#
loop_
_entity_poly.entity_id
_entity_poly.type
_entity_poly.pdbx_seq_one_letter_code
_entity_poly.pdbx_strand_id
1 'polypeptide(L)'
;AGSHSMRYFSTTVSRPGRGEPRFIVVGYVDDTQFVRFDSDAASPKMEPRAPWMEQEGPEYWEEQTRRVKDAAQTFRVSLG
NLRGYYNQSEAGSHTLQTMSGCDLGPDGRLLRGYYQQAYDGRDYIALNEDLRSWTAADEAAQNTQRKWEAAGVAEQWRAY
LEGECLESLRRYLENGKETLQRAEPPKTHVTHHPVSDHEATLRCWALGFYPAEITLTWQRDGEDQTQDTELVETRPGGDG
TFQKWGAVVVPSGEEQRYTCHVQHEGLPEPLTLRWEP
;
A,D,G,J
2 'polypeptide(L)'
;AIQRTPKIQVYSRHPPENGKPNFLNCYVSGFHPSDIEVDLLKNGEKMGKVEHSDLSFSKDWSFYLLYYTEFTPNEKDEYA
CRVNHVTLSGPRTVKWDRDM
;
B,E,H,K
3 'polypeptide(L)' GGAIS C,F,I,L
#
loop_
_chem_comp.id
_chem_comp.type
_chem_comp.name
_chem_comp.formula
CL non-polymer 'CHLORIDE ION' 'Cl -1'
EDO non-polymer 1,2-ETHANEDIOL 'C2 H6 O2'
MYR non-polymer 'MYRISTIC ACID' 'C14 H28 O2'
TRS non-polymer 2-AMINO-2-HYDROXYMETHYL-PROPANE-1,3-DIOL 'C4 H12 N O3 1'
ZN non-polymer 'ZINC ION' 'Zn 2'
#
# COMPACT_ATOMS: atom_id res chain seq x y z
N ALA A 1 65.43 9.78 -8.41
CA ALA A 1 65.95 10.07 -7.08
C ALA A 1 67.46 10.19 -7.12
N GLY A 2 68.04 10.88 -6.15
CA GLY A 2 69.48 11.15 -6.15
C GLY A 2 70.33 9.94 -5.87
N SER A 3 69.82 9.05 -5.00
CA SER A 3 70.51 7.79 -4.71
C SER A 3 69.60 6.61 -5.01
N HIS A 4 70.21 5.50 -5.40
CA HIS A 4 69.49 4.27 -5.67
C HIS A 4 70.25 3.08 -5.10
N SER A 5 69.55 1.98 -4.94
CA SER A 5 70.17 0.80 -4.37
C SER A 5 69.86 -0.44 -5.20
N MET A 6 70.79 -1.38 -5.20
CA MET A 6 70.47 -2.73 -5.67
C MET A 6 70.81 -3.72 -4.57
N ARG A 7 70.00 -4.76 -4.42
CA ARG A 7 70.28 -5.78 -3.41
C ARG A 7 69.92 -7.13 -3.96
N TYR A 8 70.73 -8.14 -3.61
CA TYR A 8 70.33 -9.54 -3.75
C TYR A 8 70.23 -10.15 -2.36
N PHE A 9 69.12 -10.85 -2.12
CA PHE A 9 68.85 -11.50 -0.85
C PHE A 9 68.74 -12.99 -1.12
N SER A 10 69.66 -13.80 -0.59
CA SER A 10 69.59 -15.24 -0.84
C SER A 10 69.32 -15.98 0.45
N THR A 11 68.57 -17.07 0.35
CA THR A 11 68.27 -17.91 1.51
C THR A 11 68.58 -19.35 1.14
N THR A 12 69.43 -19.99 1.94
CA THR A 12 69.71 -21.41 1.74
C THR A 12 69.26 -22.18 2.98
N VAL A 13 68.45 -23.22 2.80
CA VAL A 13 67.86 -23.91 3.96
C VAL A 13 68.06 -25.40 3.83
N SER A 14 68.78 -25.99 4.77
CA SER A 14 69.04 -27.41 4.63
C SER A 14 67.80 -28.18 5.08
N ARG A 15 67.68 -29.41 4.59
CA ARG A 15 66.58 -30.29 4.94
C ARG A 15 67.11 -31.72 5.02
N PRO A 16 67.71 -32.05 6.16
CA PRO A 16 68.37 -33.35 6.35
C PRO A 16 67.46 -34.51 5.96
N GLY A 17 68.01 -35.45 5.17
CA GLY A 17 67.27 -36.63 4.75
C GLY A 17 66.34 -36.39 3.57
N ARG A 18 66.23 -35.14 3.14
CA ARG A 18 65.28 -34.80 2.10
C ARG A 18 65.93 -34.06 0.92
N GLY A 19 67.18 -34.38 0.64
CA GLY A 19 67.87 -33.81 -0.50
C GLY A 19 68.73 -32.59 -0.20
N GLU A 20 69.29 -32.00 -1.25
N GLU A 20 69.21 -31.98 -1.29
CA GLU A 20 70.19 -30.88 -1.05
CA GLU A 20 70.03 -30.77 -1.24
C GLU A 20 69.41 -29.64 -0.64
C GLU A 20 69.30 -29.62 -0.54
N PRO A 21 70.05 -28.72 0.10
CA PRO A 21 69.40 -27.52 0.64
C PRO A 21 68.69 -26.73 -0.44
N ARG A 22 67.55 -26.16 -0.09
CA ARG A 22 66.83 -25.32 -1.06
C ARG A 22 67.50 -23.96 -1.13
N PHE A 23 67.54 -23.37 -2.32
CA PHE A 23 68.20 -22.10 -2.52
C PHE A 23 67.23 -21.15 -3.20
N ILE A 24 66.97 -19.99 -2.57
CA ILE A 24 66.11 -18.96 -3.15
C ILE A 24 66.86 -17.63 -3.20
N VAL A 25 66.86 -16.95 -4.36
CA VAL A 25 67.43 -15.61 -4.46
CA VAL A 25 67.40 -15.60 -4.39
C VAL A 25 66.40 -14.64 -5.02
N VAL A 26 66.39 -13.41 -4.53
CA VAL A 26 65.56 -12.37 -5.10
C VAL A 26 66.44 -11.14 -5.24
N GLY A 27 66.19 -10.35 -6.29
CA GLY A 27 66.92 -9.12 -6.45
C GLY A 27 65.95 -7.96 -6.47
N TYR A 28 66.40 -6.84 -5.90
CA TYR A 28 65.64 -5.61 -5.79
C TYR A 28 66.45 -4.44 -6.31
N VAL A 29 65.79 -3.56 -7.05
CA VAL A 29 66.28 -2.19 -7.29
C VAL A 29 65.37 -1.31 -6.45
N ASP A 30 65.96 -0.59 -5.49
CA ASP A 30 65.19 0.18 -4.53
C ASP A 30 64.16 -0.77 -3.91
N ASP A 31 62.87 -0.43 -3.92
CA ASP A 31 61.86 -1.33 -3.36
C ASP A 31 61.10 -2.15 -4.40
N THR A 32 61.71 -2.34 -5.57
CA THR A 32 61.05 -3.03 -6.66
C THR A 32 61.77 -4.34 -6.94
N GLN A 33 61.11 -5.49 -6.79
CA GLN A 33 61.77 -6.76 -7.08
C GLN A 33 61.97 -6.88 -8.59
N PHE A 34 63.13 -7.38 -9.06
CA PHE A 34 63.29 -7.51 -10.50
C PHE A 34 63.67 -8.92 -10.98
N VAL A 35 64.19 -9.78 -10.11
CA VAL A 35 64.49 -11.15 -10.51
C VAL A 35 64.26 -12.12 -9.37
N ARG A 36 64.15 -13.39 -9.70
CA ARG A 36 64.14 -14.45 -8.69
C ARG A 36 64.79 -15.74 -9.20
N PHE A 37 65.17 -16.61 -8.25
CA PHE A 37 65.61 -17.96 -8.55
C PHE A 37 65.14 -18.84 -7.40
N ASP A 38 64.72 -20.05 -7.73
CA ASP A 38 64.27 -21.04 -6.73
C ASP A 38 64.73 -22.42 -7.16
N SER A 39 65.65 -23.03 -6.43
CA SER A 39 66.21 -24.34 -6.80
C SER A 39 65.17 -25.44 -6.83
N ASP A 40 64.00 -25.21 -6.25
CA ASP A 40 62.98 -26.25 -6.26
C ASP A 40 62.07 -26.14 -7.48
N ALA A 41 62.25 -25.09 -8.28
CA ALA A 41 61.43 -24.92 -9.49
C ALA A 41 61.70 -26.06 -10.47
N ALA A 42 60.74 -26.32 -11.34
CA ALA A 42 60.80 -27.40 -12.33
C ALA A 42 62.11 -27.41 -13.13
N SER A 43 62.53 -26.25 -13.61
CA SER A 43 63.81 -26.16 -14.26
C SER A 43 64.43 -24.83 -13.86
N PRO A 44 65.15 -24.84 -12.73
CA PRO A 44 65.62 -23.62 -12.05
C PRO A 44 66.48 -22.74 -12.93
N LYS A 45 66.01 -21.50 -13.10
CA LYS A 45 66.76 -20.49 -13.83
C LYS A 45 66.48 -19.13 -13.21
N MET A 46 67.40 -18.19 -13.37
CA MET A 46 67.05 -16.81 -13.02
C MET A 46 65.93 -16.33 -13.94
N GLU A 47 64.92 -15.68 -13.34
CA GLU A 47 63.69 -15.27 -14.03
C GLU A 47 63.36 -13.81 -13.76
N PRO A 48 62.79 -13.12 -14.74
CA PRO A 48 62.37 -11.72 -14.49
C PRO A 48 61.17 -11.63 -13.58
N ARG A 49 61.13 -10.58 -12.75
CA ARG A 49 59.97 -10.35 -11.91
C ARG A 49 59.57 -8.89 -11.95
N ALA A 50 60.09 -8.19 -12.96
CA ALA A 50 59.60 -6.88 -13.32
C ALA A 50 59.52 -6.84 -14.83
N PRO A 51 58.46 -6.23 -15.38
CA PRO A 51 58.29 -6.32 -16.83
C PRO A 51 59.44 -5.67 -17.60
N TRP A 52 60.08 -4.64 -17.06
CA TRP A 52 61.16 -3.97 -17.78
C TRP A 52 62.42 -4.83 -17.88
N MET A 53 62.45 -5.95 -17.15
CA MET A 53 63.57 -6.88 -17.25
C MET A 53 63.47 -7.80 -18.48
N GLU A 54 62.29 -7.89 -19.06
CA GLU A 54 62.05 -8.89 -20.09
C GLU A 54 62.84 -8.59 -21.36
N GLN A 55 63.28 -7.34 -21.52
CA GLN A 55 64.07 -6.97 -22.68
C GLN A 55 65.53 -7.43 -22.63
N GLU A 56 66.00 -7.87 -21.47
CA GLU A 56 67.37 -8.45 -21.40
C GLU A 56 67.42 -9.70 -22.25
N GLY A 57 68.48 -9.86 -23.04
CA GLY A 57 68.58 -10.99 -23.96
C GLY A 57 68.94 -12.28 -23.25
N PRO A 58 68.81 -13.41 -23.96
CA PRO A 58 69.05 -14.71 -23.32
C PRO A 58 70.43 -14.85 -22.69
N GLU A 59 71.47 -14.21 -23.24
CA GLU A 59 72.81 -14.39 -22.66
C GLU A 59 72.87 -13.78 -21.26
N TYR A 60 72.07 -12.72 -21.02
CA TYR A 60 71.94 -12.16 -19.68
C TYR A 60 71.40 -13.23 -18.74
N TRP A 61 70.30 -13.89 -19.13
CA TRP A 61 69.67 -14.86 -18.25
C TRP A 61 70.57 -16.08 -18.07
N GLU A 62 71.26 -16.50 -19.13
CA GLU A 62 72.20 -17.62 -18.97
C GLU A 62 73.30 -17.31 -17.96
N GLU A 63 73.89 -16.12 -18.05
CA GLU A 63 74.97 -15.77 -17.13
C GLU A 63 74.45 -15.64 -15.70
N GLN A 64 73.29 -15.02 -15.53
CA GLN A 64 72.75 -14.90 -14.16
C GLN A 64 72.44 -16.27 -13.58
N THR A 65 71.90 -17.17 -14.38
CA THR A 65 71.64 -18.52 -13.92
C THR A 65 72.92 -19.28 -13.54
N ARG A 66 73.96 -19.14 -14.36
CA ARG A 66 75.27 -19.72 -14.05
C ARG A 66 75.78 -19.22 -12.70
N ARG A 67 75.69 -17.91 -12.49
CA ARG A 67 76.22 -17.31 -11.28
C ARG A 67 75.44 -17.75 -10.05
N VAL A 68 74.12 -17.87 -10.18
CA VAL A 68 73.28 -18.32 -9.07
C VAL A 68 73.51 -19.80 -8.77
N LYS A 69 73.67 -20.62 -9.80
CA LYS A 69 73.92 -22.03 -9.57
C LYS A 69 75.29 -22.22 -8.89
N ASP A 70 76.26 -21.41 -9.30
N ASP A 70 76.26 -21.39 -9.24
CA ASP A 70 77.57 -21.37 -8.67
CA ASP A 70 77.59 -21.46 -8.62
C ASP A 70 77.43 -21.05 -7.18
C ASP A 70 77.60 -20.91 -7.19
N ALA A 71 76.69 -19.99 -6.90
CA ALA A 71 76.49 -19.54 -5.52
C ALA A 71 75.82 -20.65 -4.71
N ALA A 72 74.81 -21.28 -5.31
CA ALA A 72 74.04 -22.33 -4.63
C ALA A 72 74.96 -23.42 -4.12
N GLN A 73 75.89 -23.85 -4.98
CA GLN A 73 76.83 -24.89 -4.59
C GLN A 73 77.79 -24.43 -3.49
N THR A 74 78.29 -23.21 -3.64
CA THR A 74 79.13 -22.61 -2.61
C THR A 74 78.44 -22.61 -1.26
N PHE A 75 77.16 -22.23 -1.28
CA PHE A 75 76.43 -22.07 -0.03
C PHE A 75 76.04 -23.41 0.57
N ARG A 76 75.88 -24.43 -0.26
CA ARG A 76 75.62 -25.77 0.27
C ARG A 76 76.85 -26.31 0.99
N VAL A 77 78.03 -26.14 0.38
CA VAL A 77 79.28 -26.50 1.01
C VAL A 77 79.50 -25.69 2.29
N SER A 78 79.17 -24.40 2.24
CA SER A 78 79.27 -23.54 3.42
C SER A 78 78.42 -24.04 4.58
N LEU A 79 77.20 -24.48 4.28
CA LEU A 79 76.31 -25.01 5.33
C LEU A 79 76.96 -26.20 6.03
N GLY A 80 77.69 -27.01 5.27
CA GLY A 80 78.40 -28.15 5.83
C GLY A 80 79.52 -27.74 6.76
N ASN A 81 80.32 -26.77 6.30
CA ASN A 81 81.42 -26.24 7.11
C ASN A 81 80.93 -25.57 8.38
N LEU A 82 79.84 -24.80 8.28
CA LEU A 82 79.31 -24.09 9.43
C LEU A 82 78.75 -25.06 10.47
N ARG A 83 78.17 -26.18 10.03
CA ARG A 83 77.65 -27.14 11.00
C ARG A 83 78.83 -27.76 11.74
N GLY A 84 79.97 -27.86 11.03
CA GLY A 84 81.23 -28.25 11.67
C GLY A 84 81.74 -27.24 12.68
N TYR A 85 81.87 -25.99 12.26
CA TYR A 85 82.27 -24.89 13.16
C TYR A 85 81.44 -24.85 14.43
N TYR A 86 80.16 -25.15 14.30
CA TYR A 86 79.26 -25.04 15.43
C TYR A 86 79.01 -26.37 16.15
N ASN A 87 79.69 -27.43 15.72
CA ASN A 87 79.55 -28.75 16.34
C ASN A 87 78.10 -29.23 16.35
N GLN A 88 77.43 -29.11 15.21
CA GLN A 88 76.00 -29.40 15.16
C GLN A 88 75.70 -30.73 14.49
N SER A 89 74.55 -31.28 14.85
CA SER A 89 74.08 -32.56 14.32
C SER A 89 73.75 -32.43 12.83
N GLU A 90 73.85 -33.53 12.11
CA GLU A 90 73.47 -33.52 10.70
C GLU A 90 71.96 -33.69 10.55
N ALA A 91 71.27 -33.82 11.68
CA ALA A 91 69.84 -34.10 11.69
C ALA A 91 68.98 -32.84 11.61
N GLY A 92 69.56 -31.70 11.96
CA GLY A 92 68.78 -30.48 12.05
C GLY A 92 68.89 -29.60 10.81
N SER A 93 67.81 -28.88 10.53
CA SER A 93 67.79 -27.87 9.45
C SER A 93 68.48 -26.59 9.92
N HIS A 94 69.25 -25.97 9.02
CA HIS A 94 69.87 -24.70 9.33
C HIS A 94 69.72 -23.76 8.13
N THR A 95 69.88 -22.47 8.37
CA THR A 95 69.62 -21.46 7.34
C THR A 95 70.81 -20.54 7.16
N LEU A 96 71.25 -20.38 5.91
CA LEU A 96 72.26 -19.40 5.59
C LEU A 96 71.61 -18.34 4.71
N GLN A 97 71.70 -17.09 5.14
CA GLN A 97 71.21 -15.95 4.35
C GLN A 97 72.33 -15.02 3.96
N THR A 98 72.25 -14.44 2.76
CA THR A 98 73.28 -13.49 2.35
C THR A 98 72.60 -12.29 1.76
N MET A 99 73.20 -11.13 2.01
CA MET A 99 72.77 -9.89 1.37
C MET A 99 73.99 -9.29 0.68
N SER A 100 73.80 -8.81 -0.53
CA SER A 100 74.90 -8.11 -1.18
C SER A 100 74.28 -7.02 -2.05
N GLY A 101 75.06 -6.00 -2.35
CA GLY A 101 74.56 -4.99 -3.26
C GLY A 101 75.28 -3.68 -3.09
N CYS A 102 74.75 -2.66 -3.76
CA CYS A 102 75.43 -1.37 -3.84
C CYS A 102 74.42 -0.25 -3.80
N ASP A 103 74.84 0.89 -3.22
CA ASP A 103 74.09 2.13 -3.29
C ASP A 103 74.84 3.05 -4.23
N LEU A 104 74.12 3.56 -5.21
CA LEU A 104 74.64 4.59 -6.12
C LEU A 104 74.31 5.96 -5.56
N GLY A 105 75.33 6.81 -5.40
CA GLY A 105 75.11 8.15 -4.87
C GLY A 105 74.91 9.14 -6.01
N PRO A 106 74.47 10.37 -5.69
CA PRO A 106 74.19 11.38 -6.73
C PRO A 106 75.44 11.84 -7.50
N ASP A 107 76.62 11.56 -6.97
CA ASP A 107 77.86 11.86 -7.68
C ASP A 107 78.26 10.74 -8.63
N GLY A 108 77.40 9.74 -8.77
CA GLY A 108 77.64 8.65 -9.69
C GLY A 108 78.61 7.61 -9.18
N ARG A 109 78.98 7.72 -7.91
CA ARG A 109 79.96 6.83 -7.31
C ARG A 109 79.32 5.91 -6.27
N LEU A 110 80.09 4.95 -5.77
CA LEU A 110 79.57 4.01 -4.81
C LEU A 110 79.35 4.65 -3.46
N LEU A 111 78.09 4.79 -3.05
CA LEU A 111 77.78 5.38 -1.76
C LEU A 111 78.15 4.39 -0.67
N ARG A 112 77.81 3.12 -0.90
CA ARG A 112 78.20 2.04 0.01
C ARG A 112 78.00 0.71 -0.69
N GLY A 113 78.92 -0.22 -0.46
CA GLY A 113 78.79 -1.57 -0.98
C GLY A 113 78.55 -2.50 0.20
N TYR A 114 77.86 -3.61 -0.04
CA TYR A 114 77.51 -4.55 1.03
C TYR A 114 77.79 -5.99 0.65
N TYR A 115 78.27 -6.78 1.63
CA TYR A 115 78.19 -8.23 1.55
C TYR A 115 78.17 -8.76 2.97
N GLN A 116 77.07 -9.40 3.34
CA GLN A 116 76.90 -9.88 4.71
C GLN A 116 76.21 -11.24 4.70
N GLN A 117 76.50 -12.04 5.72
CA GLN A 117 75.87 -13.35 5.86
C GLN A 117 75.25 -13.50 7.24
N ALA A 118 74.16 -14.28 7.32
CA ALA A 118 73.59 -14.67 8.61
C ALA A 118 73.42 -16.16 8.67
N TYR A 119 73.60 -16.74 9.86
CA TYR A 119 73.42 -18.18 10.03
C TYR A 119 72.39 -18.36 11.12
N ASP A 120 71.35 -19.14 10.79
CA ASP A 120 70.19 -19.32 11.66
C ASP A 120 69.64 -18.01 12.24
N GLY A 121 69.53 -16.99 11.40
CA GLY A 121 68.93 -15.74 11.78
C GLY A 121 69.80 -14.75 12.53
N ARG A 122 71.05 -15.08 12.78
CA ARG A 122 71.96 -14.19 13.49
C ARG A 122 73.09 -13.73 12.58
N ASP A 123 73.57 -12.50 12.79
CA ASP A 123 74.76 -12.02 12.10
C ASP A 123 75.86 -13.06 12.19
N TYR A 124 76.52 -13.31 11.05
CA TYR A 124 77.63 -14.23 11.02
C TYR A 124 78.89 -13.48 10.63
N ILE A 125 78.91 -12.92 9.43
CA ILE A 125 80.07 -12.15 8.98
C ILE A 125 79.64 -11.02 8.01
N ALA A 126 80.31 -9.88 8.10
CA ALA A 126 79.97 -8.75 7.22
C ALA A 126 81.22 -8.07 6.67
N LEU A 127 81.16 -7.68 5.40
CA LEU A 127 82.18 -6.81 4.81
C LEU A 127 81.99 -5.41 5.37
N ASN A 128 83.05 -4.83 5.91
CA ASN A 128 82.96 -3.49 6.49
C ASN A 128 82.82 -2.42 5.41
N GLU A 129 82.39 -1.23 5.81
CA GLU A 129 82.18 -0.13 4.86
C GLU A 129 83.39 0.14 3.97
N ASP A 130 84.59 -0.11 4.50
CA ASP A 130 85.81 0.16 3.76
C ASP A 130 86.07 -0.86 2.65
N LEU A 131 85.26 -1.92 2.62
CA LEU A 131 85.37 -2.96 1.58
C LEU A 131 86.76 -3.62 1.57
N ARG A 132 87.44 -3.58 2.71
CA ARG A 132 88.79 -4.12 2.82
C ARG A 132 88.95 -5.02 4.04
N SER A 133 87.96 -5.01 4.93
CA SER A 133 88.04 -5.75 6.18
C SER A 133 86.70 -6.37 6.54
N TRP A 134 86.71 -7.25 7.54
CA TRP A 134 85.52 -8.00 7.95
C TRP A 134 85.18 -7.83 9.42
N THR A 135 83.89 -7.92 9.74
CA THR A 135 83.45 -8.10 11.11
C THR A 135 82.86 -9.50 11.30
N ALA A 136 83.52 -10.33 12.10
CA ALA A 136 82.96 -11.63 12.48
C ALA A 136 82.12 -11.46 13.72
N ALA A 137 80.95 -12.10 13.75
CA ALA A 137 80.03 -11.89 14.86
C ALA A 137 80.29 -12.86 16.02
N ASP A 138 81.11 -13.88 15.78
CA ASP A 138 81.48 -14.84 16.81
C ASP A 138 82.74 -15.62 16.45
N GLU A 139 83.17 -16.54 17.31
CA GLU A 139 84.40 -17.27 17.07
C GLU A 139 84.31 -18.18 15.87
N ALA A 140 83.15 -18.78 15.67
CA ALA A 140 82.96 -19.64 14.50
C ALA A 140 83.23 -18.86 13.23
N ALA A 141 82.69 -17.65 13.15
CA ALA A 141 82.86 -16.82 11.96
C ALA A 141 84.31 -16.40 11.74
N GLN A 142 85.12 -16.41 12.79
CA GLN A 142 86.52 -16.07 12.62
C GLN A 142 87.25 -17.13 11.77
N ASN A 143 86.78 -18.38 11.81
CA ASN A 143 87.22 -19.37 10.85
C ASN A 143 87.07 -18.84 9.42
N THR A 144 85.87 -18.36 9.11
CA THR A 144 85.58 -17.83 7.78
C THR A 144 86.41 -16.61 7.46
N GLN A 145 86.47 -15.68 8.42
CA GLN A 145 87.27 -14.47 8.27
C GLN A 145 88.71 -14.80 7.89
N ARG A 146 89.32 -15.73 8.64
N ARG A 146 89.33 -15.72 8.64
CA ARG A 146 90.70 -16.15 8.35
CA ARG A 146 90.69 -16.17 8.35
C ARG A 146 90.84 -16.71 6.94
C ARG A 146 90.81 -16.69 6.93
N LYS A 147 89.93 -17.58 6.53
CA LYS A 147 89.95 -18.14 5.17
C LYS A 147 89.82 -17.05 4.13
N TRP A 148 88.93 -16.10 4.39
CA TRP A 148 88.61 -15.10 3.39
C TRP A 148 89.71 -14.04 3.27
N GLU A 149 90.34 -13.70 4.39
CA GLU A 149 91.51 -12.81 4.35
C GLU A 149 92.66 -13.43 3.57
N ALA A 150 92.90 -14.72 3.78
CA ALA A 150 93.98 -15.42 3.11
C ALA A 150 93.74 -15.47 1.61
N ALA A 151 92.47 -15.56 1.22
CA ALA A 151 92.13 -15.75 -0.19
C ALA A 151 91.85 -14.43 -0.93
N GLY A 152 91.98 -13.30 -0.23
CA GLY A 152 91.79 -12.01 -0.87
C GLY A 152 90.35 -11.77 -1.31
N VAL A 153 89.41 -12.31 -0.53
CA VAL A 153 88.01 -12.28 -0.92
C VAL A 153 87.45 -10.85 -0.95
N ALA A 154 87.85 -10.03 0.02
CA ALA A 154 87.39 -8.66 0.13
C ALA A 154 87.67 -7.88 -1.16
N GLU A 155 88.87 -8.02 -1.72
CA GLU A 155 89.21 -7.29 -2.93
C GLU A 155 88.31 -7.71 -4.10
N GLN A 156 87.93 -8.98 -4.14
CA GLN A 156 87.05 -9.45 -5.22
C GLN A 156 85.68 -8.80 -5.07
N TRP A 157 85.18 -8.68 -3.84
CA TRP A 157 83.92 -8.00 -3.62
C TRP A 157 84.03 -6.51 -3.90
N ARG A 158 85.13 -5.89 -3.51
CA ARG A 158 85.32 -4.47 -3.78
C ARG A 158 85.24 -4.21 -5.29
N ALA A 159 85.86 -5.06 -6.09
CA ALA A 159 85.85 -4.89 -7.55
C ALA A 159 84.45 -5.01 -8.12
N TYR A 160 83.72 -6.03 -7.65
CA TYR A 160 82.34 -6.22 -8.05
C TYR A 160 81.49 -5.00 -7.67
N LEU A 161 81.61 -4.58 -6.41
CA LEU A 161 80.67 -3.59 -5.86
C LEU A 161 80.92 -2.22 -6.46
N GLU A 162 82.17 -1.91 -6.81
CA GLU A 162 82.50 -0.62 -7.44
C GLU A 162 82.32 -0.63 -8.95
N GLY A 163 82.25 -1.82 -9.53
CA GLY A 163 82.19 -1.94 -10.98
C GLY A 163 80.86 -2.47 -11.45
N GLU A 164 80.81 -3.78 -11.71
CA GLU A 164 79.64 -4.40 -12.30
C GLU A 164 78.35 -4.14 -11.50
N CYS A 165 78.45 -4.12 -10.16
CA CYS A 165 77.26 -3.86 -9.35
C CYS A 165 76.63 -2.53 -9.75
N LEU A 166 77.43 -1.48 -9.82
CA LEU A 166 76.92 -0.16 -10.16
C LEU A 166 76.51 -0.07 -11.62
N GLU A 167 77.27 -0.71 -12.49
CA GLU A 167 76.95 -0.70 -13.92
C GLU A 167 75.58 -1.34 -14.17
N SER A 168 75.33 -2.45 -13.49
CA SER A 168 74.08 -3.17 -13.60
C SER A 168 72.95 -2.29 -13.10
N LEU A 169 73.16 -1.68 -11.94
CA LEU A 169 72.14 -0.83 -11.34
C LEU A 169 71.81 0.34 -12.30
N ARG A 170 72.84 0.96 -12.88
CA ARG A 170 72.59 2.04 -13.82
C ARG A 170 71.73 1.59 -15.01
N ARG A 171 72.03 0.40 -15.53
CA ARG A 171 71.30 -0.12 -16.66
C ARG A 171 69.83 -0.40 -16.32
N TYR A 172 69.58 -1.05 -15.17
CA TYR A 172 68.21 -1.31 -14.72
C TYR A 172 67.44 0.00 -14.53
N LEU A 173 68.11 1.00 -13.95
CA LEU A 173 67.49 2.29 -13.72
C LEU A 173 67.08 2.94 -15.04
N GLU A 174 67.87 2.73 -16.08
CA GLU A 174 67.52 3.24 -17.39
C GLU A 174 66.38 2.41 -17.99
N ASN A 175 66.50 1.09 -17.93
CA ASN A 175 65.52 0.22 -18.58
C ASN A 175 64.14 0.30 -17.93
N GLY A 176 64.13 0.53 -16.62
CA GLY A 176 62.89 0.66 -15.88
C GLY A 176 62.53 2.08 -15.47
N LYS A 177 63.12 3.09 -16.13
CA LYS A 177 63.05 4.45 -15.60
C LYS A 177 61.64 4.96 -15.35
N GLU A 178 60.69 4.60 -16.21
CA GLU A 178 59.35 5.18 -16.12
C GLU A 178 58.64 4.80 -14.82
N THR A 179 59.06 3.70 -14.22
CA THR A 179 58.50 3.35 -12.91
C THR A 179 59.54 3.49 -11.80
N LEU A 180 60.78 3.06 -12.03
CA LEU A 180 61.78 3.15 -10.97
C LEU A 180 62.12 4.57 -10.55
N GLN A 181 62.03 5.52 -11.47
CA GLN A 181 62.45 6.90 -11.18
C GLN A 181 61.27 7.78 -10.81
N ARG A 182 60.10 7.17 -10.74
CA ARG A 182 58.88 7.90 -10.42
C ARG A 182 58.50 7.68 -8.95
N ALA A 183 58.74 8.69 -8.12
CA ALA A 183 58.26 8.63 -6.74
C ALA A 183 56.77 8.95 -6.74
N GLU A 184 55.97 7.98 -6.30
N GLU A 184 55.97 8.00 -6.29
CA GLU A 184 54.53 8.16 -6.19
CA GLU A 184 54.52 8.18 -6.23
C GLU A 184 54.18 8.62 -4.79
C GLU A 184 54.12 8.60 -4.83
N PRO A 185 53.63 9.83 -4.68
CA PRO A 185 53.26 10.34 -3.36
C PRO A 185 52.09 9.57 -2.77
N PRO A 186 52.03 9.49 -1.45
CA PRO A 186 50.91 8.77 -0.83
C PRO A 186 49.60 9.54 -1.01
N LYS A 187 48.52 8.82 -1.29
CA LYS A 187 47.18 9.35 -1.17
C LYS A 187 46.81 9.25 0.31
N THR A 188 46.39 10.37 0.92
CA THR A 188 46.21 10.40 2.37
C THR A 188 44.83 10.84 2.78
N HIS A 189 44.35 10.31 3.90
CA HIS A 189 43.09 10.74 4.50
C HIS A 189 42.97 10.22 5.91
N VAL A 190 42.06 10.82 6.67
CA VAL A 190 41.83 10.42 8.06
C VAL A 190 40.44 9.81 8.20
N THR A 191 40.35 8.69 8.92
CA THR A 191 39.07 8.10 9.21
C THR A 191 38.80 8.22 10.71
N HIS A 192 37.54 8.08 11.07
CA HIS A 192 37.11 8.31 12.46
C HIS A 192 36.10 7.24 12.85
N HIS A 193 36.34 6.59 13.98
CA HIS A 193 35.50 5.51 14.44
C HIS A 193 35.29 5.64 15.93
N PRO A 194 34.05 5.94 16.33
CA PRO A 194 33.82 6.04 17.77
C PRO A 194 34.11 4.70 18.43
N VAL A 195 34.76 4.71 19.58
CA VAL A 195 34.92 3.46 20.34
C VAL A 195 33.92 3.44 21.50
N SER A 196 33.29 4.58 21.73
CA SER A 196 32.28 4.77 22.78
C SER A 196 31.59 6.11 22.53
N ASP A 197 30.75 6.55 23.45
CA ASP A 197 30.14 7.88 23.36
C ASP A 197 31.15 9.01 23.54
N HIS A 198 32.34 8.67 24.06
CA HIS A 198 33.28 9.65 24.59
C HIS A 198 34.66 9.68 23.94
N GLU A 199 34.96 8.65 23.18
CA GLU A 199 36.27 8.55 22.53
C GLU A 199 36.13 8.04 21.12
N ALA A 200 37.11 8.37 20.29
CA ALA A 200 37.13 7.86 18.93
C ALA A 200 38.55 7.54 18.49
N THR A 201 38.63 6.57 17.58
CA THR A 201 39.88 6.25 16.86
C THR A 201 40.02 7.18 15.66
N LEU A 202 41.09 7.96 15.63
CA LEU A 202 41.46 8.71 14.44
C LEU A 202 42.55 7.91 13.74
N ARG A 203 42.32 7.53 12.49
CA ARG A 203 43.30 6.75 11.73
C ARG A 203 43.76 7.53 10.51
N CYS A 204 45.08 7.68 10.39
CA CYS A 204 45.68 8.42 9.30
C CYS A 204 46.21 7.43 8.29
N TRP A 205 45.72 7.50 7.06
CA TRP A 205 46.06 6.57 5.99
C TRP A 205 47.03 7.18 4.99
N ALA A 206 47.97 6.36 4.51
CA ALA A 206 48.79 6.70 3.36
C ALA A 206 48.76 5.49 2.44
N LEU A 207 48.32 5.70 1.20
CA LEU A 207 48.09 4.60 0.29
C LEU A 207 48.75 4.82 -1.06
N GLY A 208 49.12 3.72 -1.72
CA GLY A 208 49.64 3.79 -3.08
C GLY A 208 50.94 4.54 -3.29
N PHE A 209 51.82 4.58 -2.28
CA PHE A 209 53.06 5.32 -2.43
C PHE A 209 54.25 4.45 -2.83
N TYR A 210 55.25 5.10 -3.41
CA TYR A 210 56.51 4.47 -3.82
C TYR A 210 57.59 5.55 -3.81
N PRO A 211 58.77 5.27 -3.22
CA PRO A 211 59.18 4.02 -2.55
C PRO A 211 58.57 3.88 -1.16
N ALA A 212 59.01 2.87 -0.42
CA ALA A 212 58.34 2.43 0.81
C ALA A 212 58.66 3.33 2.01
N GLU A 213 59.82 3.97 1.99
CA GLU A 213 60.22 4.90 3.05
C GLU A 213 59.18 6.00 3.25
N ILE A 214 58.67 6.14 4.47
CA ILE A 214 57.66 7.15 4.77
C ILE A 214 57.69 7.42 6.28
N THR A 215 57.29 8.62 6.68
CA THR A 215 57.09 8.90 8.10
C THR A 215 55.63 9.34 8.32
N LEU A 216 54.96 8.68 9.26
CA LEU A 216 53.57 8.98 9.57
C LEU A 216 53.45 9.11 11.09
N THR A 217 53.15 10.32 11.55
CA THR A 217 53.06 10.57 12.98
C THR A 217 51.79 11.35 13.32
N TRP A 218 51.21 11.06 14.48
CA TRP A 218 50.15 11.89 15.01
C TRP A 218 50.73 12.90 15.99
N GLN A 219 50.24 14.14 15.95
CA GLN A 219 50.67 15.14 16.90
C GLN A 219 49.49 15.79 17.62
N ARG A 220 49.75 16.20 18.86
CA ARG A 220 48.79 16.97 19.65
C ARG A 220 49.52 18.15 20.25
N ASP A 221 49.03 19.35 19.98
CA ASP A 221 49.69 20.59 20.41
C ASP A 221 51.17 20.61 19.99
N GLY A 222 51.42 20.24 18.75
CA GLY A 222 52.74 20.31 18.17
C GLY A 222 53.75 19.32 18.73
N GLU A 223 53.28 18.23 19.31
CA GLU A 223 54.21 17.22 19.81
C GLU A 223 53.80 15.79 19.45
N ASP A 224 54.79 15.00 19.02
CA ASP A 224 54.58 13.63 18.58
C ASP A 224 53.93 12.77 19.67
N GLN A 225 52.87 12.06 19.31
CA GLN A 225 52.15 11.18 20.24
C GLN A 225 52.59 9.74 20.06
N THR A 226 53.89 9.54 19.84
CA THR A 226 54.43 8.24 19.45
C THR A 226 54.06 7.11 20.41
N GLN A 227 54.03 7.40 21.70
CA GLN A 227 53.76 6.37 22.70
C GLN A 227 52.26 6.17 22.94
N ASP A 228 51.43 6.84 22.14
CA ASP A 228 49.98 6.60 22.16
C ASP A 228 49.45 6.22 20.78
N THR A 229 50.36 6.17 19.80
CA THR A 229 49.99 5.88 18.42
C THR A 229 50.16 4.40 18.12
N GLU A 230 49.13 3.75 17.62
CA GLU A 230 49.35 2.45 17.00
C GLU A 230 49.84 2.71 15.58
N LEU A 231 51.04 2.24 15.27
CA LEU A 231 51.66 2.45 13.96
C LEU A 231 51.94 1.10 13.30
N VAL A 232 51.29 0.80 12.18
CA VAL A 232 51.53 -0.52 11.59
C VAL A 232 52.74 -0.46 10.67
N GLU A 233 53.37 -1.62 10.50
CA GLU A 233 54.49 -1.74 9.59
C GLU A 233 54.07 -1.35 8.18
N THR A 234 54.93 -0.63 7.46
CA THR A 234 54.66 -0.36 6.06
C THR A 234 54.50 -1.68 5.31
N ARG A 235 53.48 -1.75 4.46
CA ARG A 235 53.05 -3.04 3.87
C ARG A 235 52.81 -2.88 2.37
N PRO A 236 53.02 -3.97 1.59
CA PRO A 236 52.87 -3.91 0.14
C PRO A 236 51.41 -3.92 -0.29
N GLY A 237 51.07 -3.10 -1.27
CA GLY A 237 49.75 -3.10 -1.87
C GLY A 237 49.54 -4.33 -2.75
N GLY A 238 50.64 -4.84 -3.29
CA GLY A 238 50.61 -6.01 -4.16
C GLY A 238 50.74 -5.57 -5.61
N ASP A 239 50.72 -4.27 -5.82
CA ASP A 239 50.73 -3.68 -7.16
C ASP A 239 51.97 -2.82 -7.34
N GLY A 240 52.95 -3.03 -6.46
CA GLY A 240 54.20 -2.31 -6.54
C GLY A 240 54.23 -1.10 -5.62
N THR A 241 53.08 -0.76 -5.04
CA THR A 241 53.02 0.39 -4.14
C THR A 241 52.97 -0.07 -2.67
N PHE A 242 52.98 0.90 -1.75
CA PHE A 242 52.98 0.57 -0.32
C PHE A 242 51.88 1.32 0.42
N GLN A 243 51.61 0.85 1.63
CA GLN A 243 50.53 1.37 2.46
C GLN A 243 51.01 1.47 3.90
N LYS A 244 50.46 2.41 4.65
CA LYS A 244 50.76 2.50 6.07
C LYS A 244 49.63 3.24 6.74
N TRP A 245 49.41 2.97 8.02
CA TRP A 245 48.50 3.84 8.77
C TRP A 245 48.95 3.98 10.22
N GLY A 246 48.49 5.04 10.85
CA GLY A 246 48.78 5.25 12.26
C GLY A 246 47.53 5.78 12.91
N ALA A 247 47.24 5.31 14.11
CA ALA A 247 45.97 5.64 14.75
C ALA A 247 46.17 6.01 16.22
N VAL A 248 45.30 6.88 16.71
CA VAL A 248 45.35 7.28 18.10
C VAL A 248 43.91 7.29 18.60
N VAL A 249 43.71 6.98 19.87
CA VAL A 249 42.37 7.03 20.46
C VAL A 249 42.35 8.28 21.30
N VAL A 250 41.35 9.12 21.09
CA VAL A 250 41.33 10.46 21.63
C VAL A 250 39.95 10.77 22.21
N PRO A 251 39.89 11.68 23.19
CA PRO A 251 38.58 12.14 23.67
C PRO A 251 37.86 12.90 22.56
N SER A 252 36.59 12.59 22.33
CA SER A 252 35.78 13.26 21.31
C SER A 252 35.96 14.79 21.28
N GLY A 253 36.00 15.42 22.44
CA GLY A 253 36.06 16.87 22.52
C GLY A 253 37.41 17.48 22.18
N GLU A 254 38.39 16.64 21.85
CA GLU A 254 39.70 17.16 21.58
C GLU A 254 40.23 16.65 20.24
N GLU A 255 39.31 16.07 19.45
CA GLU A 255 39.65 15.48 18.14
C GLU A 255 40.38 16.50 17.24
N GLN A 256 40.01 17.77 17.34
CA GLN A 256 40.61 18.79 16.48
C GLN A 256 41.96 19.31 16.99
N ARG A 257 42.39 18.83 18.14
CA ARG A 257 43.73 19.15 18.62
C ARG A 257 44.78 18.25 17.95
N TYR A 258 44.30 17.28 17.15
CA TYR A 258 45.18 16.26 16.59
C TYR A 258 45.39 16.43 15.09
N THR A 259 46.64 16.33 14.68
CA THR A 259 47.01 16.46 13.27
C THR A 259 47.94 15.33 12.88
N CYS A 260 47.76 14.81 11.67
CA CYS A 260 48.63 13.77 11.14
C CYS A 260 49.63 14.37 10.18
N HIS A 261 50.90 14.04 10.37
CA HIS A 261 51.96 14.57 9.53
C HIS A 261 52.64 13.46 8.74
N VAL A 262 52.71 13.66 7.42
CA VAL A 262 53.22 12.63 6.54
C VAL A 262 54.41 13.15 5.72
N GLN A 263 55.53 12.43 5.80
CA GLN A 263 56.69 12.76 4.99
C GLN A 263 57.00 11.64 4.01
N HIS A 264 57.21 12.02 2.75
CA HIS A 264 57.56 11.07 1.69
C HIS A 264 58.43 11.77 0.64
N GLU A 265 59.38 11.05 0.04
CA GLU A 265 60.28 11.71 -0.91
C GLU A 265 59.50 12.17 -2.15
N GLY A 266 58.30 11.64 -2.34
CA GLY A 266 57.45 12.01 -3.45
C GLY A 266 56.62 13.26 -3.20
N LEU A 267 56.69 13.76 -1.97
CA LEU A 267 55.93 14.96 -1.59
C LEU A 267 56.79 16.21 -1.74
N PRO A 268 56.24 17.25 -2.37
CA PRO A 268 56.90 18.56 -2.43
C PRO A 268 57.29 19.04 -1.03
N GLU A 269 56.34 18.92 -0.11
CA GLU A 269 56.56 19.28 1.28
C GLU A 269 55.64 18.42 2.14
N PRO A 270 56.02 18.18 3.41
CA PRO A 270 55.24 17.33 4.31
C PRO A 270 53.76 17.72 4.37
N LEU A 271 52.89 16.72 4.41
CA LEU A 271 51.45 16.95 4.51
C LEU A 271 51.02 17.08 5.97
N THR A 272 49.95 17.84 6.20
CA THR A 272 49.32 17.92 7.52
C THR A 272 47.84 17.67 7.38
N LEU A 273 47.34 16.65 8.06
CA LEU A 273 45.95 16.24 7.91
C LEU A 273 45.21 16.33 9.22
N ARG A 274 43.89 16.34 9.13
CA ARG A 274 43.05 16.27 10.32
C ARG A 274 41.73 15.58 10.01
N TRP A 275 41.05 15.14 11.06
CA TRP A 275 39.73 14.59 10.91
C TRP A 275 38.78 15.69 10.47
N GLU A 276 38.15 15.50 9.32
CA GLU A 276 37.22 16.46 8.76
C GLU A 276 35.88 15.79 8.49
N PRO A 277 34.97 15.85 9.48
CA PRO A 277 33.65 15.21 9.41
C PRO A 277 32.83 15.70 8.21
N ALA B 1 70.12 -21.19 17.58
CA ALA B 1 69.37 -20.47 16.54
C ALA B 1 68.32 -19.54 17.14
N ILE B 2 68.14 -18.39 16.51
CA ILE B 2 67.04 -17.51 16.91
C ILE B 2 65.73 -17.89 16.25
N GLN B 3 64.64 -17.49 16.90
CA GLN B 3 63.31 -17.64 16.37
C GLN B 3 62.61 -16.31 16.58
N ARG B 4 61.87 -15.81 15.59
CA ARG B 4 61.00 -14.67 15.79
C ARG B 4 59.56 -14.94 15.32
N THR B 5 58.68 -14.29 15.95
N THR B 5 58.56 -14.54 16.09
CA THR B 5 57.27 -14.52 15.73
CA THR B 5 57.17 -14.78 15.74
C THR B 5 56.73 -13.71 14.55
C THR B 5 56.71 -13.82 14.62
N PRO B 6 55.90 -14.33 13.70
CA PRO B 6 55.35 -13.55 12.59
C PRO B 6 54.41 -12.44 13.03
N LYS B 7 54.57 -11.27 12.41
CA LYS B 7 53.55 -10.24 12.45
C LYS B 7 52.61 -10.47 11.29
N ILE B 8 51.35 -10.11 11.46
CA ILE B 8 50.34 -10.44 10.44
C ILE B 8 49.45 -9.24 10.18
N GLN B 9 49.34 -8.83 8.91
CA GLN B 9 48.33 -7.84 8.55
C GLN B 9 47.44 -8.41 7.47
N VAL B 10 46.13 -8.23 7.65
CA VAL B 10 45.16 -8.66 6.63
C VAL B 10 44.42 -7.44 6.11
N TYR B 11 44.37 -7.27 4.79
CA TYR B 11 43.90 -6.02 4.21
C TYR B 11 43.66 -6.15 2.72
N SER B 12 42.97 -5.18 2.14
CA SER B 12 42.70 -5.20 0.70
C SER B 12 43.64 -4.26 -0.04
N ARG B 13 43.82 -4.51 -1.34
CA ARG B 13 44.73 -3.67 -2.13
C ARG B 13 44.18 -2.26 -2.23
N HIS B 14 42.89 -2.18 -2.55
CA HIS B 14 42.17 -0.92 -2.68
C HIS B 14 41.13 -0.81 -1.58
N PRO B 15 40.69 0.42 -1.25
CA PRO B 15 39.60 0.55 -0.28
C PRO B 15 38.43 -0.32 -0.69
N PRO B 16 37.87 -1.09 0.25
CA PRO B 16 36.86 -2.09 -0.12
C PRO B 16 35.51 -1.44 -0.44
N GLU B 17 34.87 -1.93 -1.49
CA GLU B 17 33.48 -1.57 -1.77
C GLU B 17 32.70 -2.82 -2.16
N ASN B 18 31.53 -3.00 -1.56
CA ASN B 18 30.70 -4.16 -1.84
C ASN B 18 30.44 -4.32 -3.34
N GLY B 19 30.61 -5.54 -3.83
CA GLY B 19 30.34 -5.86 -5.22
C GLY B 19 31.42 -5.45 -6.20
N LYS B 20 32.52 -4.88 -5.71
CA LYS B 20 33.60 -4.44 -6.58
C LYS B 20 34.83 -5.34 -6.43
N PRO B 21 35.38 -5.82 -7.56
CA PRO B 21 36.55 -6.70 -7.52
C PRO B 21 37.77 -6.02 -6.88
N ASN B 22 38.52 -6.80 -6.12
CA ASN B 22 39.60 -6.28 -5.31
C ASN B 22 40.65 -7.37 -5.09
N PHE B 23 41.64 -7.10 -4.24
CA PHE B 23 42.61 -8.12 -3.87
C PHE B 23 42.70 -8.22 -2.36
N LEU B 24 42.59 -9.44 -1.85
CA LEU B 24 42.74 -9.68 -0.43
C LEU B 24 44.19 -10.05 -0.09
N ASN B 25 44.78 -9.30 0.83
CA ASN B 25 46.20 -9.45 1.18
C ASN B 25 46.41 -9.94 2.60
N CYS B 26 47.35 -10.85 2.77
CA CYS B 26 47.83 -11.20 4.10
C CYS B 26 49.35 -11.06 4.07
N TYR B 27 49.83 -10.02 4.74
CA TYR B 27 51.25 -9.74 4.79
C TYR B 27 51.80 -10.29 6.09
N VAL B 28 52.73 -11.23 5.98
N VAL B 28 52.71 -11.25 5.98
CA VAL B 28 53.35 -11.85 7.16
CA VAL B 28 53.33 -11.82 7.16
C VAL B 28 54.84 -11.55 7.20
C VAL B 28 54.81 -11.44 7.16
N SER B 29 55.29 -10.96 8.31
CA SER B 29 56.65 -10.46 8.39
C SER B 29 57.31 -10.69 9.73
N GLY B 30 58.62 -10.48 9.77
CA GLY B 30 59.36 -10.52 11.02
C GLY B 30 59.55 -11.91 11.61
N PHE B 31 59.34 -12.96 10.81
CA PHE B 31 59.48 -14.31 11.33
C PHE B 31 60.81 -14.98 10.95
N HIS B 32 61.16 -16.03 11.70
CA HIS B 32 62.37 -16.80 11.45
C HIS B 32 62.20 -18.10 12.27
N PRO B 33 62.45 -19.27 11.65
CA PRO B 33 62.95 -19.52 10.29
C PRO B 33 61.89 -19.34 9.22
N SER B 34 62.22 -19.74 8.00
CA SER B 34 61.40 -19.35 6.85
C SER B 34 60.16 -20.22 6.61
N ASP B 35 60.17 -21.46 7.08
CA ASP B 35 59.01 -22.34 6.86
C ASP B 35 57.82 -21.71 7.55
N ILE B 36 56.70 -21.62 6.84
CA ILE B 36 55.50 -20.97 7.37
C ILE B 36 54.31 -21.41 6.56
N GLU B 37 53.16 -21.48 7.21
CA GLU B 37 51.93 -21.88 6.54
C GLU B 37 50.95 -20.73 6.61
N VAL B 38 50.40 -20.34 5.48
CA VAL B 38 49.47 -19.21 5.44
C VAL B 38 48.25 -19.54 4.61
N ASP B 39 47.09 -19.39 5.23
N ASP B 39 47.07 -19.41 5.21
CA ASP B 39 45.82 -19.65 4.57
CA ASP B 39 45.86 -19.64 4.45
C ASP B 39 44.98 -18.38 4.55
C ASP B 39 44.94 -18.44 4.54
N LEU B 40 44.37 -18.08 3.41
CA LEU B 40 43.34 -17.05 3.35
C LEU B 40 42.02 -17.79 3.52
N LEU B 41 41.15 -17.27 4.38
CA LEU B 41 39.90 -17.95 4.70
C LEU B 41 38.67 -17.11 4.33
N LYS B 42 37.71 -17.73 3.64
CA LYS B 42 36.42 -17.12 3.36
C LYS B 42 35.35 -17.86 4.14
N ASN B 43 34.76 -17.19 5.14
CA ASN B 43 33.77 -17.82 6.02
C ASN B 43 34.33 -19.07 6.69
N GLY B 44 35.60 -19.01 7.10
CA GLY B 44 36.24 -20.12 7.77
C GLY B 44 36.89 -21.15 6.86
N GLU B 45 36.58 -21.09 5.57
CA GLU B 45 37.06 -22.08 4.61
C GLU B 45 38.24 -21.60 3.76
N LYS B 46 39.18 -22.50 3.48
CA LYS B 46 40.35 -22.15 2.68
C LYS B 46 40.00 -21.70 1.26
N MET B 47 40.51 -20.54 0.88
CA MET B 47 40.35 -20.06 -0.49
C MET B 47 41.36 -20.72 -1.41
N GLY B 48 40.97 -20.96 -2.65
CA GLY B 48 41.90 -21.43 -3.66
C GLY B 48 42.46 -20.23 -4.39
N LYS B 49 43.32 -20.48 -5.37
CA LYS B 49 43.88 -19.40 -6.20
C LYS B 49 44.64 -18.36 -5.37
N VAL B 50 45.20 -18.78 -4.24
CA VAL B 50 46.02 -17.87 -3.43
C VAL B 50 47.47 -17.95 -3.91
N GLU B 51 48.03 -16.80 -4.23
CA GLU B 51 49.42 -16.70 -4.67
C GLU B 51 50.26 -16.07 -3.58
N HIS B 52 51.58 -16.20 -3.67
CA HIS B 52 52.42 -15.53 -2.69
C HIS B 52 53.66 -14.96 -3.36
N SER B 53 54.25 -13.98 -2.71
CA SER B 53 55.51 -13.37 -3.18
C SER B 53 56.71 -14.30 -2.98
N ASP B 54 57.81 -13.97 -3.65
CA ASP B 54 59.06 -14.71 -3.50
C ASP B 54 59.67 -14.38 -2.13
N LEU B 55 60.16 -15.40 -1.44
CA LEU B 55 60.77 -15.23 -0.11
C LEU B 55 61.88 -14.18 -0.10
N SER B 56 61.69 -13.17 0.73
CA SER B 56 62.69 -12.13 0.95
C SER B 56 62.81 -11.87 2.45
N PHE B 57 63.69 -10.95 2.84
CA PHE B 57 63.86 -10.65 4.26
C PHE B 57 64.33 -9.22 4.48
N SER B 58 64.20 -8.79 5.73
CA SER B 58 64.46 -7.41 6.13
C SER B 58 65.86 -7.22 6.71
N LYS B 59 66.15 -6.01 7.17
CA LYS B 59 67.46 -5.68 7.73
C LYS B 59 67.88 -6.60 8.89
N ASP B 60 66.93 -7.02 9.72
CA ASP B 60 67.26 -7.89 10.86
C ASP B 60 67.27 -9.38 10.49
N TRP B 61 67.25 -9.65 9.18
CA TRP B 61 67.26 -10.99 8.60
C TRP B 61 65.93 -11.74 8.73
N SER B 62 64.92 -11.11 9.31
CA SER B 62 63.62 -11.77 9.43
C SER B 62 62.91 -11.74 8.09
N PHE B 63 62.19 -12.81 7.80
CA PHE B 63 61.52 -13.00 6.52
C PHE B 63 60.20 -12.26 6.40
N TYR B 64 59.80 -12.00 5.16
CA TYR B 64 58.44 -11.54 4.91
C TYR B 64 57.89 -12.14 3.62
N LEU B 65 56.58 -12.31 3.61
CA LEU B 65 55.82 -12.82 2.47
C LEU B 65 54.47 -12.12 2.35
N LEU B 66 54.05 -11.87 1.12
CA LEU B 66 52.67 -11.44 0.89
C LEU B 66 51.90 -12.56 0.23
N TYR B 67 50.81 -12.98 0.87
CA TYR B 67 49.87 -13.90 0.26
C TYR B 67 48.67 -13.08 -0.21
N TYR B 68 48.11 -13.42 -1.37
CA TYR B 68 47.06 -12.58 -1.92
C TYR B 68 46.18 -13.35 -2.90
N THR B 69 44.94 -12.88 -3.07
CA THR B 69 44.05 -13.48 -4.05
C THR B 69 42.96 -12.49 -4.42
N GLU B 70 42.37 -12.64 -5.60
CA GLU B 70 41.24 -11.82 -5.99
C GLU B 70 40.08 -12.08 -5.05
N PHE B 71 39.32 -11.03 -4.72
CA PHE B 71 38.08 -11.19 -3.98
C PHE B 71 37.16 -10.04 -4.33
N THR B 72 35.87 -10.28 -4.16
CA THR B 72 34.85 -9.26 -4.29
C THR B 72 34.11 -9.23 -2.97
N PRO B 73 34.40 -8.23 -2.14
CA PRO B 73 33.83 -8.16 -0.80
C PRO B 73 32.32 -7.87 -0.83
N ASN B 74 31.60 -8.54 0.07
CA ASN B 74 30.19 -8.33 0.32
C ASN B 74 29.97 -8.37 1.82
N GLU B 75 28.86 -7.80 2.28
CA GLU B 75 28.60 -7.70 3.72
C GLU B 75 28.43 -9.07 4.39
N LYS B 76 27.95 -10.05 3.63
CA LYS B 76 27.68 -11.36 4.20
C LYS B 76 28.96 -12.13 4.52
N ASP B 77 29.98 -11.97 3.68
CA ASP B 77 31.16 -12.83 3.74
C ASP B 77 32.22 -12.36 4.73
N GLU B 78 32.74 -13.27 5.53
CA GLU B 78 33.82 -12.95 6.45
C GLU B 78 35.15 -13.46 5.88
N TYR B 79 36.21 -12.69 6.06
CA TYR B 79 37.53 -13.07 5.56
C TYR B 79 38.56 -13.04 6.67
N ALA B 80 39.58 -13.90 6.56
CA ALA B 80 40.59 -13.98 7.59
C ALA B 80 41.88 -14.58 7.05
N CYS B 81 42.95 -14.42 7.80
CA CYS B 81 44.22 -15.07 7.45
C CYS B 81 44.68 -15.93 8.60
N ARG B 82 45.02 -17.19 8.31
CA ARG B 82 45.51 -18.07 9.35
C ARG B 82 46.95 -18.47 9.08
N VAL B 83 47.79 -18.24 10.08
CA VAL B 83 49.21 -18.42 9.99
C VAL B 83 49.72 -19.46 11.00
N ASN B 84 50.52 -20.40 10.54
CA ASN B 84 51.17 -21.29 11.47
C ASN B 84 52.67 -21.23 11.27
N HIS B 85 53.40 -21.25 12.38
CA HIS B 85 54.86 -21.11 12.38
C HIS B 85 55.38 -21.79 13.64
N VAL B 86 56.62 -22.26 13.61
CA VAL B 86 57.15 -23.05 14.72
C VAL B 86 57.15 -22.24 16.02
N THR B 87 57.23 -20.91 15.90
CA THR B 87 57.30 -20.05 17.07
C THR B 87 55.95 -19.86 17.74
N LEU B 88 54.90 -20.45 17.18
CA LEU B 88 53.56 -20.27 17.70
C LEU B 88 53.07 -21.52 18.44
N SER B 89 52.33 -21.31 19.53
CA SER B 89 51.66 -22.40 20.25
C SER B 89 50.64 -23.13 19.37
N GLY B 90 49.96 -22.38 18.51
CA GLY B 90 49.03 -22.95 17.55
C GLY B 90 48.80 -21.90 16.48
N PRO B 91 48.07 -22.23 15.41
CA PRO B 91 47.83 -21.25 14.34
C PRO B 91 47.20 -19.98 14.87
N ARG B 92 47.65 -18.85 14.35
CA ARG B 92 47.06 -17.57 14.69
C ARG B 92 46.15 -17.13 13.56
N THR B 93 44.92 -16.78 13.91
CA THR B 93 43.94 -16.36 12.93
C THR B 93 43.63 -14.89 13.16
N VAL B 94 43.77 -14.11 12.10
CA VAL B 94 43.49 -12.68 12.12
C VAL B 94 42.35 -12.35 11.16
N LYS B 95 41.26 -11.80 11.70
CA LYS B 95 40.11 -11.45 10.88
C LYS B 95 40.34 -10.17 10.08
N TRP B 96 39.83 -10.15 8.86
CA TRP B 96 39.89 -8.94 8.04
C TRP B 96 38.96 -7.87 8.59
N ASP B 97 39.51 -6.72 8.95
CA ASP B 97 38.71 -5.58 9.38
C ASP B 97 38.58 -4.67 8.17
N ARG B 98 37.37 -4.59 7.61
CA ARG B 98 37.13 -3.89 6.35
C ARG B 98 36.80 -2.44 6.56
N ASP B 99 36.59 -2.07 7.81
CA ASP B 99 36.25 -0.69 8.15
C ASP B 99 37.32 -0.08 9.05
N MET B 100 38.42 0.35 8.45
CA MET B 100 39.43 1.08 9.20
C MET B 100 39.53 2.50 8.67
N GLY C 1 80.54 -15.62 -4.56
CA GLY C 1 81.05 -16.41 -5.67
C GLY C 1 81.55 -17.79 -5.28
N GLY C 2 82.86 -18.02 -5.42
CA GLY C 2 83.44 -19.29 -5.05
C GLY C 2 83.87 -19.36 -3.60
N ALA C 3 83.76 -18.22 -2.90
CA ALA C 3 84.22 -18.13 -1.51
C ALA C 3 83.34 -18.94 -0.55
N ILE C 4 83.76 -20.17 -0.29
CA ILE C 4 83.13 -21.05 0.68
C ILE C 4 83.45 -20.55 2.09
N SER C 5 82.48 -20.62 3.01
CA SER C 5 82.72 -20.19 4.38
C SER C 5 83.64 -21.16 5.14
N ALA D 1 12.46 -31.76 44.12
CA ALA D 1 13.15 -30.47 44.14
C ALA D 1 12.45 -29.56 45.13
N GLY D 2 13.17 -28.60 45.68
CA GLY D 2 12.64 -27.73 46.72
C GLY D 2 11.59 -26.75 46.21
N SER D 3 11.76 -26.30 44.97
CA SER D 3 10.80 -25.41 44.33
C SER D 3 10.28 -26.02 43.03
N HIS D 4 9.03 -25.70 42.71
CA HIS D 4 8.42 -26.13 41.46
C HIS D 4 7.62 -25.04 40.83
N SER D 5 7.35 -25.18 39.55
N SER D 5 7.34 -25.21 39.55
CA SER D 5 6.59 -24.16 38.85
CA SER D 5 6.65 -24.19 38.77
C SER D 5 5.48 -24.77 38.02
C SER D 5 5.48 -24.78 38.00
N MET D 6 4.43 -24.00 37.83
CA MET D 6 3.41 -24.31 36.83
C MET D 6 3.24 -23.09 35.94
N ARG D 7 3.07 -23.33 34.65
CA ARG D 7 2.90 -22.23 33.70
C ARG D 7 1.84 -22.63 32.69
N TYR D 8 0.99 -21.66 32.32
CA TYR D 8 0.18 -21.77 31.11
C TYR D 8 0.65 -20.73 30.11
N PHE D 9 0.86 -21.17 28.87
CA PHE D 9 1.31 -20.28 27.79
C PHE D 9 0.25 -20.28 26.70
N SER D 10 -0.40 -19.13 26.46
CA SER D 10 -1.43 -19.12 25.42
C SER D 10 -1.04 -18.18 24.28
N THR D 11 -1.45 -18.56 23.08
CA THR D 11 -1.14 -17.78 21.89
C THR D 11 -2.44 -17.60 21.13
N THR D 12 -2.83 -16.35 20.87
CA THR D 12 -4.01 -16.05 20.08
C THR D 12 -3.57 -15.28 18.81
N VAL D 13 -3.95 -15.75 17.62
CA VAL D 13 -3.43 -15.15 16.38
C VAL D 13 -4.57 -14.84 15.45
N SER D 14 -4.73 -13.58 15.09
CA SER D 14 -5.87 -13.26 14.24
C SER D 14 -5.54 -13.62 12.79
N ARG D 15 -6.57 -13.84 11.99
CA ARG D 15 -6.38 -14.15 10.58
C ARG D 15 -7.51 -13.50 9.81
N PRO D 16 -7.38 -12.21 9.55
CA PRO D 16 -8.42 -11.40 8.88
C PRO D 16 -8.96 -12.10 7.64
N GLY D 17 -10.28 -12.17 7.51
CA GLY D 17 -10.90 -12.76 6.34
C GLY D 17 -11.01 -14.27 6.38
N ARG D 18 -10.38 -14.86 7.40
CA ARG D 18 -10.28 -16.31 7.44
C ARG D 18 -10.81 -16.90 8.74
N GLY D 19 -11.76 -16.21 9.37
CA GLY D 19 -12.42 -16.74 10.55
C GLY D 19 -11.90 -16.17 11.85
N GLU D 20 -12.35 -16.73 12.97
CA GLU D 20 -11.97 -16.22 14.26
C GLU D 20 -10.51 -16.54 14.57
N PRO D 21 -9.88 -15.76 15.44
CA PRO D 21 -8.47 -16.00 15.76
C PRO D 21 -8.24 -17.40 16.28
N ARG D 22 -7.11 -17.99 15.91
CA ARG D 22 -6.77 -19.30 16.43
C ARG D 22 -6.27 -19.15 17.86
N PHE D 23 -6.59 -20.12 18.71
CA PHE D 23 -6.21 -20.05 20.10
C PHE D 23 -5.52 -21.36 20.48
N ILE D 24 -4.27 -21.26 20.96
CA ILE D 24 -3.50 -22.43 21.43
C ILE D 24 -3.04 -22.22 22.87
N VAL D 25 -3.27 -23.21 23.74
CA VAL D 25 -2.76 -23.13 25.11
C VAL D 25 -1.96 -24.38 25.41
N VAL D 26 -0.85 -24.22 26.14
CA VAL D 26 -0.11 -25.36 26.64
C VAL D 26 0.18 -25.13 28.11
N GLY D 27 0.22 -26.21 28.88
CA GLY D 27 0.52 -26.08 30.28
C GLY D 27 1.76 -26.89 30.60
N TYR D 28 2.61 -26.36 31.48
CA TYR D 28 3.83 -27.02 31.91
C TYR D 28 3.89 -27.10 33.42
N VAL D 29 4.36 -28.23 33.94
CA VAL D 29 4.86 -28.31 35.31
C VAL D 29 6.36 -28.42 35.18
N ASP D 30 7.10 -27.46 35.73
CA ASP D 30 8.54 -27.36 35.51
C ASP D 30 8.80 -27.40 34.00
N ASP D 31 9.64 -28.31 33.54
CA ASP D 31 9.91 -28.43 32.10
C ASP D 31 9.13 -29.55 31.41
N THR D 32 8.02 -29.96 32.00
CA THR D 32 7.23 -31.07 31.47
C THR D 32 5.86 -30.61 31.03
N GLN D 33 5.55 -30.73 29.74
CA GLN D 33 4.23 -30.30 29.27
C GLN D 33 3.19 -31.28 29.80
N PHE D 34 2.04 -30.78 30.25
CA PHE D 34 1.02 -31.72 30.74
C PHE D 34 -0.36 -31.56 30.09
N VAL D 35 -0.65 -30.43 29.45
CA VAL D 35 -1.92 -30.28 28.75
C VAL D 35 -1.77 -29.44 27.51
N ARG D 36 -2.72 -29.57 26.60
CA ARG D 36 -2.83 -28.64 25.47
C ARG D 36 -4.29 -28.35 25.08
N PHE D 37 -4.47 -27.24 24.35
CA PHE D 37 -5.74 -26.94 23.70
C PHE D 37 -5.43 -26.23 22.38
N ASP D 38 -6.19 -26.55 21.34
CA ASP D 38 -6.01 -25.94 20.03
C ASP D 38 -7.38 -25.75 19.40
N SER D 39 -7.80 -24.49 19.26
CA SER D 39 -9.12 -24.14 18.72
C SER D 39 -9.37 -24.66 17.31
N ASP D 40 -8.32 -25.07 16.61
CA ASP D 40 -8.49 -25.54 15.25
C ASP D 40 -8.70 -27.06 15.20
N ALA D 41 -8.61 -27.73 16.35
CA ALA D 41 -8.82 -29.18 16.39
C ALA D 41 -10.25 -29.53 16.00
N ALA D 42 -10.44 -30.78 15.57
CA ALA D 42 -11.75 -31.29 15.14
C ALA D 42 -12.84 -31.02 16.16
N SER D 43 -12.54 -31.31 17.42
CA SER D 43 -13.47 -31.01 18.50
C SER D 43 -12.68 -30.47 19.68
N PRO D 44 -12.47 -29.15 19.70
CA PRO D 44 -11.52 -28.52 20.62
C PRO D 44 -11.84 -28.77 22.09
N LYS D 45 -10.91 -29.38 22.80
CA LYS D 45 -11.04 -29.62 24.22
C LYS D 45 -9.67 -29.60 24.88
N MET D 46 -9.61 -29.30 26.19
CA MET D 46 -8.35 -29.50 26.87
C MET D 46 -8.00 -30.99 26.87
N GLU D 47 -6.73 -31.31 26.56
CA GLU D 47 -6.28 -32.68 26.39
C GLU D 47 -5.00 -32.95 27.19
N PRO D 48 -4.85 -34.18 27.69
CA PRO D 48 -3.59 -34.48 28.39
C PRO D 48 -2.39 -34.61 27.45
N ARG D 49 -1.23 -34.21 27.94
CA ARG D 49 0.00 -34.37 27.17
C ARG D 49 1.11 -34.95 28.04
N ALA D 50 0.74 -35.43 29.21
CA ALA D 50 1.61 -36.29 30.00
C ALA D 50 0.79 -37.48 30.47
N PRO D 51 1.39 -38.67 30.49
CA PRO D 51 0.59 -39.85 30.83
C PRO D 51 -0.02 -39.78 32.22
N TRP D 52 0.65 -39.15 33.19
CA TRP D 52 0.13 -39.09 34.56
C TRP D 52 -1.08 -38.18 34.68
N MET D 53 -1.40 -37.44 33.62
CA MET D 53 -2.61 -36.62 33.61
C MET D 53 -3.87 -37.44 33.27
N GLU D 54 -3.67 -38.65 32.74
CA GLU D 54 -4.82 -39.39 32.23
C GLU D 54 -5.73 -39.86 33.34
N GLN D 55 -5.22 -39.90 34.57
CA GLN D 55 -6.06 -40.33 35.69
C GLN D 55 -7.07 -39.27 36.12
N GLU D 56 -6.90 -38.02 35.74
CA GLU D 56 -7.94 -37.01 36.06
C GLU D 56 -9.28 -37.38 35.43
N GLY D 57 -10.35 -37.22 36.21
CA GLY D 57 -11.67 -37.62 35.74
C GLY D 57 -12.28 -36.66 34.73
N PRO D 58 -13.34 -37.08 34.03
CA PRO D 58 -13.94 -36.24 33.00
C PRO D 58 -14.32 -34.85 33.51
N GLU D 59 -14.74 -34.69 34.76
CA GLU D 59 -15.17 -33.37 35.23
C GLU D 59 -13.99 -32.40 35.25
N TYR D 60 -12.79 -32.94 35.46
CA TYR D 60 -11.59 -32.12 35.37
C TYR D 60 -11.47 -31.56 33.95
N TRP D 61 -11.55 -32.45 32.96
CA TRP D 61 -11.38 -32.03 31.57
C TRP D 61 -12.51 -31.10 31.14
N GLU D 62 -13.74 -31.37 31.61
CA GLU D 62 -14.83 -30.45 31.26
C GLU D 62 -14.59 -29.04 31.79
N GLU D 63 -14.16 -28.94 33.05
CA GLU D 63 -13.93 -27.62 33.64
C GLU D 63 -12.76 -26.90 32.96
N GLN D 64 -11.70 -27.62 32.66
CA GLN D 64 -10.55 -26.99 31.99
C GLN D 64 -10.95 -26.49 30.60
N THR D 65 -11.74 -27.29 29.90
CA THR D 65 -12.22 -26.90 28.58
C THR D 65 -13.12 -25.65 28.65
N ARG D 66 -14.00 -25.62 29.65
CA ARG D 66 -14.84 -24.44 29.88
C ARG D 66 -13.98 -23.20 30.09
N ARG D 67 -12.94 -23.34 30.91
CA ARG D 67 -12.12 -22.19 31.24
C ARG D 67 -11.32 -21.70 30.04
N VAL D 68 -10.81 -22.63 29.23
CA VAL D 68 -10.02 -22.20 28.07
C VAL D 68 -10.92 -21.63 26.97
N LYS D 69 -12.15 -22.12 26.84
CA LYS D 69 -13.05 -21.57 25.84
C LYS D 69 -13.48 -20.16 26.25
N ASP D 70 -13.66 -19.98 27.56
CA ASP D 70 -13.93 -18.68 28.15
C ASP D 70 -12.77 -17.71 27.89
N ALA D 71 -11.55 -18.19 28.10
CA ALA D 71 -10.36 -17.38 27.83
C ALA D 71 -10.29 -17.01 26.36
N ALA D 72 -10.55 -17.99 25.50
CA ALA D 72 -10.44 -17.79 24.05
C ALA D 72 -11.33 -16.63 23.61
N GLN D 73 -12.56 -16.61 24.11
CA GLN D 73 -13.48 -15.54 23.75
C GLN D 73 -13.01 -14.18 24.28
N THR D 74 -12.57 -14.16 25.53
CA THR D 74 -11.99 -12.96 26.12
C THR D 74 -10.85 -12.42 25.27
N PHE D 75 -9.97 -13.32 24.83
CA PHE D 75 -8.79 -12.90 24.10
C PHE D 75 -9.10 -12.46 22.67
N ARG D 76 -10.15 -13.01 22.07
CA ARG D 76 -10.59 -12.56 20.76
C ARG D 76 -11.12 -11.13 20.84
N VAL D 77 -11.91 -10.83 21.86
CA VAL D 77 -12.40 -9.47 22.11
C VAL D 77 -11.25 -8.52 22.42
N SER D 78 -10.29 -9.01 23.21
CA SER D 78 -9.08 -8.24 23.50
C SER D 78 -8.33 -7.83 22.23
N LEU D 79 -8.19 -8.76 21.29
CA LEU D 79 -7.51 -8.45 20.03
C LEU D 79 -8.17 -7.28 19.31
N GLY D 80 -9.50 -7.24 19.38
CA GLY D 80 -10.27 -6.18 18.75
C GLY D 80 -10.04 -4.85 19.42
N ASN D 81 -10.06 -4.86 20.75
CA ASN D 81 -9.79 -3.66 21.53
C ASN D 81 -8.36 -3.14 21.32
N LEU D 82 -7.40 -4.04 21.25
CA LEU D 82 -6.00 -3.64 21.09
C LEU D 82 -5.78 -3.06 19.69
N ARG D 83 -6.49 -3.60 18.70
CA ARG D 83 -6.42 -3.10 17.34
C ARG D 83 -6.83 -1.63 17.36
N GLY D 84 -7.86 -1.34 18.16
CA GLY D 84 -8.32 0.02 18.37
C GLY D 84 -7.31 0.90 19.08
N TYR D 85 -6.81 0.45 20.23
CA TYR D 85 -5.76 1.17 20.97
C TYR D 85 -4.58 1.57 20.09
N TYR D 86 -4.24 0.70 19.15
CA TYR D 86 -3.05 0.92 18.35
C TYR D 86 -3.38 1.51 16.98
N ASN D 87 -4.65 1.80 16.75
CA ASN D 87 -5.13 2.37 15.49
C ASN D 87 -4.69 1.55 14.28
N GLN D 88 -4.93 0.24 14.34
CA GLN D 88 -4.44 -0.65 13.31
C GLN D 88 -5.56 -1.10 12.38
N SER D 89 -5.15 -1.47 11.17
CA SER D 89 -6.05 -1.94 10.14
C SER D 89 -6.69 -3.27 10.50
N GLU D 90 -7.91 -3.49 9.99
CA GLU D 90 -8.60 -4.78 10.14
C GLU D 90 -7.96 -5.87 9.29
N ALA D 91 -7.05 -5.48 8.41
CA ALA D 91 -6.52 -6.39 7.38
C ALA D 91 -5.31 -7.18 7.85
N GLY D 92 -4.70 -6.77 8.94
CA GLY D 92 -3.46 -7.40 9.38
C GLY D 92 -3.68 -8.43 10.49
N SER D 93 -2.84 -9.45 10.50
CA SER D 93 -2.80 -10.44 11.59
C SER D 93 -1.99 -9.91 12.77
N HIS D 94 -2.49 -10.18 13.98
CA HIS D 94 -1.79 -9.79 15.19
C HIS D 94 -1.84 -10.94 16.18
N THR D 95 -0.95 -10.88 17.18
CA THR D 95 -0.76 -11.99 18.11
C THR D 95 -0.87 -11.49 19.54
N LEU D 96 -1.69 -12.16 20.33
CA LEU D 96 -1.72 -11.89 21.76
C LEU D 96 -1.21 -13.15 22.43
N GLN D 97 -0.20 -12.99 23.27
CA GLN D 97 0.30 -14.09 24.09
C GLN D 97 0.11 -13.81 25.57
N THR D 98 -0.19 -14.85 26.33
CA THR D 98 -0.29 -14.67 27.78
C THR D 98 0.50 -15.75 28.48
N MET D 99 1.06 -15.39 29.63
CA MET D 99 1.71 -16.35 30.50
C MET D 99 1.10 -16.16 31.88
N SER D 100 0.79 -17.27 32.53
CA SER D 100 0.35 -17.16 33.91
C SER D 100 0.88 -18.38 34.64
N GLY D 101 0.98 -18.27 35.95
CA GLY D 101 1.33 -19.44 36.72
C GLY D 101 1.92 -19.10 38.06
N CYS D 102 2.45 -20.12 38.73
CA CYS D 102 2.91 -19.96 40.11
C CYS D 102 4.16 -20.77 40.33
N ASP D 103 5.02 -20.27 41.22
CA ASP D 103 6.16 -21.01 41.74
C ASP D 103 5.85 -21.39 43.18
N LEU D 104 6.00 -22.68 43.48
CA LEU D 104 5.86 -23.19 44.84
C LEU D 104 7.23 -23.24 45.49
N GLY D 105 7.39 -22.60 46.65
CA GLY D 105 8.68 -22.60 47.35
C GLY D 105 8.75 -23.74 48.35
N PRO D 106 9.94 -24.00 48.89
CA PRO D 106 10.14 -25.13 49.81
C PRO D 106 9.37 -24.99 51.14
N ASP D 107 8.91 -23.79 51.45
CA ASP D 107 8.08 -23.56 52.63
C ASP D 107 6.60 -23.82 52.34
N GLY D 108 6.32 -24.30 51.13
CA GLY D 108 4.95 -24.62 50.75
C GLY D 108 4.09 -23.42 50.40
N ARG D 109 4.72 -22.27 50.29
CA ARG D 109 4.01 -21.02 50.00
C ARG D 109 4.33 -20.52 48.60
N LEU D 110 3.62 -19.48 48.17
CA LEU D 110 3.81 -18.96 46.84
C LEU D 110 5.12 -18.20 46.74
N LEU D 111 6.06 -18.72 45.95
CA LEU D 111 7.34 -18.09 45.79
C LEU D 111 7.18 -16.87 44.90
N ARG D 112 6.36 -17.02 43.85
CA ARG D 112 6.00 -15.90 42.98
C ARG D 112 4.82 -16.31 42.11
N GLY D 113 3.92 -15.36 41.83
CA GLY D 113 2.79 -15.62 40.96
C GLY D 113 2.99 -14.75 39.74
N TYR D 114 2.45 -15.19 38.60
CA TYR D 114 2.65 -14.48 37.33
C TYR D 114 1.36 -14.33 36.54
N TYR D 115 1.20 -13.16 35.92
CA TYR D 115 0.24 -13.01 34.84
C TYR D 115 0.70 -11.86 33.96
N GLN D 116 0.98 -12.16 32.70
CA GLN D 116 1.40 -11.10 31.81
C GLN D 116 1.05 -11.40 30.37
N GLN D 117 0.99 -10.33 29.58
CA GLN D 117 0.56 -10.40 28.21
C GLN D 117 1.58 -9.75 27.28
N ALA D 118 1.63 -10.23 26.05
CA ALA D 118 2.44 -9.60 25.02
C ALA D 118 1.58 -9.41 23.78
N TYR D 119 1.81 -8.31 23.07
CA TYR D 119 1.10 -8.06 21.82
C TYR D 119 2.12 -7.90 20.73
N ASP D 120 1.94 -8.68 19.66
CA ASP D 120 2.90 -8.76 18.56
C ASP D 120 4.34 -8.92 19.04
N GLY D 121 4.51 -9.78 20.03
CA GLY D 121 5.82 -10.12 20.55
C GLY D 121 6.51 -9.13 21.47
N ARG D 122 5.84 -8.05 21.85
CA ARG D 122 6.39 -7.11 22.82
C ARG D 122 5.61 -7.16 24.12
N ASP D 123 6.31 -6.96 25.23
CA ASP D 123 5.64 -6.75 26.51
C ASP D 123 4.48 -5.79 26.34
N TYR D 124 3.34 -6.18 26.91
CA TYR D 124 2.17 -5.32 26.89
C TYR D 124 1.80 -4.92 28.32
N ILE D 125 1.40 -5.90 29.13
CA ILE D 125 1.09 -5.62 30.52
C ILE D 125 1.48 -6.81 31.41
N ALA D 126 1.91 -6.52 32.63
CA ALA D 126 2.33 -7.57 33.56
C ALA D 126 1.85 -7.31 34.99
N LEU D 127 1.39 -8.36 35.66
CA LEU D 127 1.10 -8.27 37.09
C LEU D 127 2.43 -8.20 37.83
N ASN D 128 2.57 -7.23 38.72
CA ASN D 128 3.82 -7.07 39.46
C ASN D 128 3.95 -8.14 40.54
N GLU D 129 5.17 -8.30 41.05
CA GLU D 129 5.46 -9.35 42.04
C GLU D 129 4.53 -9.28 43.25
N ASP D 130 4.08 -8.08 43.59
CA ASP D 130 3.21 -7.89 44.74
C ASP D 130 1.79 -8.36 44.50
N LEU D 131 1.47 -8.70 43.25
CA LEU D 131 0.14 -9.21 42.89
C LEU D 131 -0.96 -8.21 43.24
N ARG D 132 -0.61 -6.93 43.27
CA ARG D 132 -1.57 -5.89 43.62
C ARG D 132 -1.54 -4.74 42.64
N SER D 133 -0.52 -4.73 41.78
CA SER D 133 -0.28 -3.60 40.89
C SER D 133 0.20 -4.09 39.52
N TRP D 134 0.21 -3.18 38.55
CA TRP D 134 0.53 -3.51 37.16
C TRP D 134 1.67 -2.67 36.58
N THR D 135 2.40 -3.26 35.63
CA THR D 135 3.32 -2.51 34.81
C THR D 135 2.82 -2.53 33.36
N ALA D 136 2.43 -1.37 32.84
CA ALA D 136 2.08 -1.23 31.44
C ALA D 136 3.33 -0.86 30.66
N ALA D 137 3.53 -1.52 29.51
CA ALA D 137 4.77 -1.33 28.77
C ALA D 137 4.67 -0.14 27.82
N ASP D 138 3.45 0.38 27.64
CA ASP D 138 3.26 1.57 26.81
C ASP D 138 1.93 2.25 27.09
N GLU D 139 1.63 3.31 26.34
CA GLU D 139 0.44 4.09 26.61
C GLU D 139 -0.83 3.34 26.25
N ALA D 140 -0.75 2.56 25.18
CA ALA D 140 -1.89 1.73 24.81
C ALA D 140 -2.30 0.82 25.96
N ALA D 141 -1.31 0.21 26.60
CA ALA D 141 -1.58 -0.74 27.69
C ALA D 141 -2.14 -0.06 28.93
N GLN D 142 -1.93 1.25 29.06
CA GLN D 142 -2.51 1.96 30.18
C GLN D 142 -4.04 1.97 30.11
N ASN D 143 -4.59 1.94 28.90
CA ASN D 143 -6.03 1.70 28.74
C ASN D 143 -6.45 0.46 29.52
N THR D 144 -5.71 -0.63 29.30
CA THR D 144 -5.99 -1.90 29.95
C THR D 144 -5.79 -1.81 31.45
N GLN D 145 -4.66 -1.21 31.84
CA GLN D 145 -4.37 -1.02 33.26
C GLN D 145 -5.51 -0.31 33.97
N ARG D 146 -5.96 0.81 33.40
CA ARG D 146 -7.09 1.54 33.96
C ARG D 146 -8.33 0.66 34.13
N LYS D 147 -8.70 -0.07 33.07
CA LYS D 147 -9.86 -0.97 33.16
C LYS D 147 -9.68 -2.03 34.24
N TRP D 148 -8.49 -2.60 34.29
CA TRP D 148 -8.26 -3.73 35.20
C TRP D 148 -8.18 -3.27 36.66
N GLU D 149 -7.63 -2.08 36.88
CA GLU D 149 -7.63 -1.49 38.22
C GLU D 149 -9.06 -1.20 38.70
N ALA D 150 -9.90 -0.71 37.80
CA ALA D 150 -11.27 -0.39 38.16
C ALA D 150 -12.06 -1.64 38.45
N ALA D 151 -11.66 -2.75 37.84
CA ALA D 151 -12.42 -3.98 37.94
C ALA D 151 -11.89 -4.95 39.02
N GLY D 152 -10.85 -4.54 39.74
CA GLY D 152 -10.29 -5.38 40.78
C GLY D 152 -9.67 -6.67 40.25
N VAL D 153 -9.15 -6.61 39.04
CA VAL D 153 -8.63 -7.81 38.37
C VAL D 153 -7.44 -8.41 39.10
N ALA D 154 -6.54 -7.55 39.60
CA ALA D 154 -5.37 -8.00 40.34
C ALA D 154 -5.73 -8.89 41.51
N GLU D 155 -6.77 -8.52 42.26
CA GLU D 155 -7.14 -9.29 43.43
C GLU D 155 -7.67 -10.67 43.01
N GLN D 156 -8.31 -10.73 41.84
CA GLN D 156 -8.81 -12.01 41.37
C GLN D 156 -7.65 -12.92 41.00
N TRP D 157 -6.61 -12.36 40.37
CA TRP D 157 -5.42 -13.14 40.08
C TRP D 157 -4.69 -13.56 41.35
N ARG D 158 -4.61 -12.67 42.33
CA ARG D 158 -3.93 -12.99 43.58
C ARG D 158 -4.57 -14.20 44.25
N ALA D 159 -5.91 -14.26 44.24
CA ALA D 159 -6.63 -15.37 44.84
C ALA D 159 -6.33 -16.68 44.12
N TYR D 160 -6.35 -16.64 42.80
CA TYR D 160 -6.06 -17.81 41.98
C TYR D 160 -4.63 -18.28 42.25
N LEU D 161 -3.69 -17.35 42.19
CA LEU D 161 -2.27 -17.71 42.19
C LEU D 161 -1.85 -18.25 43.56
N GLU D 162 -2.47 -17.74 44.62
CA GLU D 162 -2.15 -18.21 45.98
C GLU D 162 -2.97 -19.43 46.39
N GLY D 163 -4.04 -19.70 45.67
CA GLY D 163 -4.94 -20.78 46.02
C GLY D 163 -4.92 -21.92 45.02
N GLU D 164 -5.89 -21.91 44.10
CA GLU D 164 -6.06 -23.02 43.17
C GLU D 164 -4.80 -23.31 42.34
N CYS D 165 -4.05 -22.27 41.97
CA CYS D 165 -2.81 -22.47 41.19
C CYS D 165 -1.86 -23.39 41.93
N LEU D 166 -1.63 -23.10 43.21
CA LEU D 166 -0.72 -23.90 44.00
C LEU D 166 -1.30 -25.26 44.32
N GLU D 167 -2.59 -25.30 44.61
CA GLU D 167 -3.26 -26.58 44.89
C GLU D 167 -3.17 -27.51 43.69
N SER D 168 -3.34 -26.97 42.49
CA SER D 168 -3.27 -27.75 41.25
C SER D 168 -1.86 -28.27 41.07
N LEU D 169 -0.89 -27.39 41.25
CA LEU D 169 0.52 -27.75 41.10
C LEU D 169 0.87 -28.86 42.10
N ARG D 170 0.42 -28.75 43.35
CA ARG D 170 0.69 -29.80 44.33
C ARG D 170 0.13 -31.15 43.89
N ARG D 171 -1.09 -31.14 43.37
CA ARG D 171 -1.72 -32.37 42.93
C ARG D 171 -0.96 -33.01 41.77
N TYR D 172 -0.60 -32.20 40.78
CA TYR D 172 0.16 -32.70 39.63
C TYR D 172 1.48 -33.30 40.07
N LEU D 173 2.15 -32.61 40.99
CA LEU D 173 3.43 -33.09 41.50
C LEU D 173 3.27 -34.45 42.15
N GLU D 174 2.17 -34.65 42.86
CA GLU D 174 1.89 -35.96 43.47
C GLU D 174 1.58 -37.00 42.40
N ASN D 175 0.68 -36.66 41.46
CA ASN D 175 0.25 -37.62 40.46
C ASN D 175 1.36 -38.04 39.50
N GLY D 176 2.25 -37.12 39.17
CA GLY D 176 3.40 -37.43 38.32
C GLY D 176 4.73 -37.58 39.05
N LYS D 177 4.72 -37.84 40.36
CA LYS D 177 5.94 -37.70 41.16
C LYS D 177 7.12 -38.53 40.65
N GLU D 178 6.87 -39.74 40.16
N GLU D 178 6.81 -39.71 40.13
CA GLU D 178 7.99 -40.61 39.81
CA GLU D 178 7.82 -40.68 39.71
C GLU D 178 8.82 -40.07 38.65
C GLU D 178 8.72 -40.16 38.59
N THR D 179 8.23 -39.16 37.86
CA THR D 179 9.01 -38.52 36.82
C THR D 179 9.27 -37.04 37.16
N LEU D 180 8.24 -36.33 37.63
CA LEU D 180 8.41 -34.91 37.91
C LEU D 180 9.40 -34.60 39.02
N GLN D 181 9.52 -35.50 40.00
CA GLN D 181 10.39 -35.24 41.15
C GLN D 181 11.75 -35.89 41.01
N ARG D 182 11.99 -36.46 39.83
CA ARG D 182 13.23 -37.16 39.56
C ARG D 182 14.16 -36.27 38.71
N ALA D 183 15.19 -35.72 39.35
CA ALA D 183 16.22 -35.01 38.61
C ALA D 183 17.13 -36.01 37.94
N GLU D 184 17.13 -36.02 36.61
CA GLU D 184 17.97 -36.93 35.83
C GLU D 184 19.27 -36.22 35.46
N PRO D 185 20.40 -36.70 36.00
CA PRO D 185 21.69 -36.05 35.71
C PRO D 185 22.10 -36.20 34.26
N PRO D 186 22.86 -35.25 33.73
CA PRO D 186 23.27 -35.44 32.34
C PRO D 186 24.32 -36.53 32.22
N LYS D 187 24.22 -37.34 31.16
CA LYS D 187 25.31 -38.21 30.73
C LYS D 187 26.28 -37.30 29.98
N THR D 188 27.56 -37.30 30.34
CA THR D 188 28.51 -36.35 29.76
C THR D 188 29.70 -37.04 29.13
N HIS D 189 30.24 -36.43 28.07
CA HIS D 189 31.48 -36.89 27.47
C HIS D 189 32.02 -35.83 26.52
N VAL D 190 33.30 -35.94 26.18
CA VAL D 190 33.95 -34.99 25.28
C VAL D 190 34.31 -35.68 23.99
N THR D 191 34.06 -35.02 22.87
CA THR D 191 34.49 -35.54 21.58
C THR D 191 35.57 -34.63 21.00
N HIS D 192 36.32 -35.15 20.05
CA HIS D 192 37.49 -34.46 19.49
C HIS D 192 37.51 -34.63 17.98
N HIS D 193 37.68 -33.52 17.27
CA HIS D 193 37.60 -33.54 15.81
C HIS D 193 38.65 -32.58 15.29
N PRO D 194 39.74 -33.12 14.71
CA PRO D 194 40.74 -32.21 14.16
C PRO D 194 40.13 -31.31 13.10
N VAL D 195 40.47 -30.04 13.10
CA VAL D 195 40.02 -29.16 12.03
C VAL D 195 41.17 -28.91 11.05
N SER D 196 42.34 -29.42 11.43
CA SER D 196 43.58 -29.32 10.66
C SER D 196 44.65 -30.18 11.35
N ASP D 197 45.89 -30.10 10.87
CA ASP D 197 47.00 -30.80 11.51
C ASP D 197 47.35 -30.19 12.87
N HIS D 198 46.84 -28.98 13.12
CA HIS D 198 47.31 -28.16 14.23
C HIS D 198 46.26 -27.75 15.25
N GLU D 199 44.99 -27.94 14.92
CA GLU D 199 43.92 -27.56 15.83
C GLU D 199 42.83 -28.60 15.86
N ALA D 200 42.08 -28.61 16.97
CA ALA D 200 40.97 -29.53 17.09
C ALA D 200 39.78 -28.88 17.80
N THR D 201 38.61 -29.33 17.43
CA THR D 201 37.37 -29.00 18.15
C THR D 201 37.18 -29.97 19.30
N LEU D 202 37.15 -29.45 20.51
CA LEU D 202 36.74 -30.24 21.66
C LEU D 202 35.28 -29.90 21.93
N ARG D 203 34.42 -30.90 21.94
CA ARG D 203 32.98 -30.68 22.20
C ARG D 203 32.57 -31.42 23.45
N CYS D 204 32.02 -30.68 24.41
CA CYS D 204 31.55 -31.23 25.67
C CYS D 204 30.05 -31.42 25.57
N TRP D 205 29.59 -32.66 25.78
CA TRP D 205 28.21 -33.05 25.62
C TRP D 205 27.55 -33.29 26.96
N ALA D 206 26.27 -32.90 27.06
CA ALA D 206 25.41 -33.29 28.17
C ALA D 206 24.11 -33.79 27.56
N LEU D 207 23.73 -35.02 27.89
CA LEU D 207 22.58 -35.66 27.25
C LEU D 207 21.62 -36.28 28.27
N GLY D 208 20.34 -36.35 27.90
CA GLY D 208 19.35 -37.04 28.71
C GLY D 208 19.08 -36.49 30.10
N PHE D 209 19.25 -35.19 30.28
CA PHE D 209 19.04 -34.62 31.61
C PHE D 209 17.67 -33.96 31.79
N TYR D 210 17.28 -33.84 33.05
CA TYR D 210 16.02 -33.22 33.43
C TYR D 210 16.17 -32.71 34.86
N PRO D 211 15.78 -31.45 35.14
CA PRO D 211 15.13 -30.48 34.25
C PRO D 211 16.13 -29.81 33.31
N ALA D 212 15.69 -28.80 32.56
CA ALA D 212 16.47 -28.25 31.45
C ALA D 212 17.58 -27.31 31.91
N GLU D 213 17.42 -26.67 33.07
CA GLU D 213 18.48 -25.81 33.62
C GLU D 213 19.81 -26.54 33.74
N ILE D 214 20.86 -25.98 33.15
CA ILE D 214 22.18 -26.59 33.20
C ILE D 214 23.22 -25.50 32.90
N THR D 215 24.43 -25.66 33.43
CA THR D 215 25.54 -24.78 33.05
CA THR D 215 25.51 -24.78 32.99
C THR D 215 26.67 -25.64 32.49
N LEU D 216 27.12 -25.30 31.27
CA LEU D 216 28.18 -26.04 30.59
C LEU D 216 29.20 -25.03 30.11
N THR D 217 30.41 -25.11 30.66
CA THR D 217 31.46 -24.16 30.32
C THR D 217 32.79 -24.86 30.06
N TRP D 218 33.55 -24.33 29.10
CA TRP D 218 34.92 -24.76 28.92
C TRP D 218 35.86 -23.82 29.67
N GLN D 219 36.85 -24.37 30.36
CA GLN D 219 37.83 -23.54 31.03
C GLN D 219 39.25 -23.87 30.59
N ARG D 220 40.10 -22.85 30.62
CA ARG D 220 41.51 -23.02 30.34
C ARG D 220 42.29 -22.32 31.44
N ASP D 221 43.16 -23.06 32.13
CA ASP D 221 43.88 -22.54 33.29
C ASP D 221 42.91 -21.89 34.28
N GLY D 222 41.82 -22.61 34.57
CA GLY D 222 40.85 -22.17 35.54
C GLY D 222 40.06 -20.92 35.19
N GLU D 223 39.97 -20.61 33.91
CA GLU D 223 39.22 -19.41 33.50
C GLU D 223 38.26 -19.68 32.35
N ASP D 224 37.03 -19.17 32.50
CA ASP D 224 35.97 -19.38 31.52
C ASP D 224 36.34 -18.86 30.13
N GLN D 225 36.19 -19.71 29.12
CA GLN D 225 36.50 -19.37 27.74
C GLN D 225 35.25 -18.95 26.99
N THR D 226 34.51 -18.01 27.55
CA THR D 226 33.16 -17.67 27.07
C THR D 226 33.12 -17.18 25.63
N GLN D 227 33.95 -16.21 25.29
CA GLN D 227 33.91 -15.64 23.94
C GLN D 227 34.76 -16.45 22.97
N ASP D 228 35.11 -17.67 23.35
CA ASP D 228 35.75 -18.61 22.44
C ASP D 228 34.97 -19.93 22.39
N THR D 229 33.93 -20.03 23.20
CA THR D 229 33.12 -21.24 23.26
C THR D 229 31.88 -21.12 22.38
N GLU D 230 31.67 -22.06 21.45
CA GLU D 230 30.37 -22.13 20.82
C GLU D 230 29.43 -22.90 21.75
N LEU D 231 28.35 -22.26 22.18
CA LEU D 231 27.42 -22.89 23.11
C LEU D 231 26.01 -22.95 22.51
N VAL D 232 25.49 -24.16 22.29
CA VAL D 232 24.17 -24.21 21.66
C VAL D 232 23.09 -24.11 22.72
N GLU D 233 21.93 -23.64 22.27
CA GLU D 233 20.76 -23.54 23.14
C GLU D 233 20.41 -24.93 23.67
N THR D 234 20.02 -25.03 24.93
CA THR D 234 19.53 -26.29 25.45
C THR D 234 18.32 -26.71 24.63
N ARG D 235 18.28 -27.98 24.25
CA ARG D 235 17.31 -28.48 23.28
C ARG D 235 16.64 -29.78 23.77
N PRO D 236 15.39 -30.02 23.33
CA PRO D 236 14.66 -31.23 23.74
C PRO D 236 15.14 -32.49 23.04
N GLY D 237 15.28 -33.57 23.79
CA GLY D 237 15.58 -34.89 23.23
C GLY D 237 14.38 -35.45 22.47
N GLY D 238 13.18 -35.04 22.90
CA GLY D 238 11.94 -35.51 22.33
C GLY D 238 11.29 -36.57 23.21
N ASP D 239 12.02 -36.97 24.24
CA ASP D 239 11.60 -38.04 25.14
C ASP D 239 11.45 -37.51 26.55
N GLY D 240 11.29 -36.19 26.67
CA GLY D 240 11.14 -35.57 27.98
C GLY D 240 12.45 -35.09 28.60
N THR D 241 13.58 -35.47 28.00
CA THR D 241 14.88 -35.03 28.49
C THR D 241 15.46 -33.90 27.63
N PHE D 242 16.62 -33.38 28.01
CA PHE D 242 17.23 -32.27 27.29
C PHE D 242 18.68 -32.57 26.96
N GLN D 243 19.22 -31.75 26.06
CA GLN D 243 20.57 -31.91 25.53
C GLN D 243 21.24 -30.55 25.41
N LYS D 244 22.56 -30.52 25.55
CA LYS D 244 23.31 -29.29 25.31
C LYS D 244 24.73 -29.67 24.97
N TRP D 245 25.40 -28.83 24.20
CA TRP D 245 26.85 -28.98 24.07
C TRP D 245 27.54 -27.64 23.95
N GLY D 246 28.84 -27.62 24.25
CA GLY D 246 29.65 -26.44 24.12
C GLY D 246 31.00 -26.88 23.54
N ALA D 247 31.55 -26.08 22.65
CA ALA D 247 32.76 -26.49 21.96
C ALA D 247 33.76 -25.35 21.84
N VAL D 248 35.04 -25.70 21.85
CA VAL D 248 36.11 -24.74 21.66
C VAL D 248 37.05 -25.34 20.63
N VAL D 249 37.68 -24.47 19.85
CA VAL D 249 38.73 -24.89 18.93
C VAL D 249 40.03 -24.48 19.57
N VAL D 250 40.93 -25.45 19.75
CA VAL D 250 42.15 -25.24 20.52
C VAL D 250 43.37 -25.79 19.77
N PRO D 251 44.56 -25.28 20.09
CA PRO D 251 45.78 -25.84 19.52
C PRO D 251 45.99 -27.24 20.01
N SER D 252 46.26 -28.18 19.11
CA SER D 252 46.52 -29.57 19.46
C SER D 252 47.38 -29.75 20.71
N GLY D 253 48.44 -28.95 20.82
CA GLY D 253 49.40 -29.12 21.90
C GLY D 253 48.93 -28.66 23.26
N GLU D 254 47.75 -28.06 23.30
CA GLU D 254 47.26 -27.51 24.56
C GLU D 254 45.90 -28.09 24.92
N GLU D 255 45.51 -29.15 24.21
CA GLU D 255 44.22 -29.82 24.42
C GLU D 255 43.99 -30.18 25.89
N GLN D 256 45.05 -30.55 26.59
CA GLN D 256 44.92 -30.99 27.98
C GLN D 256 44.91 -29.83 28.98
N ARG D 257 45.02 -28.61 28.48
CA ARG D 257 44.84 -27.45 29.34
C ARG D 257 43.36 -27.10 29.50
N TYR D 258 42.50 -27.85 28.80
CA TYR D 258 41.08 -27.51 28.73
C TYR D 258 40.20 -28.49 29.50
N THR D 259 39.31 -27.94 30.31
CA THR D 259 38.38 -28.74 31.10
C THR D 259 36.95 -28.22 30.93
N CYS D 260 36.00 -29.16 30.84
CA CYS D 260 34.58 -28.82 30.73
C CYS D 260 33.91 -29.01 32.08
N HIS D 261 33.19 -27.99 32.52
CA HIS D 261 32.54 -28.02 33.81
C HIS D 261 31.03 -28.02 33.63
N VAL D 262 30.36 -28.98 34.25
CA VAL D 262 28.92 -29.12 34.07
C VAL D 262 28.20 -29.08 35.42
N GLN D 263 27.26 -28.16 35.56
CA GLN D 263 26.42 -28.09 36.75
C GLN D 263 24.97 -28.38 36.40
N HIS D 264 24.35 -29.23 37.20
CA HIS D 264 22.94 -29.61 37.04
C HIS D 264 22.36 -29.93 38.42
N GLU D 265 21.07 -29.66 38.64
CA GLU D 265 20.52 -29.89 39.98
C GLU D 265 20.48 -31.39 40.31
N GLY D 266 20.63 -32.22 39.29
CA GLY D 266 20.64 -33.67 39.46
C GLY D 266 22.01 -34.22 39.79
N LEU D 267 23.02 -33.36 39.81
CA LEU D 267 24.38 -33.78 40.14
C LEU D 267 24.70 -33.49 41.60
N PRO D 268 25.27 -34.48 42.31
CA PRO D 268 25.75 -34.29 43.69
C PRO D 268 26.70 -33.09 43.79
N GLU D 269 27.62 -33.02 42.85
CA GLU D 269 28.58 -31.91 42.76
C GLU D 269 28.97 -31.75 41.30
N PRO D 270 29.40 -30.53 40.90
CA PRO D 270 29.78 -30.23 39.51
C PRO D 270 30.75 -31.23 38.90
N LEU D 271 30.53 -31.59 37.64
CA LEU D 271 31.43 -32.48 36.93
C LEU D 271 32.56 -31.70 36.30
N THR D 272 33.73 -32.34 36.17
CA THR D 272 34.84 -31.80 35.38
C THR D 272 35.29 -32.86 34.40
N LEU D 273 35.36 -32.49 33.13
CA LEU D 273 35.65 -33.45 32.08
C LEU D 273 36.82 -32.97 31.25
N ARG D 274 37.44 -33.89 30.55
CA ARG D 274 38.49 -33.54 29.61
C ARG D 274 38.51 -34.51 28.44
N TRP D 275 39.23 -34.12 27.39
CA TRP D 275 39.40 -34.99 26.25
C TRP D 275 40.32 -36.13 26.64
N GLU D 276 39.80 -37.34 26.51
CA GLU D 276 40.52 -38.54 26.89
C GLU D 276 40.60 -39.47 25.69
N PRO D 277 41.66 -39.28 24.87
CA PRO D 277 41.84 -40.03 23.62
C PRO D 277 41.86 -41.55 23.82
N ALA E 1 5.07 -3.96 15.03
CA ALA E 1 5.27 -5.32 15.54
C ALA E 1 6.73 -5.77 15.37
N ILE E 2 7.28 -6.51 16.33
CA ILE E 2 8.59 -7.18 16.12
C ILE E 2 8.52 -8.53 15.44
N GLN E 3 9.69 -8.92 14.96
CA GLN E 3 9.92 -10.18 14.28
C GLN E 3 11.32 -10.63 14.69
N ARG E 4 11.46 -11.91 15.02
CA ARG E 4 12.76 -12.48 15.33
C ARG E 4 13.01 -13.71 14.45
N THR E 5 14.25 -13.87 14.00
CA THR E 5 14.65 -14.94 13.09
CA THR E 5 14.58 -14.96 13.09
C THR E 5 14.77 -16.30 13.82
N PRO E 6 14.30 -17.38 13.21
CA PRO E 6 14.43 -18.67 13.88
C PRO E 6 15.87 -19.15 14.02
N LYS E 7 16.17 -19.75 15.16
CA LYS E 7 17.36 -20.55 15.32
C LYS E 7 16.99 -21.96 14.96
N ILE E 8 17.96 -22.74 14.49
CA ILE E 8 17.68 -24.08 14.00
C ILE E 8 18.75 -25.06 14.45
N GLN E 9 18.32 -26.14 15.11
CA GLN E 9 19.22 -27.23 15.38
C GLN E 9 18.67 -28.52 14.80
N VAL E 10 19.54 -29.26 14.11
CA VAL E 10 19.17 -30.58 13.59
C VAL E 10 20.02 -31.66 14.24
N TYR E 11 19.38 -32.69 14.75
CA TYR E 11 20.07 -33.64 15.62
C TYR E 11 19.23 -34.88 15.86
N SER E 12 19.86 -35.93 16.41
CA SER E 12 19.15 -37.16 16.71
C SER E 12 18.85 -37.25 18.20
N ARG E 13 17.85 -38.04 18.56
CA ARG E 13 17.50 -38.20 19.98
C ARG E 13 18.64 -38.89 20.73
N HIS E 14 19.12 -39.99 20.14
CA HIS E 14 20.19 -40.77 20.72
C HIS E 14 21.42 -40.67 19.82
N PRO E 15 22.62 -40.93 20.37
CA PRO E 15 23.81 -40.93 19.50
C PRO E 15 23.58 -41.82 18.30
N PRO E 16 23.91 -41.32 17.10
CA PRO E 16 23.54 -42.06 15.89
C PRO E 16 24.43 -43.28 15.67
N GLU E 17 23.81 -44.40 15.32
CA GLU E 17 24.55 -45.59 14.96
C GLU E 17 23.93 -46.20 13.70
N ASN E 18 24.75 -46.44 12.68
CA ASN E 18 24.25 -46.99 11.42
C ASN E 18 23.40 -48.24 11.61
N GLY E 19 22.26 -48.26 10.94
CA GLY E 19 21.36 -49.41 11.00
C GLY E 19 20.53 -49.51 12.26
N LYS E 20 20.65 -48.53 13.15
CA LYS E 20 19.89 -48.55 14.40
C LYS E 20 18.79 -47.49 14.40
N PRO E 21 17.54 -47.89 14.71
CA PRO E 21 16.42 -46.96 14.72
C PRO E 21 16.61 -45.81 15.71
N ASN E 22 16.19 -44.62 15.31
CA ASN E 22 16.47 -43.41 16.07
C ASN E 22 15.36 -42.40 15.81
N PHE E 23 15.55 -41.17 16.27
CA PHE E 23 14.62 -40.09 16.00
C PHE E 23 15.39 -38.88 15.49
N LEU E 24 14.96 -38.36 14.36
CA LEU E 24 15.55 -37.16 13.79
C LEU E 24 14.80 -35.93 14.27
N ASN E 25 15.51 -34.96 14.86
CA ASN E 25 14.94 -33.76 15.48
C ASN E 25 15.34 -32.48 14.76
N CYS E 26 14.39 -31.58 14.56
CA CYS E 26 14.70 -30.23 14.11
C CYS E 26 14.04 -29.30 15.10
N TYR E 27 14.86 -28.69 15.93
CA TYR E 27 14.38 -27.77 16.94
C TYR E 27 14.51 -26.35 16.42
N VAL E 28 13.38 -25.68 16.26
CA VAL E 28 13.34 -24.30 15.79
CA VAL E 28 13.38 -24.28 15.80
C VAL E 28 12.88 -23.39 16.92
N SER E 29 13.65 -22.35 17.21
CA SER E 29 13.35 -21.53 18.37
C SER E 29 13.66 -20.06 18.13
N GLY E 30 13.18 -19.22 19.03
CA GLY E 30 13.52 -17.80 19.01
C GLY E 30 12.89 -17.00 17.90
N PHE E 31 11.85 -17.53 17.26
CA PHE E 31 11.19 -16.81 16.16
C PHE E 31 9.91 -16.10 16.57
N HIS E 32 9.49 -15.14 15.75
CA HIS E 32 8.25 -14.41 15.94
C HIS E 32 7.95 -13.72 14.61
N PRO E 33 6.72 -13.81 14.11
CA PRO E 33 5.51 -14.43 14.68
C PRO E 33 5.52 -15.95 14.56
N SER E 34 4.39 -16.58 14.88
CA SER E 34 4.38 -18.03 15.06
C SER E 34 4.27 -18.86 13.77
N ASP E 35 3.74 -18.29 12.70
CA ASP E 35 3.61 -19.04 11.45
C ASP E 35 5.00 -19.43 10.95
N ILE E 36 5.18 -20.70 10.63
CA ILE E 36 6.49 -21.21 10.22
C ILE E 36 6.32 -22.52 9.47
N GLU E 37 7.22 -22.76 8.52
CA GLU E 37 7.20 -24.00 7.75
C GLU E 37 8.46 -24.77 8.00
N VAL E 38 8.33 -26.04 8.37
CA VAL E 38 9.50 -26.85 8.67
C VAL E 38 9.39 -28.20 8.00
N ASP E 39 10.42 -28.56 7.24
CA ASP E 39 10.44 -29.86 6.59
C ASP E 39 11.71 -30.58 6.98
N LEU E 40 11.57 -31.86 7.29
CA LEU E 40 12.71 -32.74 7.43
C LEU E 40 12.97 -33.34 6.04
N LEU E 41 14.23 -33.38 5.64
CA LEU E 41 14.58 -33.82 4.29
C LEU E 41 15.51 -35.04 4.32
N LYS E 42 15.17 -36.04 3.51
CA LYS E 42 16.04 -37.19 3.30
C LYS E 42 16.54 -37.20 1.87
N ASN E 43 17.83 -36.92 1.69
CA ASN E 43 18.44 -36.80 0.37
C ASN E 43 17.73 -35.72 -0.45
N GLY E 44 17.42 -34.61 0.20
CA GLY E 44 16.78 -33.48 -0.45
C GLY E 44 15.26 -33.55 -0.56
N GLU E 45 14.67 -34.69 -0.21
CA GLU E 45 13.24 -34.86 -0.38
C GLU E 45 12.45 -34.90 0.95
N LYS E 46 11.24 -34.36 0.92
CA LYS E 46 10.42 -34.25 2.13
C LYS E 46 10.05 -35.60 2.73
N MET E 47 10.36 -35.76 4.01
CA MET E 47 9.96 -36.95 4.75
C MET E 47 8.50 -36.84 5.19
N GLY E 48 7.79 -37.95 5.13
CA GLY E 48 6.45 -38.00 5.69
C GLY E 48 6.55 -38.37 7.15
N LYS E 49 5.40 -38.48 7.81
CA LYS E 49 5.32 -39.00 9.17
C LYS E 49 6.13 -38.11 10.12
N VAL E 50 6.25 -36.82 9.77
CA VAL E 50 6.90 -35.84 10.64
C VAL E 50 5.86 -35.24 11.58
N GLU E 51 6.14 -35.31 12.87
CA GLU E 51 5.24 -34.76 13.89
C GLU E 51 5.88 -33.52 14.48
N HIS E 52 5.09 -32.70 15.17
CA HIS E 52 5.69 -31.58 15.86
C HIS E 52 5.06 -31.37 17.22
N SER E 53 5.79 -30.69 18.09
CA SER E 53 5.29 -30.32 19.42
C SER E 53 4.21 -29.24 19.35
N ASP E 54 3.50 -29.08 20.46
CA ASP E 54 2.50 -28.02 20.58
C ASP E 54 3.20 -26.66 20.71
N LEU E 55 2.72 -25.65 19.99
CA LEU E 55 3.29 -24.31 20.06
C LEU E 55 3.45 -23.77 21.48
N SER E 56 4.69 -23.47 21.85
CA SER E 56 5.00 -22.86 23.14
C SER E 56 5.97 -21.70 22.91
N PHE E 57 6.37 -21.01 23.97
CA PHE E 57 7.30 -19.90 23.82
C PHE E 57 8.12 -19.64 25.07
N SER E 58 9.18 -18.85 24.88
CA SER E 58 10.18 -18.63 25.93
C SER E 58 9.96 -17.33 26.68
N LYS E 59 10.88 -17.02 27.59
CA LYS E 59 10.78 -15.82 28.41
C LYS E 59 10.64 -14.55 27.60
N ASP E 60 11.32 -14.47 26.46
CA ASP E 60 11.25 -13.26 25.63
C ASP E 60 10.06 -13.25 24.66
N TRP E 61 9.15 -14.21 24.85
CA TRP E 61 7.93 -14.38 24.03
C TRP E 61 8.18 -15.03 22.66
N SER E 62 9.43 -15.36 22.34
CA SER E 62 9.71 -15.99 21.06
C SER E 62 9.28 -17.46 21.11
N PHE E 63 8.77 -17.96 19.99
CA PHE E 63 8.23 -19.30 19.92
C PHE E 63 9.29 -20.36 19.74
N TYR E 64 8.94 -21.59 20.13
CA TYR E 64 9.76 -22.75 19.75
C TYR E 64 8.88 -23.95 19.43
N LEU E 65 9.41 -24.79 18.55
CA LEU E 65 8.79 -26.03 18.10
C LEU E 65 9.84 -27.09 17.87
N LEU E 66 9.50 -28.33 18.21
CA LEU E 66 10.32 -29.46 17.82
C LEU E 66 9.60 -30.25 16.74
N TYR E 67 10.22 -30.39 15.57
CA TYR E 67 9.73 -31.31 14.56
C TYR E 67 10.55 -32.60 14.61
N TYR E 68 9.91 -33.76 14.46
CA TYR E 68 10.63 -35.02 14.64
C TYR E 68 10.01 -36.17 13.87
N THR E 69 10.84 -37.16 13.51
CA THR E 69 10.31 -38.39 12.91
C THR E 69 11.30 -39.53 13.15
N GLU E 70 10.81 -40.76 13.13
CA GLU E 70 11.69 -41.92 13.26
C GLU E 70 12.60 -41.99 12.04
N PHE E 71 13.80 -42.51 12.23
CA PHE E 71 14.70 -42.73 11.15
C PHE E 71 15.75 -43.73 11.55
N THR E 72 16.37 -44.36 10.56
CA THR E 72 17.48 -45.26 10.79
C THR E 72 18.64 -44.74 9.94
N PRO E 73 19.61 -44.11 10.60
CA PRO E 73 20.70 -43.47 9.86
C PRO E 73 21.60 -44.51 9.20
N ASN E 74 22.06 -44.20 7.99
CA ASN E 74 23.03 -44.99 7.24
C ASN E 74 24.04 -44.05 6.60
N GLU E 75 25.18 -44.61 6.21
CA GLU E 75 26.24 -43.84 5.55
C GLU E 75 25.75 -43.15 4.27
N LYS E 76 24.87 -43.82 3.55
CA LYS E 76 24.41 -43.37 2.26
C LYS E 76 23.60 -42.07 2.33
N ASP E 77 22.67 -42.03 3.27
CA ASP E 77 21.62 -41.01 3.29
C ASP E 77 22.01 -39.69 3.95
N GLU E 78 21.69 -38.59 3.30
CA GLU E 78 21.88 -37.26 3.88
C GLU E 78 20.54 -36.76 4.44
N TYR E 79 20.60 -36.10 5.60
CA TYR E 79 19.40 -35.55 6.21
C TYR E 79 19.56 -34.05 6.46
N ALA E 80 18.43 -33.33 6.46
CA ALA E 80 18.49 -31.90 6.68
C ALA E 80 17.14 -31.36 7.13
N CYS E 81 17.16 -30.13 7.62
CA CYS E 81 15.93 -29.46 8.02
C CYS E 81 15.81 -28.16 7.24
N ARG E 82 14.67 -27.94 6.60
CA ARG E 82 14.46 -26.69 5.88
C ARG E 82 13.34 -25.91 6.52
N VAL E 83 13.63 -24.65 6.81
CA VAL E 83 12.76 -23.76 7.54
C VAL E 83 12.44 -22.51 6.73
N ASN E 84 11.16 -22.16 6.66
CA ASN E 84 10.82 -20.87 6.09
C ASN E 84 10.02 -20.07 7.09
N HIS E 85 10.23 -18.76 7.08
CA HIS E 85 9.63 -17.86 8.05
C HIS E 85 9.68 -16.46 7.44
N VAL E 86 8.75 -15.59 7.82
CA VAL E 86 8.66 -14.26 7.22
C VAL E 86 9.93 -13.43 7.40
N THR E 87 10.72 -13.73 8.43
CA THR E 87 11.93 -12.96 8.71
C THR E 87 13.10 -13.37 7.83
N LEU E 88 12.92 -14.41 7.02
CA LEU E 88 14.00 -14.93 6.19
C LEU E 88 13.88 -14.44 4.74
N SER E 89 15.03 -14.19 4.10
CA SER E 89 15.09 -13.86 2.68
C SER E 89 14.55 -14.99 1.83
N GLY E 90 14.81 -16.22 2.27
CA GLY E 90 14.31 -17.42 1.62
C GLY E 90 14.52 -18.56 2.60
N PRO E 91 14.06 -19.77 2.25
CA PRO E 91 14.18 -20.89 3.19
C PRO E 91 15.62 -21.14 3.60
N ARG E 92 15.80 -21.50 4.87
CA ARG E 92 17.12 -21.86 5.38
C ARG E 92 17.20 -23.37 5.56
N THR E 93 18.22 -23.97 4.95
CA THR E 93 18.41 -25.40 5.05
C THR E 93 19.66 -25.66 5.87
N VAL E 94 19.49 -26.47 6.91
CA VAL E 94 20.57 -26.88 7.81
C VAL E 94 20.77 -28.38 7.70
N LYS E 95 21.98 -28.79 7.30
CA LYS E 95 22.29 -30.21 7.17
C LYS E 95 22.51 -30.87 8.53
N TRP E 96 22.10 -32.12 8.66
CA TRP E 96 22.36 -32.89 9.86
C TRP E 96 23.83 -33.28 9.92
N ASP E 97 24.51 -32.84 10.97
CA ASP E 97 25.89 -33.25 11.19
C ASP E 97 25.87 -34.38 12.21
N ARG E 98 26.14 -35.59 11.74
CA ARG E 98 25.97 -36.80 12.55
C ARG E 98 27.20 -37.11 13.37
N ASP E 99 28.33 -36.50 13.00
CA ASP E 99 29.56 -36.72 13.73
C ASP E 99 29.99 -35.47 14.50
N MET E 100 29.34 -35.23 15.63
CA MET E 100 29.75 -34.14 16.52
C MET E 100 30.32 -34.69 17.81
N GLY F 1 -9.20 -14.30 31.62
CA GLY F 1 -10.26 -14.93 32.37
C GLY F 1 -11.57 -14.41 31.81
N GLY F 2 -12.20 -13.49 32.53
CA GLY F 2 -13.34 -12.75 32.02
C GLY F 2 -12.89 -11.35 31.63
N ALA F 3 -11.68 -10.99 32.06
CA ALA F 3 -11.16 -9.63 31.90
C ALA F 3 -10.57 -9.35 30.52
N ILE F 4 -11.36 -8.69 29.68
CA ILE F 4 -10.93 -8.23 28.38
C ILE F 4 -9.93 -7.08 28.55
N SER F 5 -8.99 -6.93 27.62
CA SER F 5 -8.02 -5.84 27.69
C SER F 5 -8.62 -4.49 27.24
N ALA G 1 -23.88 -18.64 -2.75
CA ALA G 1 -24.58 -18.95 -3.98
C ALA G 1 -24.12 -20.30 -4.50
N GLY G 2 -24.85 -20.88 -5.44
CA GLY G 2 -24.41 -22.13 -6.04
C GLY G 2 -23.31 -21.83 -7.02
N SER G 3 -23.41 -20.66 -7.65
CA SER G 3 -22.45 -20.21 -8.64
C SER G 3 -21.51 -19.16 -8.02
N HIS G 4 -20.22 -19.28 -8.32
CA HIS G 4 -19.24 -18.29 -7.93
C HIS G 4 -18.43 -17.87 -9.14
N SER G 5 -17.83 -16.69 -9.08
CA SER G 5 -17.14 -16.16 -10.26
CA SER G 5 -17.14 -16.16 -10.26
C SER G 5 -15.76 -15.62 -9.96
N MET G 6 -14.87 -15.68 -10.96
CA MET G 6 -13.61 -14.96 -10.89
C MET G 6 -13.53 -14.07 -12.12
N ARG G 7 -13.10 -12.83 -11.93
CA ARG G 7 -12.99 -11.88 -13.04
C ARG G 7 -11.68 -11.12 -12.97
N TYR G 8 -11.04 -10.94 -14.11
CA TYR G 8 -9.95 -9.98 -14.20
C TYR G 8 -10.40 -8.85 -15.12
N PHE G 9 -10.16 -7.63 -14.67
CA PHE G 9 -10.54 -6.43 -15.41
C PHE G 9 -9.26 -5.64 -15.71
N SER G 10 -8.90 -5.50 -16.98
CA SER G 10 -7.69 -4.73 -17.31
C SER G 10 -8.04 -3.48 -18.10
N THR G 11 -7.25 -2.44 -17.87
CA THR G 11 -7.42 -1.15 -18.54
C THR G 11 -6.06 -0.73 -19.06
N THR G 12 -5.96 -0.49 -20.36
CA THR G 12 -4.73 -0.01 -20.98
C THR G 12 -5.03 1.34 -21.62
N VAL G 13 -4.29 2.37 -21.23
CA VAL G 13 -4.54 3.72 -21.73
C VAL G 13 -3.28 4.28 -22.36
N SER G 14 -3.31 4.55 -23.67
CA SER G 14 -2.12 5.09 -24.31
C SER G 14 -1.96 6.54 -23.92
N ARG G 15 -0.73 7.04 -24.00
CA ARG G 15 -0.43 8.43 -23.70
C ARG G 15 0.71 8.84 -24.60
N PRO G 16 0.42 9.04 -25.89
CA PRO G 16 1.40 9.27 -26.94
C PRO G 16 2.38 10.38 -26.56
N GLY G 17 3.67 10.14 -26.75
CA GLY G 17 4.68 11.12 -26.40
C GLY G 17 4.91 11.26 -24.90
N ARG G 18 4.14 10.50 -24.11
CA ARG G 18 4.26 10.56 -22.65
C ARG G 18 4.64 9.20 -22.08
N GLY G 19 5.38 8.41 -22.85
CA GLY G 19 5.80 7.08 -22.43
C GLY G 19 4.88 5.97 -22.90
N GLU G 20 5.16 4.74 -22.48
CA GLU G 20 4.35 3.61 -22.92
C GLU G 20 2.98 3.62 -22.20
N PRO G 21 2.00 2.90 -22.76
CA PRO G 21 0.66 2.98 -22.16
C PRO G 21 0.62 2.54 -20.70
N ARG G 22 -0.23 3.17 -19.90
CA ARG G 22 -0.45 2.70 -18.53
C ARG G 22 -1.31 1.45 -18.55
N PHE G 23 -0.99 0.52 -17.66
CA PHE G 23 -1.69 -0.75 -17.61
C PHE G 23 -2.08 -1.07 -16.17
N ILE G 24 -3.37 -1.23 -15.94
CA ILE G 24 -3.91 -1.59 -14.62
C ILE G 24 -4.73 -2.86 -14.72
N VAL G 25 -4.51 -3.80 -13.80
CA VAL G 25 -5.39 -4.97 -13.76
C VAL G 25 -5.90 -5.16 -12.34
N VAL G 26 -7.17 -5.48 -12.19
CA VAL G 26 -7.68 -5.91 -10.90
C VAL G 26 -8.38 -7.26 -11.02
N GLY G 27 -8.29 -8.08 -9.97
CA GLY G 27 -8.96 -9.36 -10.00
C GLY G 27 -10.00 -9.41 -8.89
N TYR G 28 -11.13 -10.04 -9.18
CA TYR G 28 -12.20 -10.25 -8.21
C TYR G 28 -12.61 -11.71 -8.11
N VAL G 29 -12.90 -12.16 -6.89
CA VAL G 29 -13.71 -13.36 -6.71
C VAL G 29 -15.08 -12.85 -6.25
N ASP G 30 -16.11 -13.14 -7.03
CA ASP G 30 -17.45 -12.60 -6.79
C ASP G 30 -17.35 -11.08 -6.68
N ASP G 31 -17.76 -10.49 -5.56
CA ASP G 31 -17.63 -9.03 -5.40
C ASP G 31 -16.47 -8.60 -4.50
N THR G 32 -15.49 -9.49 -4.31
CA THR G 32 -14.37 -9.19 -3.44
C THR G 32 -13.07 -9.09 -4.22
N GLN G 33 -12.41 -7.93 -4.18
CA GLN G 33 -11.18 -7.78 -4.93
C GLN G 33 -10.07 -8.58 -4.25
N PHE G 34 -9.19 -9.21 -5.03
CA PHE G 34 -8.15 -10.01 -4.39
C PHE G 34 -6.75 -9.72 -4.93
N VAL G 35 -6.62 -9.09 -6.10
CA VAL G 35 -5.28 -8.73 -6.61
C VAL G 35 -5.32 -7.43 -7.42
N ARG G 36 -4.16 -6.84 -7.61
CA ARG G 36 -4.01 -5.68 -8.50
C ARG G 36 -2.64 -5.65 -9.13
N PHE G 37 -2.54 -4.93 -10.24
CA PHE G 37 -1.28 -4.61 -10.89
C PHE G 37 -1.41 -3.20 -11.44
N ASP G 38 -0.39 -2.38 -11.23
CA ASP G 38 -0.34 -1.05 -11.84
C ASP G 38 1.06 -0.82 -12.44
N SER G 39 1.10 -0.61 -13.76
CA SER G 39 2.37 -0.43 -14.47
C SER G 39 3.11 0.84 -14.03
N ASP G 40 2.40 1.74 -13.38
CA ASP G 40 3.01 3.00 -12.97
C ASP G 40 3.54 2.91 -11.53
N ALA G 41 3.33 1.77 -10.89
CA ALA G 41 3.82 1.55 -9.53
C ALA G 41 5.34 1.56 -9.48
N ALA G 42 5.89 1.79 -8.28
CA ALA G 42 7.33 1.85 -8.05
C ALA G 42 8.08 0.67 -8.68
N SER G 43 7.71 -0.55 -8.30
CA SER G 43 8.24 -1.74 -8.95
C SER G 43 7.08 -2.69 -9.29
N PRO G 44 6.57 -2.59 -10.53
CA PRO G 44 5.28 -3.19 -10.90
C PRO G 44 5.23 -4.70 -10.76
N LYS G 45 4.32 -5.18 -9.93
CA LYS G 45 4.12 -6.61 -9.73
C LYS G 45 2.67 -6.88 -9.35
N MET G 46 2.22 -8.11 -9.60
CA MET G 46 0.91 -8.48 -9.11
C MET G 46 0.99 -8.51 -7.57
N GLU G 47 -0.01 -7.97 -6.89
CA GLU G 47 0.04 -7.77 -5.44
C GLU G 47 -1.27 -8.21 -4.82
N PRO G 48 -1.24 -8.78 -3.61
CA PRO G 48 -2.51 -9.13 -2.95
C PRO G 48 -3.34 -7.90 -2.54
N ARG G 49 -4.66 -8.03 -2.64
CA ARG G 49 -5.56 -6.98 -2.16
C ARG G 49 -6.66 -7.56 -1.26
N ALA G 50 -6.40 -8.77 -0.76
CA ALA G 50 -7.27 -9.40 0.24
C ALA G 50 -6.35 -10.13 1.22
N PRO G 51 -6.71 -10.11 2.52
CA PRO G 51 -5.81 -10.75 3.50
C PRO G 51 -5.65 -12.24 3.27
N TRP G 52 -6.67 -12.88 2.71
CA TRP G 52 -6.60 -14.31 2.44
C TRP G 52 -5.75 -14.67 1.20
N MET G 53 -5.18 -13.67 0.53
CA MET G 53 -4.23 -13.93 -0.55
C MET G 53 -2.80 -13.89 -0.04
N GLU G 54 -2.62 -13.63 1.25
CA GLU G 54 -1.27 -13.35 1.72
C GLU G 54 -0.55 -14.63 2.12
N GLN G 55 -1.17 -15.77 1.86
CA GLN G 55 -0.53 -17.06 2.16
C GLN G 55 0.05 -17.71 0.91
N GLU G 56 -0.20 -17.12 -0.26
CA GLU G 56 0.46 -17.58 -1.50
C GLU G 56 1.95 -17.28 -1.40
N GLY G 57 2.79 -18.19 -1.90
CA GLY G 57 4.22 -17.95 -1.90
C GLY G 57 4.69 -17.11 -3.07
N PRO G 58 5.97 -16.68 -3.05
CA PRO G 58 6.52 -15.79 -4.08
C PRO G 58 6.46 -16.36 -5.49
N GLU G 59 6.49 -17.68 -5.65
CA GLU G 59 6.41 -18.25 -7.01
C GLU G 59 5.05 -17.97 -7.65
N TYR G 60 3.98 -18.00 -6.85
CA TYR G 60 2.67 -17.62 -7.35
C TYR G 60 2.71 -16.20 -7.88
N TRP G 61 3.30 -15.29 -7.10
CA TRP G 61 3.29 -13.89 -7.48
C TRP G 61 4.15 -13.64 -8.72
N GLU G 62 5.26 -14.34 -8.82
N GLU G 62 5.28 -14.33 -8.81
CA GLU G 62 6.14 -14.21 -9.97
CA GLU G 62 6.16 -14.20 -9.97
C GLU G 62 5.44 -14.61 -11.26
C GLU G 62 5.45 -14.60 -11.26
N GLU G 63 4.74 -15.73 -11.22
CA GLU G 63 4.00 -16.21 -12.38
C GLU G 63 2.88 -15.24 -12.78
N GLN G 64 2.16 -14.72 -11.79
CA GLN G 64 1.09 -13.78 -12.08
C GLN G 64 1.66 -12.51 -12.73
N THR G 65 2.78 -12.03 -12.20
CA THR G 65 3.42 -10.83 -12.70
C THR G 65 3.94 -11.03 -14.11
N ARG G 66 4.55 -12.18 -14.38
CA ARG G 66 4.94 -12.53 -15.75
C ARG G 66 3.76 -12.51 -16.74
N ARG G 67 2.63 -13.09 -16.32
CA ARG G 67 1.48 -13.18 -17.21
C ARG G 67 0.89 -11.80 -17.48
N VAL G 68 0.93 -10.92 -16.49
CA VAL G 68 0.36 -9.59 -16.71
C VAL G 68 1.31 -8.71 -17.51
N LYS G 69 2.62 -8.88 -17.35
CA LYS G 69 3.54 -8.12 -18.17
C LYS G 69 3.45 -8.58 -19.63
N ASP G 70 3.25 -9.88 -19.84
CA ASP G 70 2.96 -10.45 -21.16
C ASP G 70 1.72 -9.83 -21.79
N ALA G 71 0.65 -9.78 -21.01
CA ALA G 71 -0.60 -9.17 -21.43
C ALA G 71 -0.36 -7.70 -21.80
N ALA G 72 0.34 -6.99 -20.91
CA ALA G 72 0.60 -5.58 -21.11
C ALA G 72 1.20 -5.31 -22.48
N GLN G 73 2.22 -6.08 -22.83
CA GLN G 73 2.91 -5.89 -24.10
C GLN G 73 1.98 -6.18 -25.26
N THR G 74 1.24 -7.28 -25.18
CA THR G 74 0.24 -7.60 -26.18
C THR G 74 -0.76 -6.45 -26.38
N PHE G 75 -1.26 -5.89 -25.29
CA PHE G 75 -2.27 -4.83 -25.38
C PHE G 75 -1.70 -3.51 -25.89
N ARG G 76 -0.41 -3.28 -25.66
CA ARG G 76 0.20 -2.06 -26.17
C ARG G 76 0.32 -2.13 -27.68
N VAL G 77 0.74 -3.28 -28.19
CA VAL G 77 0.77 -3.49 -29.63
C VAL G 77 -0.65 -3.42 -30.21
N SER G 78 -1.61 -3.97 -29.47
CA SER G 78 -3.01 -3.93 -29.86
C SER G 78 -3.51 -2.48 -30.03
N LEU G 79 -3.15 -1.60 -29.10
CA LEU G 79 -3.52 -0.18 -29.21
C LEU G 79 -2.97 0.44 -30.49
N GLY G 80 -1.72 0.11 -30.84
CA GLY G 80 -1.14 0.63 -32.06
C GLY G 80 -1.87 0.13 -33.29
N ASN G 81 -2.18 -1.16 -33.31
CA ASN G 81 -2.91 -1.74 -34.42
C ASN G 81 -4.33 -1.15 -34.55
N LEU G 82 -4.99 -0.94 -33.42
CA LEU G 82 -6.35 -0.40 -33.44
C LEU G 82 -6.34 1.04 -33.95
N ARG G 83 -5.38 1.84 -33.48
CA ARG G 83 -5.27 3.21 -33.98
C ARG G 83 -5.12 3.20 -35.50
N GLY G 84 -4.25 2.32 -35.98
CA GLY G 84 -4.09 2.11 -37.41
C GLY G 84 -5.37 1.75 -38.14
N TYR G 85 -6.08 0.75 -37.60
N TYR G 85 -6.12 0.78 -37.65
CA TYR G 85 -7.35 0.23 -38.13
CA TYR G 85 -7.28 0.38 -38.43
C TYR G 85 -8.37 1.34 -38.33
C TYR G 85 -8.35 1.45 -38.42
N TYR G 86 -8.47 2.20 -37.33
CA TYR G 86 -9.49 3.24 -37.30
C TYR G 86 -8.98 4.56 -37.89
N ASN G 87 -7.76 4.54 -38.44
CA ASN G 87 -7.15 5.70 -39.06
C ASN G 87 -7.18 6.87 -38.08
N GLN G 88 -6.84 6.60 -36.82
CA GLN G 88 -6.84 7.65 -35.83
C GLN G 88 -5.47 8.32 -35.73
N SER G 89 -5.46 9.54 -35.21
CA SER G 89 -4.22 10.28 -35.01
C SER G 89 -3.30 9.61 -34.00
N GLU G 90 -2.00 9.75 -34.20
CA GLU G 90 -1.05 9.20 -33.24
C GLU G 90 -0.92 10.07 -31.99
N ALA G 91 -1.57 11.22 -31.96
CA ALA G 91 -1.46 12.12 -30.82
C ALA G 91 -2.45 11.84 -29.69
N GLY G 92 -3.52 11.13 -29.99
CA GLY G 92 -4.60 11.00 -29.02
C GLY G 92 -4.48 9.79 -28.13
N SER G 93 -4.98 9.92 -26.90
CA SER G 93 -5.05 8.81 -25.96
C SER G 93 -6.25 7.91 -26.26
N HIS G 94 -6.05 6.60 -26.20
CA HIS G 94 -7.12 5.63 -26.40
C HIS G 94 -7.07 4.53 -25.33
N THR G 95 -8.19 3.85 -25.15
CA THR G 95 -8.34 2.88 -24.05
C THR G 95 -8.73 1.49 -24.60
N LEU G 96 -8.00 0.46 -24.18
CA LEU G 96 -8.40 -0.92 -24.40
C LEU G 96 -8.74 -1.54 -23.04
N GLN G 97 -9.95 -2.07 -22.88
CA GLN G 97 -10.33 -2.77 -21.67
C GLN G 97 -10.59 -4.22 -21.97
N THR G 98 -10.24 -5.11 -21.05
CA THR G 98 -10.57 -6.50 -21.25
C THR G 98 -11.19 -7.06 -19.97
N MET G 99 -12.07 -8.03 -20.16
N MET G 99 -12.09 -8.02 -20.13
CA MET G 99 -12.64 -8.79 -19.04
CA MET G 99 -12.58 -8.78 -19.00
C MET G 99 -12.40 -10.26 -19.35
C MET G 99 -12.46 -10.26 -19.31
N SER G 100 -11.97 -11.02 -18.35
CA SER G 100 -11.85 -12.45 -18.55
C SER G 100 -12.19 -13.15 -17.25
N GLY G 101 -12.56 -14.41 -17.34
CA GLY G 101 -12.77 -15.19 -16.12
C GLY G 101 -13.73 -16.33 -16.29
N CYS G 102 -14.15 -16.90 -15.17
CA CYS G 102 -15.01 -18.08 -15.21
C CYS G 102 -16.09 -18.04 -14.15
N ASP G 103 -17.21 -18.69 -14.45
CA ASP G 103 -18.21 -18.99 -13.44
C ASP G 103 -18.12 -20.47 -13.08
N LEU G 104 -17.99 -20.75 -11.78
CA LEU G 104 -17.91 -22.12 -11.26
C LEU G 104 -19.25 -22.59 -10.70
N GLY G 105 -19.81 -23.66 -11.28
CA GLY G 105 -21.10 -24.16 -10.83
C GLY G 105 -20.97 -24.92 -9.53
N PRO G 106 -22.12 -25.21 -8.90
CA PRO G 106 -22.14 -25.86 -7.58
C PRO G 106 -21.52 -27.26 -7.60
N ASP G 107 -21.48 -27.88 -8.77
CA ASP G 107 -20.90 -29.21 -8.92
C ASP G 107 -19.47 -29.18 -9.43
N GLY G 108 -18.89 -27.99 -9.52
CA GLY G 108 -17.51 -27.87 -9.98
C GLY G 108 -17.35 -27.62 -11.47
N ARG G 109 -18.45 -27.61 -12.22
CA ARG G 109 -18.32 -27.48 -13.67
C ARG G 109 -18.13 -26.02 -14.06
N LEU G 110 -17.72 -25.81 -15.30
CA LEU G 110 -17.64 -24.46 -15.85
C LEU G 110 -19.04 -24.02 -16.30
N LEU G 111 -19.63 -23.06 -15.60
CA LEU G 111 -20.92 -22.52 -16.00
C LEU G 111 -20.78 -21.62 -17.22
N ARG G 112 -19.71 -20.83 -17.25
N ARG G 112 -19.71 -20.84 -17.24
CA ARG G 112 -19.43 -19.89 -18.34
CA ARG G 112 -19.40 -19.97 -18.37
C ARG G 112 -17.98 -19.41 -18.23
C ARG G 112 -18.00 -19.40 -18.24
N GLY G 113 -17.31 -19.29 -19.37
CA GLY G 113 -15.97 -18.75 -19.40
C GLY G 113 -16.04 -17.51 -20.27
N TYR G 114 -15.24 -16.50 -19.95
CA TYR G 114 -15.34 -15.20 -20.62
C TYR G 114 -14.00 -14.66 -21.08
N TYR G 115 -14.00 -14.01 -22.25
CA TYR G 115 -12.91 -13.13 -22.65
C TYR G 115 -13.45 -12.12 -23.63
N GLN G 116 -13.47 -10.85 -23.24
CA GLN G 116 -13.97 -9.85 -24.16
C GLN G 116 -13.23 -8.54 -24.01
N GLN G 117 -13.25 -7.76 -25.08
CA GLN G 117 -12.51 -6.51 -25.13
C GLN G 117 -13.45 -5.37 -25.51
N ALA G 118 -13.12 -4.17 -25.03
CA ALA G 118 -13.75 -2.95 -25.50
C ALA G 118 -12.69 -1.95 -25.88
N TYR G 119 -12.94 -1.21 -26.96
CA TYR G 119 -12.04 -0.14 -27.38
C TYR G 119 -12.72 1.21 -27.23
N ASP G 120 -12.06 2.13 -26.55
CA ASP G 120 -12.61 3.43 -26.23
C ASP G 120 -14.04 3.32 -25.66
N GLY G 121 -14.25 2.34 -24.79
CA GLY G 121 -15.52 2.22 -24.10
C GLY G 121 -16.64 1.48 -24.81
N ARG G 122 -16.35 0.91 -25.99
CA ARG G 122 -17.39 0.19 -26.74
C ARG G 122 -16.96 -1.26 -27.02
N ASP G 123 -17.91 -2.18 -26.98
N ASP G 123 -17.91 -2.18 -26.99
CA ASP G 123 -17.64 -3.59 -27.29
CA ASP G 123 -17.59 -3.58 -27.25
C ASP G 123 -16.84 -3.73 -28.58
C ASP G 123 -16.87 -3.76 -28.59
N TYR G 124 -15.81 -4.57 -28.55
CA TYR G 124 -14.95 -4.79 -29.70
C TYR G 124 -15.01 -6.26 -30.14
N ILE G 125 -14.59 -7.16 -29.26
CA ILE G 125 -14.67 -8.58 -29.59
C ILE G 125 -14.96 -9.40 -28.32
N ALA G 126 -15.67 -10.52 -28.49
CA ALA G 126 -16.01 -11.38 -27.35
C ALA G 126 -15.89 -12.87 -27.70
N LEU G 127 -15.34 -13.66 -26.78
CA LEU G 127 -15.42 -15.11 -26.87
C LEU G 127 -16.85 -15.56 -26.59
N ASN G 128 -17.45 -16.31 -27.52
CA ASN G 128 -18.82 -16.77 -27.35
C ASN G 128 -18.91 -17.85 -26.27
N GLU G 129 -20.14 -18.13 -25.83
CA GLU G 129 -20.36 -19.08 -24.75
C GLU G 129 -19.76 -20.45 -25.06
N ASP G 130 -19.72 -20.81 -26.35
CA ASP G 130 -19.23 -22.12 -26.74
C ASP G 130 -17.71 -22.23 -26.68
N LEU G 131 -17.05 -21.11 -26.37
CA LEU G 131 -15.59 -21.04 -26.24
C LEU G 131 -14.84 -21.53 -27.48
N ARG G 132 -15.49 -21.47 -28.63
CA ARG G 132 -14.88 -21.96 -29.87
C ARG G 132 -15.12 -21.01 -31.04
N SER G 133 -15.84 -19.92 -30.76
CA SER G 133 -16.16 -18.93 -31.78
C SER G 133 -16.10 -17.51 -31.19
N TRP G 134 -16.05 -16.50 -32.07
CA TRP G 134 -15.98 -15.11 -31.63
C TRP G 134 -17.13 -14.26 -32.18
N THR G 135 -17.45 -13.19 -31.48
CA THR G 135 -18.35 -12.15 -32.00
C THR G 135 -17.58 -10.84 -32.14
N ALA G 136 -17.57 -10.28 -33.35
CA ALA G 136 -16.83 -9.05 -33.65
C ALA G 136 -17.79 -7.88 -33.85
N ALA G 137 -17.45 -6.71 -33.32
CA ALA G 137 -18.35 -5.57 -33.39
C ALA G 137 -18.36 -4.92 -34.76
N ASP G 138 -17.24 -4.99 -35.46
CA ASP G 138 -17.08 -4.27 -36.72
C ASP G 138 -15.97 -4.91 -37.56
N GLU G 139 -15.60 -4.29 -38.67
CA GLU G 139 -14.61 -4.93 -39.54
C GLU G 139 -13.24 -4.94 -38.90
N ALA G 140 -12.96 -3.94 -38.08
CA ALA G 140 -11.74 -3.93 -37.31
C ALA G 140 -11.63 -5.20 -36.48
N ALA G 141 -12.70 -5.51 -35.74
CA ALA G 141 -12.68 -6.69 -34.88
C ALA G 141 -12.72 -7.99 -35.69
N GLN G 142 -13.34 -7.95 -36.87
CA GLN G 142 -13.30 -9.11 -37.76
C GLN G 142 -11.88 -9.39 -38.20
N ASN G 143 -11.09 -8.34 -38.36
CA ASN G 143 -9.66 -8.47 -38.61
C ASN G 143 -8.99 -9.24 -37.49
N THR G 144 -9.27 -8.79 -36.27
CA THR G 144 -8.76 -9.44 -35.08
C THR G 144 -9.22 -10.89 -35.03
N GLN G 145 -10.51 -11.12 -35.29
CA GLN G 145 -11.08 -12.46 -35.26
C GLN G 145 -10.33 -13.39 -36.21
N ARG G 146 -10.08 -12.94 -37.44
CA ARG G 146 -9.34 -13.78 -38.37
C ARG G 146 -7.95 -14.14 -37.84
N LYS G 147 -7.24 -13.16 -37.29
CA LYS G 147 -5.92 -13.41 -36.74
C LYS G 147 -5.98 -14.44 -35.62
N TRP G 148 -7.04 -14.36 -34.81
CA TRP G 148 -7.16 -15.21 -33.63
C TRP G 148 -7.65 -16.61 -34.01
N GLU G 149 -8.46 -16.68 -35.05
CA GLU G 149 -8.87 -17.96 -35.60
C GLU G 149 -7.65 -18.70 -36.17
N ALA G 150 -6.78 -17.97 -36.86
CA ALA G 150 -5.57 -18.55 -37.44
C ALA G 150 -4.63 -19.09 -36.35
N ALA G 151 -4.55 -18.36 -35.23
CA ALA G 151 -3.58 -18.68 -34.18
C ALA G 151 -4.15 -19.62 -33.11
N GLY G 152 -5.38 -20.09 -33.34
CA GLY G 152 -6.03 -21.01 -32.42
C GLY G 152 -6.26 -20.46 -31.02
N VAL G 153 -6.55 -19.17 -30.92
CA VAL G 153 -6.70 -18.49 -29.63
C VAL G 153 -7.91 -18.99 -28.83
N ALA G 154 -9.02 -19.30 -29.50
CA ALA G 154 -10.20 -19.82 -28.83
C ALA G 154 -9.88 -21.08 -28.03
N GLU G 155 -9.03 -21.93 -28.63
CA GLU G 155 -8.63 -23.18 -28.01
C GLU G 155 -7.79 -22.95 -26.77
N GLN G 156 -6.88 -21.98 -26.85
CA GLN G 156 -6.03 -21.64 -25.71
C GLN G 156 -6.85 -21.10 -24.53
N TRP G 157 -7.90 -20.34 -24.83
CA TRP G 157 -8.75 -19.82 -23.77
C TRP G 157 -9.62 -20.91 -23.16
N ARG G 158 -10.13 -21.81 -24.00
CA ARG G 158 -10.92 -22.92 -23.50
C ARG G 158 -10.11 -23.75 -22.51
N ALA G 159 -8.84 -24.01 -22.85
CA ALA G 159 -7.96 -24.79 -21.98
C ALA G 159 -7.83 -24.14 -20.59
N TYR G 160 -7.61 -22.83 -20.59
CA TYR G 160 -7.46 -22.07 -19.37
C TYR G 160 -8.78 -22.00 -18.59
N LEU G 161 -9.85 -21.68 -19.29
CA LEU G 161 -11.14 -21.45 -18.65
C LEU G 161 -11.70 -22.71 -18.02
N GLU G 162 -11.48 -23.85 -18.67
CA GLU G 162 -12.02 -25.12 -18.17
C GLU G 162 -11.07 -25.77 -17.17
N GLY G 163 -9.83 -25.28 -17.11
CA GLY G 163 -8.85 -25.83 -16.22
C GLY G 163 -8.40 -24.89 -15.12
N GLU G 164 -7.29 -24.19 -15.37
CA GLU G 164 -6.64 -23.36 -14.37
C GLU G 164 -7.55 -22.27 -13.79
N CYS G 165 -8.43 -21.73 -14.61
CA CYS G 165 -9.33 -20.68 -14.12
C CYS G 165 -10.22 -21.24 -12.99
N LEU G 166 -10.76 -22.43 -13.20
CA LEU G 166 -11.62 -23.04 -12.19
C LEU G 166 -10.81 -23.53 -10.98
N GLU G 167 -9.63 -24.10 -11.21
CA GLU G 167 -8.81 -24.58 -10.11
C GLU G 167 -8.36 -23.44 -9.21
N SER G 168 -7.97 -22.32 -9.82
CA SER G 168 -7.57 -21.14 -9.08
C SER G 168 -8.74 -20.60 -8.25
N LEU G 169 -9.89 -20.45 -8.91
CA LEU G 169 -11.10 -19.98 -8.25
C LEU G 169 -11.45 -20.88 -7.05
N ARG G 170 -11.37 -22.19 -7.25
N ARG G 170 -11.39 -22.19 -7.26
CA ARG G 170 -11.65 -23.14 -6.18
CA ARG G 170 -11.63 -23.15 -6.18
C ARG G 170 -10.67 -22.95 -5.00
C ARG G 170 -10.68 -22.93 -5.01
N ARG G 171 -9.40 -22.77 -5.31
CA ARG G 171 -8.40 -22.54 -4.25
C ARG G 171 -8.69 -21.25 -3.47
N TYR G 172 -9.00 -20.18 -4.19
CA TYR G 172 -9.36 -18.91 -3.57
C TYR G 172 -10.58 -19.04 -2.67
N LEU G 173 -11.59 -19.74 -3.15
CA LEU G 173 -12.85 -19.90 -2.44
C LEU G 173 -12.60 -20.69 -1.15
N GLU G 174 -11.63 -21.59 -1.18
CA GLU G 174 -11.25 -22.35 0.00
C GLU G 174 -10.44 -21.49 0.96
N ASN G 175 -9.38 -20.85 0.47
CA ASN G 175 -8.51 -20.02 1.29
C ASN G 175 -9.22 -18.85 1.97
N GLY G 176 -10.12 -18.19 1.24
CA GLY G 176 -10.86 -17.08 1.80
C GLY G 176 -12.30 -17.46 2.12
N LYS G 177 -12.53 -18.71 2.51
CA LYS G 177 -13.88 -19.22 2.64
C LYS G 177 -14.74 -18.40 3.59
N GLU G 178 -14.14 -17.95 4.69
CA GLU G 178 -14.90 -17.23 5.72
C GLU G 178 -15.34 -15.86 5.23
N THR G 179 -14.67 -15.35 4.22
CA THR G 179 -15.04 -14.08 3.60
C THR G 179 -15.97 -14.33 2.42
N LEU G 180 -15.59 -15.27 1.57
CA LEU G 180 -16.26 -15.44 0.28
C LEU G 180 -17.50 -16.30 0.32
N GLN G 181 -17.59 -17.24 1.25
CA GLN G 181 -18.73 -18.13 1.23
C GLN G 181 -19.79 -17.75 2.27
N ARG G 182 -19.73 -16.50 2.74
CA ARG G 182 -20.72 -16.00 3.70
C ARG G 182 -21.57 -14.90 3.11
N ALA G 183 -22.86 -15.15 2.98
CA ALA G 183 -23.81 -14.14 2.54
C ALA G 183 -24.29 -13.33 3.74
N GLU G 184 -24.03 -12.02 3.69
CA GLU G 184 -24.43 -11.11 4.74
C GLU G 184 -25.73 -10.45 4.31
N PRO G 185 -26.82 -10.72 5.03
CA PRO G 185 -28.10 -10.08 4.65
C PRO G 185 -28.08 -8.57 4.86
N PRO G 186 -28.85 -7.83 4.06
CA PRO G 186 -28.94 -6.39 4.33
C PRO G 186 -29.65 -6.10 5.63
N LYS G 187 -29.13 -5.15 6.38
CA LYS G 187 -29.89 -4.55 7.46
C LYS G 187 -30.74 -3.46 6.82
N THR G 188 -32.06 -3.49 7.08
CA THR G 188 -32.97 -2.63 6.33
C THR G 188 -33.79 -1.76 7.26
N HIS G 189 -34.23 -0.63 6.73
CA HIS G 189 -35.19 0.23 7.43
C HIS G 189 -35.72 1.31 6.51
N VAL G 190 -36.83 1.91 6.91
CA VAL G 190 -37.44 2.99 6.15
C VAL G 190 -37.34 4.27 6.94
N THR G 191 -36.94 5.36 6.28
CA THR G 191 -37.00 6.68 6.91
C THR G 191 -38.08 7.52 6.25
N HIS G 192 -38.52 8.56 6.96
CA HIS G 192 -39.64 9.41 6.55
C HIS G 192 -39.24 10.87 6.82
N HIS G 193 -39.29 11.71 5.78
CA HIS G 193 -38.95 13.14 5.88
C HIS G 193 -40.00 13.98 5.15
N PRO G 194 -40.75 14.81 5.88
CA PRO G 194 -41.71 15.66 5.18
C PRO G 194 -41.05 16.57 4.14
N VAL G 195 -41.73 16.83 3.04
CA VAL G 195 -41.24 17.83 2.09
C VAL G 195 -42.15 19.07 2.10
N SER G 196 -43.35 18.89 2.64
CA SER G 196 -44.35 19.94 2.86
C SER G 196 -45.18 19.39 4.01
N ASP G 197 -46.24 20.09 4.42
CA ASP G 197 -47.08 19.48 5.44
C ASP G 197 -48.05 18.44 4.84
N HIS G 198 -47.93 18.18 3.53
CA HIS G 198 -48.85 17.29 2.84
C HIS G 198 -48.16 16.17 2.04
N GLU G 199 -46.83 16.22 2.00
CA GLU G 199 -46.06 15.22 1.29
C GLU G 199 -44.83 14.81 2.08
N ALA G 200 -44.36 13.58 1.88
CA ALA G 200 -43.16 13.11 2.56
C ALA G 200 -42.34 12.22 1.65
N THR G 201 -41.02 12.29 1.82
CA THR G 201 -40.09 11.34 1.20
C THR G 201 -39.97 10.08 2.04
N LEU G 202 -40.26 8.94 1.44
CA LEU G 202 -40.01 7.66 2.10
C LEU G 202 -38.76 7.07 1.48
N ARG G 203 -37.77 6.72 2.30
CA ARG G 203 -36.53 6.14 1.77
C ARG G 203 -36.29 4.76 2.37
N CYS G 204 -36.11 3.77 1.50
CA CYS G 204 -35.88 2.39 1.94
C CYS G 204 -34.38 2.11 1.86
N TRP G 205 -33.79 1.74 2.99
CA TRP G 205 -32.36 1.50 3.12
C TRP G 205 -32.00 0.02 3.17
N ALA G 206 -30.89 -0.35 2.53
CA ALA G 206 -30.29 -1.67 2.72
C ALA G 206 -28.80 -1.48 2.95
N LEU G 207 -28.30 -1.94 4.09
CA LEU G 207 -26.92 -1.68 4.48
C LEU G 207 -26.17 -2.95 4.92
N GLY G 208 -24.86 -2.98 4.67
CA GLY G 208 -24.02 -4.05 5.18
C GLY G 208 -24.19 -5.40 4.51
N PHE G 209 -24.65 -5.42 3.26
CA PHE G 209 -24.92 -6.71 2.63
C PHE G 209 -23.77 -7.14 1.73
N TYR G 210 -23.67 -8.45 1.56
CA TYR G 210 -22.71 -9.08 0.67
C TYR G 210 -23.34 -10.42 0.23
N PRO G 211 -23.28 -10.75 -1.08
CA PRO G 211 -22.63 -9.99 -2.15
C PRO G 211 -23.42 -8.77 -2.63
N ALA G 212 -22.97 -8.15 -3.70
CA ALA G 212 -23.51 -6.84 -4.09
C ALA G 212 -24.90 -6.92 -4.73
N GLU G 213 -25.25 -8.06 -5.35
CA GLU G 213 -26.53 -8.17 -6.04
C GLU G 213 -27.71 -8.00 -5.09
N ILE G 214 -28.64 -7.14 -5.46
CA ILE G 214 -29.79 -6.89 -4.61
C ILE G 214 -30.91 -6.29 -5.45
N THR G 215 -32.15 -6.50 -5.00
CA THR G 215 -33.30 -5.86 -5.62
C THR G 215 -34.00 -5.04 -4.55
N LEU G 216 -34.29 -3.79 -4.87
CA LEU G 216 -34.91 -2.86 -3.92
C LEU G 216 -35.97 -2.08 -4.67
N THR G 217 -37.24 -2.31 -4.36
CA THR G 217 -38.30 -1.71 -5.15
C THR G 217 -39.43 -1.17 -4.26
N TRP G 218 -39.92 0.01 -4.59
CA TRP G 218 -41.09 0.58 -3.91
C TRP G 218 -42.34 0.20 -4.69
N GLN G 219 -43.34 -0.30 -3.97
CA GLN G 219 -44.64 -0.59 -4.56
C GLN G 219 -45.69 0.28 -3.89
N ARG G 220 -46.69 0.70 -4.67
CA ARG G 220 -47.87 1.36 -4.13
C ARG G 220 -49.05 0.45 -4.37
N ASP G 221 -49.62 -0.07 -3.29
CA ASP G 221 -50.70 -1.05 -3.39
C ASP G 221 -50.31 -2.21 -4.29
N GLY G 222 -49.09 -2.71 -4.10
CA GLY G 222 -48.60 -3.88 -4.82
C GLY G 222 -48.15 -3.62 -6.25
N GLU G 223 -48.12 -2.34 -6.66
CA GLU G 223 -47.70 -1.96 -8.00
C GLU G 223 -46.35 -1.22 -8.01
N ASP G 224 -45.41 -1.70 -8.82
CA ASP G 224 -44.08 -1.07 -8.91
C ASP G 224 -44.13 0.41 -9.27
N GLN G 225 -43.33 1.20 -8.58
CA GLN G 225 -43.27 2.64 -8.78
C GLN G 225 -41.94 3.02 -9.43
N THR G 226 -41.49 2.18 -10.35
CA THR G 226 -40.12 2.31 -10.85
C THR G 226 -39.83 3.67 -11.48
N GLN G 227 -40.81 4.28 -12.13
CA GLN G 227 -40.61 5.58 -12.76
C GLN G 227 -40.92 6.78 -11.86
N ASP G 228 -41.16 6.53 -10.57
CA ASP G 228 -41.25 7.62 -9.59
C ASP G 228 -40.25 7.40 -8.44
N THR G 229 -39.40 6.39 -8.58
CA THR G 229 -38.45 6.06 -7.55
C THR G 229 -37.07 6.60 -7.88
N GLU G 230 -36.47 7.32 -6.93
CA GLU G 230 -35.05 7.62 -7.06
C GLU G 230 -34.31 6.45 -6.44
N LEU G 231 -33.52 5.77 -7.25
CA LEU G 231 -32.81 4.59 -6.82
C LEU G 231 -31.34 4.81 -7.08
N VAL G 232 -30.50 4.78 -6.04
CA VAL G 232 -29.08 5.03 -6.27
C VAL G 232 -28.42 3.73 -6.65
N GLU G 233 -27.28 3.84 -7.32
CA GLU G 233 -26.42 2.71 -7.62
C GLU G 233 -25.91 2.05 -6.35
N THR G 234 -25.88 0.73 -6.36
CA THR G 234 -25.29 -0.03 -5.27
C THR G 234 -23.86 0.43 -5.08
N ARG G 235 -23.51 0.75 -3.84
CA ARG G 235 -22.24 1.40 -3.56
C ARG G 235 -21.51 0.67 -2.42
N PRO G 236 -20.17 0.68 -2.44
CA PRO G 236 -19.40 -0.06 -1.43
C PRO G 236 -19.34 0.64 -0.07
N GLY G 237 -19.46 -0.12 1.01
CA GLY G 237 -19.23 0.42 2.33
C GLY G 237 -17.77 0.71 2.60
N GLY G 238 -16.88 0.01 1.89
CA GLY G 238 -15.45 0.17 2.09
C GLY G 238 -14.89 -0.92 3.01
N ASP G 239 -15.80 -1.68 3.61
CA ASP G 239 -15.45 -2.73 4.56
C ASP G 239 -15.80 -4.12 4.02
N GLY G 240 -16.01 -4.21 2.71
CA GLY G 240 -16.39 -5.46 2.10
C GLY G 240 -17.89 -5.72 1.99
N THR G 241 -18.69 -4.73 2.37
CA THR G 241 -20.13 -4.83 2.22
C THR G 241 -20.62 -3.77 1.24
N PHE G 242 -21.94 -3.76 1.02
CA PHE G 242 -22.53 -2.83 0.08
C PHE G 242 -23.75 -2.13 0.68
N GLN G 243 -24.18 -1.05 0.04
CA GLN G 243 -25.28 -0.20 0.50
C GLN G 243 -26.14 0.17 -0.69
N LYS G 244 -27.43 0.38 -0.46
CA LYS G 244 -28.29 0.90 -1.50
C LYS G 244 -29.49 1.56 -0.84
N TRP G 245 -30.07 2.56 -1.51
CA TRP G 245 -31.40 3.02 -1.12
C TRP G 245 -32.26 3.41 -2.32
N GLY G 246 -33.57 3.45 -2.08
CA GLY G 246 -34.52 3.90 -3.08
C GLY G 246 -35.55 4.74 -2.34
N ALA G 247 -36.00 5.82 -2.98
CA ALA G 247 -36.94 6.73 -2.31
C ALA G 247 -38.09 7.14 -3.22
N VAL G 248 -39.22 7.43 -2.59
CA VAL G 248 -40.39 7.94 -3.31
C VAL G 248 -40.95 9.12 -2.51
N VAL G 249 -41.52 10.09 -3.22
CA VAL G 249 -42.20 11.21 -2.59
C VAL G 249 -43.69 10.96 -2.71
N VAL G 250 -44.39 10.95 -1.58
CA VAL G 250 -45.76 10.45 -1.58
C VAL G 250 -46.68 11.39 -0.80
N PRO G 251 -47.99 11.34 -1.10
CA PRO G 251 -48.96 12.09 -0.30
C PRO G 251 -48.99 11.55 1.11
N SER G 252 -48.98 12.43 2.10
CA SER G 252 -48.94 12.00 3.50
C SER G 252 -50.00 10.95 3.82
N GLY G 253 -51.21 11.13 3.29
CA GLY G 253 -52.29 10.21 3.63
C GLY G 253 -52.19 8.85 2.97
N GLU G 254 -51.26 8.72 2.03
CA GLU G 254 -51.12 7.48 1.28
C GLU G 254 -49.90 6.68 1.69
N GLU G 255 -49.20 7.14 2.73
CA GLU G 255 -47.92 6.53 3.11
C GLU G 255 -48.00 5.03 3.36
N GLN G 256 -49.08 4.57 3.95
CA GLN G 256 -49.19 3.15 4.24
C GLN G 256 -49.57 2.33 3.02
N ARG G 257 -49.83 2.97 1.89
CA ARG G 257 -50.01 2.24 0.64
C ARG G 257 -48.68 1.76 0.09
N TYR G 258 -47.58 2.32 0.60
CA TYR G 258 -46.28 2.04 0.02
C TYR G 258 -45.52 0.96 0.79
N THR G 259 -44.92 0.02 0.05
CA THR G 259 -44.08 -0.98 0.66
C THR G 259 -42.78 -1.08 -0.14
N CYS G 260 -41.69 -1.28 0.59
CA CYS G 260 -40.40 -1.51 -0.03
C CYS G 260 -40.10 -3.01 -0.03
N HIS G 261 -39.65 -3.52 -1.17
CA HIS G 261 -39.44 -4.96 -1.26
C HIS G 261 -37.97 -5.21 -1.52
N VAL G 262 -37.35 -6.04 -0.69
CA VAL G 262 -35.92 -6.27 -0.76
C VAL G 262 -35.60 -7.76 -0.99
N GLN G 263 -34.84 -8.04 -2.04
CA GLN G 263 -34.37 -9.39 -2.35
C GLN G 263 -32.86 -9.45 -2.29
N HIS G 264 -32.33 -10.43 -1.54
CA HIS G 264 -30.89 -10.67 -1.39
C HIS G 264 -30.65 -12.14 -0.96
N GLU G 265 -29.58 -12.74 -1.51
N GLU G 265 -29.58 -12.77 -1.48
CA GLU G 265 -29.23 -14.15 -1.23
CA GLU G 265 -29.39 -14.19 -1.22
C GLU G 265 -29.20 -14.45 0.26
C GLU G 265 -29.10 -14.51 0.26
N GLY G 266 -28.75 -13.49 1.04
CA GLY G 266 -28.62 -13.67 2.48
C GLY G 266 -29.94 -13.66 3.25
N LEU G 267 -31.03 -13.40 2.54
CA LEU G 267 -32.36 -13.38 3.17
C LEU G 267 -33.09 -14.70 2.99
N PRO G 268 -33.56 -15.30 4.10
CA PRO G 268 -34.37 -16.53 4.07
C PRO G 268 -35.60 -16.37 3.20
N GLU G 269 -36.21 -15.19 3.25
CA GLU G 269 -37.33 -14.85 2.39
C GLU G 269 -37.25 -13.36 2.06
N PRO G 270 -37.75 -12.96 0.88
CA PRO G 270 -37.90 -11.54 0.52
C PRO G 270 -38.53 -10.74 1.65
N LEU G 271 -38.01 -9.54 1.87
CA LEU G 271 -38.55 -8.67 2.91
C LEU G 271 -39.57 -7.71 2.34
N THR G 272 -40.59 -7.43 3.15
CA THR G 272 -41.52 -6.36 2.86
C THR G 272 -41.47 -5.34 3.99
N LEU G 273 -41.08 -4.12 3.66
CA LEU G 273 -40.97 -3.05 4.65
C LEU G 273 -42.00 -1.96 4.38
N ARG G 274 -42.42 -1.32 5.45
CA ARG G 274 -43.30 -0.17 5.33
C ARG G 274 -42.80 0.89 6.29
N TRP G 275 -43.22 2.13 6.06
CA TRP G 275 -42.92 3.19 6.99
C TRP G 275 -43.67 2.91 8.30
N GLU G 276 -42.90 2.73 9.37
CA GLU G 276 -43.46 2.42 10.68
C GLU G 276 -43.28 3.61 11.63
N PRO G 277 -44.30 4.49 11.69
CA PRO G 277 -44.24 5.69 12.52
C PRO G 277 -44.38 5.38 14.00
N ALA H 1 -14.26 8.34 -29.44
CA ALA H 1 -14.33 7.65 -28.15
C ALA H 1 -15.59 8.05 -27.38
N ILE H 2 -16.20 7.09 -26.71
CA ILE H 2 -17.39 7.35 -25.91
C ILE H 2 -17.00 8.23 -24.72
N GLN H 3 -17.96 9.01 -24.21
CA GLN H 3 -17.74 9.78 -22.98
C GLN H 3 -18.93 9.60 -22.05
N ARG H 4 -18.66 9.32 -20.78
CA ARG H 4 -19.72 9.16 -19.81
C ARG H 4 -19.41 9.96 -18.56
N THR H 5 -20.42 10.70 -18.10
CA THR H 5 -20.28 11.62 -16.97
C THR H 5 -20.27 10.85 -15.65
N PRO H 6 -19.38 11.23 -14.72
CA PRO H 6 -19.37 10.50 -13.44
C PRO H 6 -20.61 10.76 -12.59
N LYS H 7 -21.08 9.69 -11.94
CA LYS H 7 -22.06 9.78 -10.88
C LYS H 7 -21.27 9.91 -9.57
N ILE H 8 -21.81 10.66 -8.62
CA ILE H 8 -21.10 10.91 -7.38
C ILE H 8 -22.01 10.68 -6.19
N GLN H 9 -21.56 9.83 -5.28
CA GLN H 9 -22.24 9.63 -4.01
C GLN H 9 -21.29 9.90 -2.86
N VAL H 10 -21.78 10.66 -1.87
CA VAL H 10 -20.98 11.00 -0.71
C VAL H 10 -21.71 10.51 0.52
N TYR H 11 -21.05 9.67 1.32
CA TYR H 11 -21.73 8.96 2.39
C TYR H 11 -20.72 8.42 3.41
N SER H 12 -21.21 8.00 4.57
CA SER H 12 -20.33 7.38 5.55
C SER H 12 -20.50 5.87 5.52
N ARG H 13 -19.48 5.14 5.98
CA ARG H 13 -19.55 3.69 6.04
C ARG H 13 -20.69 3.24 6.96
N HIS H 14 -20.73 3.82 8.16
CA HIS H 14 -21.78 3.51 9.12
C HIS H 14 -22.70 4.71 9.29
N PRO H 15 -23.92 4.48 9.82
CA PRO H 15 -24.77 5.61 10.20
C PRO H 15 -23.97 6.59 11.04
N PRO H 16 -24.02 7.88 10.69
CA PRO H 16 -23.19 8.85 11.40
C PRO H 16 -23.78 9.23 12.75
N GLU H 17 -22.94 9.23 13.77
CA GLU H 17 -23.31 9.83 15.04
C GLU H 17 -22.10 10.55 15.61
N ASN H 18 -22.36 11.76 16.12
CA ASN H 18 -21.30 12.67 16.54
C ASN H 18 -20.37 12.07 17.58
N GLY H 19 -19.07 12.30 17.38
CA GLY H 19 -18.05 11.84 18.31
C GLY H 19 -17.68 10.37 18.14
N LYS H 20 -18.30 9.70 17.19
CA LYS H 20 -17.97 8.31 16.92
C LYS H 20 -17.22 8.17 15.60
N PRO H 21 -16.01 7.60 15.65
CA PRO H 21 -15.18 7.40 14.45
C PRO H 21 -15.93 6.64 13.37
N ASN H 22 -15.59 6.92 12.13
CA ASN H 22 -16.36 6.44 10.99
C ASN H 22 -15.48 6.57 9.75
N PHE H 23 -16.03 6.26 8.59
CA PHE H 23 -15.30 6.46 7.35
C PHE H 23 -16.13 7.30 6.40
N LEU H 24 -15.51 8.31 5.82
CA LEU H 24 -16.15 9.15 4.82
C LEU H 24 -15.84 8.61 3.42
N ASN H 25 -16.90 8.33 2.66
CA ASN H 25 -16.77 7.72 1.34
C ASN H 25 -17.23 8.66 0.24
N CYS H 26 -16.48 8.70 -0.85
CA CYS H 26 -16.97 9.28 -2.10
C CYS H 26 -16.84 8.23 -3.18
N TYR H 27 -17.98 7.77 -3.67
CA TYR H 27 -18.04 6.74 -4.70
C TYR H 27 -18.33 7.42 -6.03
N VAL H 28 -17.40 7.28 -6.96
CA VAL H 28 -17.53 7.91 -8.26
C VAL H 28 -17.65 6.81 -9.30
N SER H 29 -18.75 6.81 -10.06
CA SER H 29 -19.00 5.70 -10.98
C SER H 29 -19.59 6.12 -12.32
N GLY H 30 -19.69 5.14 -13.21
CA GLY H 30 -20.25 5.33 -14.53
C GLY H 30 -19.52 6.28 -15.46
N PHE H 31 -18.23 6.53 -15.22
CA PHE H 31 -17.50 7.49 -16.07
C PHE H 31 -16.56 6.85 -17.10
N HIS H 32 -16.19 7.64 -18.09
CA HIS H 32 -15.31 7.22 -19.18
C HIS H 32 -14.91 8.51 -19.90
N PRO H 33 -13.62 8.71 -20.21
CA PRO H 33 -12.44 7.87 -19.98
C PRO H 33 -12.02 7.84 -18.50
N SER H 34 -10.90 7.21 -18.19
CA SER H 34 -10.60 6.82 -16.81
C SER H 34 -9.90 7.90 -15.98
N ASP H 35 -9.24 8.85 -16.63
CA ASP H 35 -8.57 9.94 -15.91
C ASP H 35 -9.59 10.71 -15.11
N ILE H 36 -9.32 10.90 -13.83
CA ILE H 36 -10.27 11.63 -13.02
C ILE H 36 -9.55 12.20 -11.79
N GLU H 37 -10.09 13.30 -11.27
CA GLU H 37 -9.57 13.96 -10.08
C GLU H 37 -10.62 13.95 -9.00
N VAL H 38 -10.28 13.45 -7.82
CA VAL H 38 -11.23 13.40 -6.70
C VAL H 38 -10.56 13.86 -5.39
N ASP H 39 -11.21 14.78 -4.69
CA ASP H 39 -10.77 15.24 -3.39
C ASP H 39 -11.90 15.12 -2.37
N LEU H 40 -11.55 14.75 -1.15
CA LEU H 40 -12.48 14.87 -0.04
C LEU H 40 -12.25 16.22 0.63
N LEU H 41 -13.33 16.92 0.95
CA LEU H 41 -13.21 18.27 1.51
C LEU H 41 -13.81 18.39 2.90
N LYS H 42 -13.00 18.92 3.83
CA LYS H 42 -13.44 19.25 5.18
C LYS H 42 -13.55 20.76 5.32
N ASN H 43 -14.78 21.27 5.34
CA ASN H 43 -15.06 22.70 5.42
C ASN H 43 -14.44 23.52 4.27
N GLY H 44 -14.44 22.95 3.07
CA GLY H 44 -13.89 23.62 1.91
C GLY H 44 -12.38 23.40 1.79
N GLU H 45 -11.79 22.75 2.79
CA GLU H 45 -10.36 22.48 2.75
C GLU H 45 -10.04 21.05 2.34
N LYS H 46 -9.05 20.91 1.45
CA LYS H 46 -8.68 19.61 0.92
C LYS H 46 -8.09 18.71 2.02
N MET H 47 -8.85 17.65 2.33
CA MET H 47 -8.46 16.66 3.32
C MET H 47 -7.30 15.85 2.86
N GLY H 48 -6.57 15.31 3.80
CA GLY H 48 -5.42 14.49 3.50
C GLY H 48 -5.64 13.13 4.07
N LYS H 49 -4.74 12.22 3.76
CA LYS H 49 -4.86 10.86 4.21
C LYS H 49 -6.04 10.21 3.48
N VAL H 50 -6.40 10.74 2.31
CA VAL H 50 -7.48 10.20 1.52
C VAL H 50 -6.97 9.11 0.60
N GLU H 51 -7.50 7.92 0.77
CA GLU H 51 -7.14 6.76 -0.04
C GLU H 51 -8.18 6.46 -1.09
N HIS H 52 -7.82 5.66 -2.09
CA HIS H 52 -8.79 5.26 -3.11
C HIS H 52 -8.57 3.84 -3.59
N SER H 53 -9.65 3.23 -4.06
CA SER H 53 -9.60 1.88 -4.61
C SER H 53 -8.84 1.84 -5.94
N ASP H 54 -8.49 0.63 -6.38
CA ASP H 54 -7.85 0.38 -7.66
C ASP H 54 -8.89 0.49 -8.76
N LEU H 55 -8.48 1.06 -9.89
CA LEU H 55 -9.40 1.29 -11.01
C LEU H 55 -10.06 0.01 -11.49
N SER H 56 -11.38 0.01 -11.50
N SER H 56 -11.38 0.02 -11.51
CA SER H 56 -12.14 -1.12 -11.99
CA SER H 56 -12.16 -1.09 -11.99
C SER H 56 -13.30 -0.60 -12.84
C SER H 56 -13.27 -0.58 -12.89
N PHE H 57 -14.09 -1.49 -13.42
CA PHE H 57 -15.20 -1.08 -14.24
C PHE H 57 -16.35 -2.07 -14.26
N SER H 58 -17.50 -1.55 -14.67
CA SER H 58 -18.75 -2.28 -14.64
C SER H 58 -19.06 -2.94 -15.97
N LYS H 59 -20.20 -3.62 -16.02
CA LYS H 59 -20.61 -4.39 -17.19
C LYS H 59 -20.63 -3.58 -18.48
N ASP H 60 -20.98 -2.30 -18.38
CA ASP H 60 -21.04 -1.42 -19.55
C ASP H 60 -19.69 -0.77 -19.88
N TRP H 61 -18.62 -1.25 -19.23
CA TRP H 61 -17.24 -0.76 -19.34
C TRP H 61 -16.97 0.59 -18.68
N SER H 62 -17.97 1.18 -18.03
CA SER H 62 -17.73 2.46 -17.37
C SER H 62 -16.95 2.22 -16.06
N PHE H 63 -16.10 3.19 -15.71
CA PHE H 63 -15.20 3.04 -14.55
C PHE H 63 -15.85 3.46 -13.23
N TYR H 64 -15.33 2.92 -12.13
CA TYR H 64 -15.71 3.36 -10.80
C TYR H 64 -14.52 3.32 -9.84
N LEU H 65 -14.57 4.19 -8.84
CA LEU H 65 -13.54 4.36 -7.83
C LEU H 65 -14.20 4.73 -6.52
N LEU H 66 -13.67 4.23 -5.42
CA LEU H 66 -14.04 4.68 -4.09
C LEU H 66 -12.90 5.49 -3.48
N TYR H 67 -13.16 6.73 -3.09
CA TYR H 67 -12.23 7.53 -2.30
C TYR H 67 -12.74 7.54 -0.86
N TYR H 68 -11.83 7.47 0.10
CA TYR H 68 -12.28 7.36 1.49
C TYR H 68 -11.24 7.76 2.52
N THR H 69 -11.70 8.12 3.71
CA THR H 69 -10.78 8.40 4.81
C THR H 69 -11.53 8.32 6.14
N GLU H 70 -10.78 8.05 7.20
CA GLU H 70 -11.36 8.07 8.54
C GLU H 70 -11.80 9.51 8.86
N PHE H 71 -12.95 9.63 9.53
CA PHE H 71 -13.43 10.92 10.01
C PHE H 71 -14.32 10.72 11.24
N THR H 72 -14.53 11.79 12.00
CA THR H 72 -15.39 11.75 13.17
C THR H 72 -16.37 12.92 13.11
N PRO H 73 -17.60 12.63 12.69
CA PRO H 73 -18.55 13.71 12.37
C PRO H 73 -18.99 14.53 13.60
N ASN H 74 -19.23 15.81 13.37
CA ASN H 74 -19.77 16.72 14.38
C ASN H 74 -20.96 17.46 13.81
N GLU H 75 -21.63 18.25 14.65
CA GLU H 75 -22.65 19.16 14.15
C GLU H 75 -21.95 20.33 13.46
N LYS H 76 -20.70 20.54 13.84
CA LYS H 76 -19.88 21.65 13.38
C LYS H 76 -19.36 21.48 11.95
N ASP H 77 -18.58 20.42 11.75
CA ASP H 77 -17.91 20.20 10.48
CA ASP H 77 -17.91 20.19 10.48
C ASP H 77 -18.85 19.95 9.32
N GLU H 78 -18.42 20.36 8.13
CA GLU H 78 -19.14 20.11 6.89
C GLU H 78 -18.20 19.34 5.98
N TYR H 79 -18.74 18.38 5.25
CA TYR H 79 -17.91 17.56 4.38
C TYR H 79 -18.47 17.55 2.96
N ALA H 80 -17.58 17.33 2.00
CA ALA H 80 -17.99 17.23 0.61
C ALA H 80 -16.97 16.47 -0.22
N CYS H 81 -17.37 16.13 -1.44
CA CYS H 81 -16.49 15.47 -2.39
C CYS H 81 -16.39 16.35 -3.64
N ARG H 82 -15.20 16.50 -4.18
CA ARG H 82 -15.04 17.30 -5.38
C ARG H 82 -14.40 16.49 -6.50
N VAL H 83 -15.07 16.49 -7.64
CA VAL H 83 -14.67 15.64 -8.76
C VAL H 83 -14.47 16.47 -10.02
N ASN H 84 -13.36 16.24 -10.70
CA ASN H 84 -13.14 16.84 -12.02
C ASN H 84 -12.89 15.78 -13.10
N HIS H 85 -13.57 15.93 -14.25
CA HIS H 85 -13.52 14.97 -15.35
C HIS H 85 -13.72 15.73 -16.66
N VAL H 86 -13.25 15.16 -17.77
N VAL H 86 -13.24 15.18 -17.76
CA VAL H 86 -13.34 15.82 -19.08
CA VAL H 86 -13.33 15.84 -19.07
C VAL H 86 -14.77 16.05 -19.56
C VAL H 86 -14.79 16.15 -19.44
N THR H 87 -15.72 15.32 -18.98
CA THR H 87 -17.13 15.52 -19.28
C THR H 87 -17.75 16.68 -18.49
N LEU H 88 -16.96 17.31 -17.63
CA LEU H 88 -17.45 18.42 -16.80
C LEU H 88 -16.82 19.76 -17.21
N SER H 89 -17.58 20.84 -17.06
CA SER H 89 -17.05 22.19 -17.26
C SER H 89 -15.90 22.48 -16.31
N GLY H 90 -16.01 21.94 -15.09
CA GLY H 90 -14.99 22.12 -14.08
C GLY H 90 -15.37 21.30 -12.87
N PRO H 91 -14.58 21.40 -11.81
CA PRO H 91 -14.79 20.56 -10.62
C PRO H 91 -16.22 20.67 -10.11
N ARG H 92 -16.83 19.52 -9.86
CA ARG H 92 -18.17 19.45 -9.30
C ARG H 92 -18.04 19.13 -7.82
N THR H 93 -18.69 19.92 -6.99
CA THR H 93 -18.62 19.71 -5.55
C THR H 93 -19.95 19.18 -5.04
N VAL H 94 -19.93 18.01 -4.43
CA VAL H 94 -21.15 17.45 -3.86
C VAL H 94 -21.03 17.36 -2.35
N LYS H 95 -21.98 17.96 -1.64
CA LYS H 95 -21.98 18.00 -0.19
C LYS H 95 -22.41 16.66 0.40
N TRP H 96 -21.83 16.32 1.54
CA TRP H 96 -22.28 15.16 2.29
C TRP H 96 -23.62 15.45 2.95
N ASP H 97 -24.67 14.76 2.51
CA ASP H 97 -25.99 14.85 3.15
C ASP H 97 -26.13 13.78 4.22
N ARG H 98 -25.88 14.15 5.47
CA ARG H 98 -25.84 13.19 6.58
C ARG H 98 -27.20 12.78 7.13
N ASP H 99 -28.29 13.24 6.54
CA ASP H 99 -29.63 12.89 7.03
C ASP H 99 -30.27 11.78 6.22
N MET H 100 -30.11 10.54 6.69
CA MET H 100 -30.62 9.36 6.00
C MET H 100 -32.14 9.35 5.90
N GLY I 1 -3.01 -15.15 -25.04
CA GLY I 1 -1.68 -14.89 -24.49
C GLY I 1 -0.95 -13.82 -25.27
N GLY I 2 -0.39 -14.21 -26.42
CA GLY I 2 0.25 -13.28 -27.33
C GLY I 2 -0.69 -12.92 -28.47
N ALA I 3 -1.99 -12.95 -28.17
CA ALA I 3 -3.02 -12.66 -29.17
C ALA I 3 -3.25 -11.16 -29.32
N ILE I 4 -2.63 -10.58 -30.33
CA ILE I 4 -2.71 -9.13 -30.54
C ILE I 4 -3.85 -8.79 -31.51
N SER I 5 -4.52 -7.66 -31.26
CA SER I 5 -5.70 -7.29 -32.04
C SER I 5 -5.35 -7.09 -33.52
N ALA J 1 -56.59 36.91 -36.03
CA ALA J 1 -57.10 35.57 -36.31
C ALA J 1 -58.54 35.64 -36.78
N GLY J 2 -59.07 34.52 -37.28
CA GLY J 2 -60.45 34.48 -37.70
C GLY J 2 -61.35 34.45 -36.49
N SER J 3 -60.93 33.67 -35.49
CA SER J 3 -61.66 33.56 -34.24
C SER J 3 -61.09 34.52 -33.19
N HIS J 4 -61.98 35.15 -32.44
CA HIS J 4 -61.60 35.93 -31.26
C HIS J 4 -62.44 35.49 -30.09
N SER J 5 -61.94 35.71 -28.88
N SER J 5 -61.94 35.70 -28.87
CA SER J 5 -62.64 35.21 -27.69
CA SER J 5 -62.63 35.18 -27.69
C SER J 5 -62.79 36.24 -26.60
C SER J 5 -62.76 36.21 -26.57
N MET J 6 -63.82 36.06 -25.78
CA MET J 6 -63.94 36.81 -24.54
C MET J 6 -64.15 35.78 -23.43
N ARG J 7 -63.44 35.97 -22.32
CA ARG J 7 -63.52 35.05 -21.17
C ARG J 7 -63.62 35.83 -19.87
N TYR J 8 -64.46 35.36 -18.97
CA TYR J 8 -64.43 35.85 -17.61
C TYR J 8 -64.02 34.68 -16.74
N PHE J 9 -63.06 34.94 -15.84
CA PHE J 9 -62.54 33.91 -14.94
C PHE J 9 -62.80 34.37 -13.51
N SER J 10 -63.66 33.67 -12.76
CA SER J 10 -63.93 34.11 -11.39
C SER J 10 -63.40 33.10 -10.39
N THR J 11 -62.96 33.60 -9.24
CA THR J 11 -62.45 32.77 -8.15
C THR J 11 -63.16 33.20 -6.87
N THR J 12 -63.82 32.24 -6.22
CA THR J 12 -64.47 32.48 -4.93
C THR J 12 -63.81 31.58 -3.90
N VAL J 13 -63.30 32.17 -2.81
CA VAL J 13 -62.55 31.42 -1.80
C VAL J 13 -63.18 31.65 -0.42
N SER J 14 -63.72 30.60 0.20
CA SER J 14 -64.34 30.80 1.49
C SER J 14 -63.25 30.97 2.54
N ARG J 15 -63.60 31.60 3.65
CA ARG J 15 -62.67 31.78 4.75
C ARG J 15 -63.51 31.76 6.02
N PRO J 16 -63.99 30.56 6.39
CA PRO J 16 -64.93 30.36 7.49
C PRO J 16 -64.46 31.07 8.76
N GLY J 17 -65.38 31.80 9.39
CA GLY J 17 -65.06 32.53 10.60
C GLY J 17 -64.26 33.80 10.36
N ARG J 18 -63.95 34.08 9.09
CA ARG J 18 -63.15 35.26 8.76
C ARG J 18 -63.81 36.14 7.70
N GLY J 19 -65.12 36.30 7.79
CA GLY J 19 -65.87 37.12 6.85
C GLY J 19 -66.42 36.32 5.68
N GLU J 20 -67.18 36.97 4.81
CA GLU J 20 -67.75 36.29 3.66
C GLU J 20 -66.64 35.94 2.65
N PRO J 21 -66.92 35.02 1.72
CA PRO J 21 -65.84 34.60 0.81
C PRO J 21 -65.24 35.73 -0.04
N ARG J 22 -63.95 35.63 -0.33
CA ARG J 22 -63.34 36.58 -1.24
C ARG J 22 -63.76 36.24 -2.66
N PHE J 23 -64.04 37.28 -3.45
CA PHE J 23 -64.48 37.07 -4.82
C PHE J 23 -63.64 37.96 -5.76
N ILE J 24 -63.00 37.33 -6.74
CA ILE J 24 -62.20 38.02 -7.73
C ILE J 24 -62.68 37.62 -9.12
N VAL J 25 -62.87 38.60 -10.02
CA VAL J 25 -63.20 38.29 -11.40
C VAL J 25 -62.21 39.01 -12.31
N VAL J 26 -61.72 38.35 -13.34
CA VAL J 26 -60.99 39.07 -14.39
C VAL J 26 -61.59 38.76 -15.74
N GLY J 27 -61.54 39.72 -16.65
CA GLY J 27 -62.06 39.47 -17.98
C GLY J 27 -60.92 39.65 -18.99
N TYR J 28 -60.95 38.82 -20.02
CA TYR J 28 -59.99 38.90 -21.12
C TYR J 28 -60.68 38.95 -22.47
N VAL J 29 -60.13 39.77 -23.39
CA VAL J 29 -60.39 39.57 -24.80
C VAL J 29 -59.12 38.95 -25.38
N ASP J 30 -59.26 37.75 -25.95
CA ASP J 30 -58.11 36.95 -26.38
C ASP J 30 -57.12 36.84 -25.22
N ASP J 31 -55.88 37.31 -25.41
CA ASP J 31 -54.90 37.25 -24.31
C ASP J 31 -54.65 38.59 -23.63
N THR J 32 -55.60 39.51 -23.79
CA THR J 32 -55.47 40.84 -23.21
C THR J 32 -56.50 41.07 -22.11
N GLN J 33 -56.05 41.28 -20.88
CA GLN J 33 -57.00 41.53 -19.79
C GLN J 33 -57.66 42.90 -19.97
N PHE J 34 -58.95 43.00 -19.65
CA PHE J 34 -59.60 44.28 -19.85
C PHE J 34 -60.41 44.76 -18.64
N VAL J 35 -60.76 43.86 -17.72
CA VAL J 35 -61.49 44.29 -16.51
C VAL J 35 -61.09 43.43 -15.30
N ARG J 36 -61.42 43.94 -14.11
CA ARG J 36 -61.26 43.16 -12.87
C ARG J 36 -62.27 43.59 -11.84
N PHE J 37 -62.50 42.71 -10.87
CA PHE J 37 -63.27 43.03 -9.68
C PHE J 37 -62.62 42.26 -8.53
N ASP J 38 -62.45 42.94 -7.40
CA ASP J 38 -61.96 42.29 -6.19
C ASP J 38 -62.83 42.72 -4.99
N SER J 39 -63.52 41.76 -4.39
CA SER J 39 -64.40 42.02 -3.25
C SER J 39 -63.65 42.59 -2.04
N ASP J 40 -62.34 42.46 -2.03
CA ASP J 40 -61.55 42.94 -0.91
C ASP J 40 -60.97 44.34 -1.16
N ALA J 41 -61.29 44.92 -2.32
CA ALA J 41 -60.86 46.27 -2.65
C ALA J 41 -61.60 47.31 -1.81
N ALA J 42 -61.04 48.51 -1.73
CA ALA J 42 -61.58 49.60 -0.92
C ALA J 42 -63.07 49.84 -1.14
N SER J 43 -63.45 50.04 -2.40
CA SER J 43 -64.87 50.15 -2.76
C SER J 43 -65.14 49.29 -3.99
N PRO J 44 -65.53 48.03 -3.78
CA PRO J 44 -65.54 47.00 -4.82
C PRO J 44 -66.42 47.35 -6.01
N LYS J 45 -65.80 47.45 -7.19
CA LYS J 45 -66.55 47.69 -8.42
C LYS J 45 -65.80 47.11 -9.61
N MET J 46 -66.52 46.87 -10.70
CA MET J 46 -65.82 46.43 -11.90
C MET J 46 -64.99 47.64 -12.37
N GLU J 47 -63.77 47.38 -12.80
CA GLU J 47 -62.80 48.46 -13.12
C GLU J 47 -62.08 48.12 -14.40
N PRO J 48 -61.71 49.14 -15.21
CA PRO J 48 -60.94 48.86 -16.42
C PRO J 48 -59.50 48.42 -16.14
N ARG J 49 -58.99 47.52 -16.97
CA ARG J 49 -57.58 47.12 -16.87
C ARG J 49 -56.91 47.17 -18.24
N ALA J 50 -57.56 47.89 -19.15
CA ALA J 50 -56.98 48.17 -20.46
C ALA J 50 -57.33 49.62 -20.79
N PRO J 51 -56.39 50.34 -21.41
CA PRO J 51 -56.66 51.76 -21.69
C PRO J 51 -57.84 51.96 -22.63
N TRP J 52 -58.09 50.99 -23.52
CA TRP J 52 -59.20 51.10 -24.45
C TRP J 52 -60.57 50.80 -23.81
N MET J 53 -60.59 50.51 -22.52
CA MET J 53 -61.85 50.37 -21.78
C MET J 53 -62.23 51.67 -21.09
N GLU J 54 -61.38 52.68 -21.20
CA GLU J 54 -61.59 53.84 -20.37
C GLU J 54 -62.55 54.84 -21.02
N GLN J 55 -63.08 54.48 -22.18
CA GLN J 55 -64.08 55.32 -22.85
C GLN J 55 -65.53 54.82 -22.64
N GLU J 56 -65.70 53.71 -21.93
CA GLU J 56 -67.03 53.32 -21.47
C GLU J 56 -67.53 54.31 -20.41
N GLY J 57 -68.83 54.61 -20.42
CA GLY J 57 -69.37 55.52 -19.43
C GLY J 57 -69.71 54.83 -18.12
N PRO J 58 -70.05 55.62 -17.09
CA PRO J 58 -70.35 55.08 -15.75
C PRO J 58 -71.52 54.09 -15.72
N GLU J 59 -72.50 54.20 -16.62
CA GLU J 59 -73.61 53.23 -16.59
C GLU J 59 -73.15 51.82 -16.98
N TYR J 60 -72.19 51.71 -17.91
CA TYR J 60 -71.60 50.40 -18.23
C TYR J 60 -70.99 49.80 -16.97
N TRP J 61 -70.25 50.61 -16.21
CA TRP J 61 -69.55 50.07 -15.05
C TRP J 61 -70.53 49.68 -13.95
N GLU J 62 -71.58 50.48 -13.78
N GLU J 62 -71.59 50.47 -13.79
CA GLU J 62 -72.60 50.17 -12.78
CA GLU J 62 -72.61 50.16 -12.79
C GLU J 62 -73.27 48.82 -13.06
C GLU J 62 -73.26 48.82 -13.05
N GLU J 63 -73.62 48.58 -14.32
CA GLU J 63 -74.25 47.32 -14.71
C GLU J 63 -73.29 46.15 -14.50
N GLN J 64 -72.03 46.34 -14.88
CA GLN J 64 -71.06 45.26 -14.72
C GLN J 64 -70.91 44.93 -13.23
N THR J 65 -70.80 45.97 -12.40
CA THR J 65 -70.65 45.80 -10.96
C THR J 65 -71.87 45.11 -10.35
N ARG J 66 -73.06 45.49 -10.78
CA ARG J 66 -74.28 44.82 -10.33
C ARG J 66 -74.27 43.32 -10.66
N ARG J 67 -73.86 42.98 -11.88
CA ARG J 67 -73.83 41.59 -12.32
C ARG J 67 -72.81 40.77 -11.54
N VAL J 68 -71.66 41.36 -11.21
CA VAL J 68 -70.67 40.58 -10.49
C VAL J 68 -71.02 40.45 -9.00
N LYS J 69 -71.70 41.44 -8.43
CA LYS J 69 -72.16 41.30 -7.06
C LYS J 69 -73.25 40.24 -6.96
N ASP J 70 -74.11 40.18 -7.98
CA ASP J 70 -75.12 39.13 -8.10
C ASP J 70 -74.46 37.76 -8.18
N ALA J 71 -73.46 37.65 -9.04
CA ALA J 71 -72.70 36.42 -9.17
C ALA J 71 -72.08 36.04 -7.83
N ALA J 72 -71.46 37.01 -7.17
CA ALA J 72 -70.78 36.77 -5.90
C ALA J 72 -71.70 36.12 -4.89
N GLN J 73 -72.91 36.65 -4.75
CA GLN J 73 -73.84 36.12 -3.76
C GLN J 73 -74.28 34.71 -4.13
N THR J 74 -74.56 34.50 -5.41
CA THR J 74 -74.85 33.16 -5.91
C THR J 74 -73.73 32.17 -5.58
N PHE J 75 -72.49 32.57 -5.80
CA PHE J 75 -71.35 31.68 -5.56
C PHE J 75 -71.08 31.45 -4.08
N ARG J 76 -71.41 32.41 -3.25
CA ARG J 76 -71.22 32.23 -1.81
C ARG J 76 -72.19 31.18 -1.27
N VAL J 77 -73.45 31.25 -1.70
CA VAL J 77 -74.44 30.24 -1.34
CA VAL J 77 -74.39 30.23 -1.26
C VAL J 77 -74.06 28.89 -1.94
N SER J 78 -73.50 28.93 -3.15
CA SER J 78 -73.02 27.72 -3.82
C SER J 78 -71.94 27.00 -2.99
N LEU J 79 -70.98 27.76 -2.46
CA LEU J 79 -69.95 27.16 -1.60
C LEU J 79 -70.56 26.49 -0.37
N GLY J 80 -71.58 27.12 0.21
CA GLY J 80 -72.28 26.54 1.34
C GLY J 80 -72.94 25.23 0.97
N ASN J 81 -73.61 25.22 -0.19
CA ASN J 81 -74.27 24.01 -0.65
C ASN J 81 -73.28 22.89 -1.00
N LEU J 82 -72.16 23.27 -1.61
CA LEU J 82 -71.14 22.29 -1.98
C LEU J 82 -70.52 21.65 -0.74
N ARG J 83 -70.21 22.48 0.26
CA ARG J 83 -69.65 21.93 1.50
C ARG J 83 -70.60 20.90 2.10
N GLY J 84 -71.88 21.25 2.17
CA GLY J 84 -72.92 20.33 2.58
C GLY J 84 -72.98 19.03 1.79
N TYR J 85 -72.95 19.14 0.45
N TYR J 85 -72.94 19.08 0.47
CA TYR J 85 -72.97 18.01 -0.49
CA TYR J 85 -73.08 17.83 -0.26
C TYR J 85 -71.87 17.01 -0.22
C TYR J 85 -71.86 16.93 -0.06
N TYR J 86 -70.67 17.53 0.04
CA TYR J 86 -69.50 16.71 0.21
C TYR J 86 -69.23 16.38 1.67
N ASN J 87 -70.17 16.77 2.54
CA ASN J 87 -70.07 16.51 3.97
C ASN J 87 -68.72 17.00 4.49
N GLN J 88 -68.32 18.19 4.04
CA GLN J 88 -67.07 18.77 4.50
C GLN J 88 -67.26 19.62 5.75
N SER J 89 -66.19 19.82 6.49
CA SER J 89 -66.22 20.62 7.71
C SER J 89 -66.53 22.08 7.42
N GLU J 90 -67.22 22.74 8.36
CA GLU J 90 -67.47 24.16 8.23
C GLU J 90 -66.21 25.01 8.45
N ALA J 91 -65.13 24.39 8.90
CA ALA J 91 -63.93 25.14 9.27
C ALA J 91 -62.98 25.39 8.10
N GLY J 92 -63.05 24.59 7.06
CA GLY J 92 -62.06 24.64 6.00
C GLY J 92 -62.37 25.62 4.88
N SER J 93 -61.31 26.14 4.27
CA SER J 93 -61.45 27.02 3.11
C SER J 93 -61.64 26.20 1.83
N HIS J 94 -62.55 26.63 0.96
CA HIS J 94 -62.77 25.95 -0.31
C HIS J 94 -62.87 26.96 -1.44
N THR J 95 -62.68 26.49 -2.66
CA THR J 95 -62.59 27.37 -3.85
C THR J 95 -63.61 26.99 -4.91
N LEU J 96 -64.40 27.95 -5.39
CA LEU J 96 -65.21 27.75 -6.58
C LEU J 96 -64.67 28.64 -7.68
N GLN J 97 -64.34 28.05 -8.83
CA GLN J 97 -63.89 28.83 -9.99
C GLN J 97 -64.88 28.67 -11.11
N THR J 98 -65.09 29.74 -11.86
CA THR J 98 -65.93 29.64 -13.04
C THR J 98 -65.25 30.28 -14.24
N MET J 99 -65.52 29.71 -15.40
CA MET J 99 -65.11 30.34 -16.65
CA MET J 99 -65.08 30.28 -16.68
C MET J 99 -66.34 30.47 -17.53
N SER J 100 -66.46 31.62 -18.18
CA SER J 100 -67.58 31.80 -19.10
C SER J 100 -67.15 32.70 -20.23
N GLY J 101 -67.86 32.62 -21.35
CA GLY J 101 -67.58 33.54 -22.44
C GLY J 101 -67.90 32.98 -23.80
N CYS J 102 -67.37 33.62 -24.84
CA CYS J 102 -67.75 33.24 -26.21
C CYS J 102 -66.59 33.32 -27.17
N ASP J 103 -66.65 32.49 -28.21
CA ASP J 103 -65.76 32.63 -29.36
C ASP J 103 -66.53 33.23 -30.54
N LEU J 104 -66.06 34.35 -31.07
CA LEU J 104 -66.67 35.02 -32.22
C LEU J 104 -65.97 34.64 -33.53
N GLY J 105 -66.73 34.09 -34.47
CA GLY J 105 -66.18 33.64 -35.73
C GLY J 105 -65.99 34.81 -36.68
N PRO J 106 -65.28 34.57 -37.79
CA PRO J 106 -64.91 35.63 -38.73
C PRO J 106 -66.13 36.26 -39.41
N ASP J 107 -67.24 35.54 -39.43
CA ASP J 107 -68.49 36.04 -40.03
C ASP J 107 -69.46 36.59 -39.00
N GLY J 108 -69.03 36.68 -37.75
CA GLY J 108 -69.88 37.21 -36.70
C GLY J 108 -70.68 36.16 -35.92
N ARG J 109 -70.56 34.89 -36.30
CA ARG J 109 -71.35 33.85 -35.63
C ARG J 109 -70.71 33.41 -34.33
N LEU J 110 -71.49 32.73 -33.50
CA LEU J 110 -70.96 32.12 -32.27
C LEU J 110 -70.26 30.81 -32.62
N LEU J 111 -68.94 30.78 -32.50
CA LEU J 111 -68.19 29.55 -32.71
C LEU J 111 -68.39 28.57 -31.55
N ARG J 112 -68.44 29.06 -30.32
CA ARG J 112 -68.37 28.31 -29.00
CA ARG J 112 -68.57 28.31 -29.12
C ARG J 112 -68.55 29.18 -27.63
N GLY J 113 -69.79 28.81 -27.08
CA GLY J 113 -70.12 29.59 -25.90
C GLY J 113 -69.82 28.69 -24.71
N TYR J 114 -69.36 29.28 -23.61
CA TYR J 114 -68.89 28.50 -22.47
C TYR J 114 -69.48 28.94 -21.14
N TYR J 115 -69.74 27.97 -20.26
CA TYR J 115 -69.94 28.24 -18.84
C TYR J 115 -69.59 26.98 -18.08
N GLN J 116 -68.53 27.02 -17.29
CA GLN J 116 -68.19 25.84 -16.51
C GLN J 116 -67.58 26.21 -15.16
N GLN J 117 -67.70 25.27 -14.22
CA GLN J 117 -67.26 25.51 -12.86
C GLN J 117 -66.31 24.42 -12.45
N ALA J 118 -65.39 24.78 -11.55
CA ALA J 118 -64.59 23.82 -10.83
C ALA J 118 -64.67 24.06 -9.33
N TYR J 119 -64.67 22.96 -8.56
CA TYR J 119 -64.68 23.06 -7.11
C TYR J 119 -63.39 22.48 -6.56
N ASP J 120 -62.70 23.26 -5.72
CA ASP J 120 -61.39 22.89 -5.21
C ASP J 120 -60.45 22.40 -6.32
N GLY J 121 -60.49 23.05 -7.48
CA GLY J 121 -59.52 22.78 -8.53
C GLY J 121 -59.85 21.65 -9.49
N ARG J 122 -61.04 21.05 -9.36
CA ARG J 122 -61.45 19.95 -10.25
C ARG J 122 -62.75 20.27 -10.98
N ASP J 123 -62.85 19.83 -12.22
CA ASP J 123 -64.09 20.01 -12.99
C ASP J 123 -65.34 19.62 -12.19
N TYR J 124 -66.35 20.49 -12.19
CA TYR J 124 -67.60 20.24 -11.48
C TYR J 124 -68.77 20.14 -12.46
N ILE J 125 -69.06 21.21 -13.17
CA ILE J 125 -70.13 21.17 -14.14
C ILE J 125 -69.79 22.05 -15.36
N ALA J 126 -70.26 21.66 -16.54
CA ALA J 126 -69.98 22.43 -17.76
C ALA J 126 -71.20 22.49 -18.68
N LEU J 127 -71.46 23.66 -19.26
CA LEU J 127 -72.43 23.79 -20.34
C LEU J 127 -71.87 23.14 -21.60
N ASN J 128 -72.63 22.24 -22.22
CA ASN J 128 -72.16 21.55 -23.41
C ASN J 128 -72.14 22.45 -24.63
N GLU J 129 -71.44 22.00 -25.68
CA GLU J 129 -71.28 22.77 -26.92
C GLU J 129 -72.63 23.20 -27.48
N ASP J 130 -73.64 22.36 -27.29
CA ASP J 130 -74.98 22.62 -27.81
C ASP J 130 -75.74 23.71 -27.05
N LEU J 131 -75.20 24.15 -25.91
CA LEU J 131 -75.80 25.18 -25.06
C LEU J 131 -77.22 24.86 -24.58
N ARG J 132 -77.56 23.58 -24.58
CA ARG J 132 -78.89 23.15 -24.18
C ARG J 132 -78.84 22.00 -23.19
N SER J 133 -77.62 21.60 -22.82
CA SER J 133 -77.41 20.45 -21.95
C SER J 133 -76.15 20.62 -21.10
N TRP J 134 -76.04 19.82 -20.05
CA TRP J 134 -74.89 19.92 -19.13
C TRP J 134 -74.10 18.63 -19.01
N THR J 135 -72.87 18.75 -18.53
CA THR J 135 -72.07 17.59 -18.16
C THR J 135 -71.65 17.75 -16.69
N ALA J 136 -72.01 16.78 -15.86
CA ALA J 136 -71.75 16.82 -14.42
C ALA J 136 -70.63 15.85 -14.04
N ALA J 137 -69.76 16.26 -13.13
CA ALA J 137 -68.58 15.45 -12.80
C ALA J 137 -68.93 14.29 -11.85
N ASP J 138 -69.97 14.48 -11.07
CA ASP J 138 -70.31 13.52 -10.01
C ASP J 138 -71.74 13.73 -9.55
N GLU J 139 -72.16 13.07 -8.48
CA GLU J 139 -73.57 13.18 -8.09
C GLU J 139 -73.89 14.54 -7.51
N ALA J 140 -72.90 15.16 -6.88
CA ALA J 140 -73.05 16.51 -6.41
C ALA J 140 -73.45 17.43 -7.57
N ALA J 141 -72.74 17.31 -8.70
CA ALA J 141 -72.99 18.19 -9.85
C ALA J 141 -74.26 17.80 -10.59
N GLN J 142 -74.59 16.51 -10.57
CA GLN J 142 -75.88 16.05 -11.09
C GLN J 142 -77.00 16.70 -10.29
N ASN J 143 -76.75 16.99 -9.02
CA ASN J 143 -77.75 17.56 -8.15
C ASN J 143 -77.99 18.92 -8.79
N THR J 144 -76.87 19.62 -8.99
CA THR J 144 -76.86 20.97 -9.52
C THR J 144 -77.52 21.02 -10.89
N GLN J 145 -77.15 20.06 -11.72
CA GLN J 145 -77.69 19.94 -13.07
C GLN J 145 -79.21 19.88 -13.01
N ARG J 146 -79.76 19.10 -12.09
CA ARG J 146 -81.21 18.99 -11.98
C ARG J 146 -81.83 20.34 -11.61
N LYS J 147 -81.25 21.03 -10.63
CA LYS J 147 -81.74 22.35 -10.26
C LYS J 147 -81.73 23.30 -11.46
N TRP J 148 -80.65 23.25 -12.25
CA TRP J 148 -80.47 24.20 -13.35
C TRP J 148 -81.35 23.85 -14.55
N GLU J 149 -81.57 22.56 -14.75
CA GLU J 149 -82.53 22.10 -15.75
C GLU J 149 -83.93 22.58 -15.39
N ALA J 150 -84.28 22.51 -14.11
CA ALA J 150 -85.60 22.93 -13.64
C ALA J 150 -85.81 24.45 -13.81
N ALA J 151 -84.75 25.21 -13.58
CA ALA J 151 -84.85 26.67 -13.59
C ALA J 151 -84.56 27.27 -14.98
N GLY J 152 -84.37 26.42 -15.98
CA GLY J 152 -84.12 26.86 -17.33
C GLY J 152 -82.84 27.65 -17.52
N VAL J 153 -81.77 27.24 -16.85
CA VAL J 153 -80.50 27.97 -16.87
C VAL J 153 -79.74 27.90 -18.21
N ALA J 154 -79.76 26.73 -18.86
CA ALA J 154 -79.10 26.58 -20.15
C ALA J 154 -79.65 27.58 -21.17
N GLU J 155 -80.96 27.78 -21.12
CA GLU J 155 -81.64 28.72 -22.01
C GLU J 155 -81.19 30.16 -21.74
N GLN J 156 -81.03 30.50 -20.47
CA GLN J 156 -80.60 31.85 -20.11
C GLN J 156 -79.16 32.12 -20.57
N TRP J 157 -78.32 31.09 -20.51
CA TRP J 157 -76.94 31.24 -20.98
C TRP J 157 -76.88 31.32 -22.51
N ARG J 158 -77.72 30.53 -23.19
CA ARG J 158 -77.76 30.58 -24.64
C ARG J 158 -78.12 31.97 -25.14
N ALA J 159 -79.07 32.62 -24.47
CA ALA J 159 -79.48 33.98 -24.84
C ALA J 159 -78.33 34.98 -24.73
N TYR J 160 -77.60 34.90 -23.64
CA TYR J 160 -76.46 35.78 -23.39
C TYR J 160 -75.32 35.47 -24.36
N LEU J 161 -74.99 34.20 -24.51
CA LEU J 161 -73.85 33.79 -25.32
C LEU J 161 -74.05 34.12 -26.80
N GLU J 162 -75.28 33.99 -27.27
CA GLU J 162 -75.58 34.25 -28.69
C GLU J 162 -75.85 35.72 -28.96
N GLY J 163 -76.14 36.48 -27.91
CA GLY J 163 -76.44 37.89 -28.06
C GLY J 163 -75.38 38.79 -27.48
N GLU J 164 -75.61 39.20 -26.23
CA GLU J 164 -74.79 40.20 -25.56
C GLU J 164 -73.30 39.85 -25.50
N CYS J 165 -73.00 38.57 -25.30
CA CYS J 165 -71.60 38.17 -25.21
C CYS J 165 -70.88 38.54 -26.51
N LEU J 166 -71.48 38.18 -27.64
CA LEU J 166 -70.90 38.51 -28.93
C LEU J 166 -70.91 40.01 -29.21
N GLU J 167 -72.01 40.68 -28.88
CA GLU J 167 -72.11 42.12 -29.09
C GLU J 167 -71.04 42.87 -28.30
N SER J 168 -70.87 42.49 -27.03
CA SER J 168 -69.86 43.11 -26.18
C SER J 168 -68.45 42.88 -26.72
N LEU J 169 -68.17 41.64 -27.10
CA LEU J 169 -66.87 41.27 -27.66
C LEU J 169 -66.60 42.08 -28.94
N ARG J 170 -67.59 42.19 -29.82
CA ARG J 170 -67.44 42.99 -31.04
C ARG J 170 -67.08 44.43 -30.73
N ARG J 171 -67.78 45.04 -29.77
CA ARG J 171 -67.50 46.42 -29.38
C ARG J 171 -66.07 46.60 -28.85
N TYR J 172 -65.65 45.67 -27.98
CA TYR J 172 -64.29 45.69 -27.44
C TYR J 172 -63.25 45.59 -28.55
N LEU J 173 -63.50 44.70 -29.50
CA LEU J 173 -62.58 44.44 -30.59
C LEU J 173 -62.45 45.70 -31.47
N GLU J 174 -63.55 46.44 -31.62
CA GLU J 174 -63.49 47.68 -32.37
C GLU J 174 -62.79 48.77 -31.54
N ASN J 175 -63.20 48.94 -30.29
CA ASN J 175 -62.62 49.96 -29.41
C ASN J 175 -61.13 49.80 -29.14
N GLY J 176 -60.67 48.57 -28.97
CA GLY J 176 -59.25 48.32 -28.76
C GLY J 176 -58.58 47.73 -29.99
N LYS J 177 -59.08 48.09 -31.17
CA LYS J 177 -58.69 47.43 -32.41
C LYS J 177 -57.18 47.42 -32.61
N GLU J 178 -56.54 48.53 -32.31
CA GLU J 178 -55.09 48.65 -32.53
C GLU J 178 -54.26 47.76 -31.61
N THR J 179 -54.86 47.38 -30.49
CA THR J 179 -54.23 46.44 -29.55
C THR J 179 -54.61 45.01 -29.91
N LEU J 180 -55.90 44.79 -30.12
CA LEU J 180 -56.43 43.45 -30.19
C LEU J 180 -56.35 42.82 -31.56
N GLN J 181 -56.42 43.62 -32.62
CA GLN J 181 -56.44 43.03 -33.95
C GLN J 181 -55.06 43.05 -34.57
N ARG J 182 -54.04 43.07 -33.70
CA ARG J 182 -52.66 43.00 -34.13
C ARG J 182 -52.14 41.59 -33.85
N ALA J 183 -51.31 41.09 -34.75
CA ALA J 183 -50.53 39.90 -34.50
C ALA J 183 -49.07 40.34 -34.50
N GLU J 184 -48.44 40.29 -33.34
CA GLU J 184 -47.04 40.66 -33.22
C GLU J 184 -46.20 39.40 -33.34
N PRO J 185 -45.41 39.29 -34.43
CA PRO J 185 -44.59 38.08 -34.60
C PRO J 185 -43.50 37.98 -33.53
N PRO J 186 -43.11 36.75 -33.16
CA PRO J 186 -42.01 36.63 -32.22
C PRO J 186 -40.69 37.09 -32.84
N LYS J 187 -39.88 37.79 -32.06
CA LYS J 187 -38.50 38.00 -32.45
C LYS J 187 -37.73 36.79 -31.92
N THR J 188 -37.00 36.13 -32.81
CA THR J 188 -36.43 34.84 -32.45
C THR J 188 -34.92 34.85 -32.58
N HIS J 189 -34.27 34.02 -31.77
CA HIS J 189 -32.84 33.74 -31.96
C HIS J 189 -32.43 32.52 -31.16
N VAL J 190 -31.27 31.96 -31.51
CA VAL J 190 -30.72 30.81 -30.80
C VAL J 190 -29.46 31.24 -30.06
N THR J 191 -29.35 30.86 -28.79
CA THR J 191 -28.08 31.02 -28.08
C THR J 191 -27.40 29.68 -27.88
N HIS J 192 -26.09 29.74 -27.62
CA HIS J 192 -25.23 28.57 -27.50
C HIS J 192 -24.33 28.76 -26.28
N HIS J 193 -24.35 27.79 -25.35
CA HIS J 193 -23.55 27.87 -24.13
C HIS J 193 -22.91 26.51 -23.82
N PRO J 194 -21.57 26.43 -23.89
CA PRO J 194 -20.94 25.14 -23.59
C PRO J 194 -21.28 24.62 -22.20
N VAL J 195 -21.44 23.31 -22.10
CA VAL J 195 -21.63 22.62 -20.81
C VAL J 195 -20.31 21.96 -20.38
N SER J 196 -19.52 21.59 -21.37
CA SER J 196 -18.21 20.98 -21.20
C SER J 196 -17.49 21.40 -22.45
N ASP J 197 -16.32 20.84 -22.75
CA ASP J 197 -15.69 21.17 -24.01
C ASP J 197 -16.24 20.29 -25.15
N HIS J 198 -17.22 19.45 -24.84
CA HIS J 198 -17.75 18.47 -25.81
C HIS J 198 -19.28 18.53 -25.96
N GLU J 199 -19.92 19.36 -25.15
CA GLU J 199 -21.37 19.51 -25.17
C GLU J 199 -21.75 20.96 -25.03
N ALA J 200 -22.91 21.32 -25.57
CA ALA J 200 -23.37 22.69 -25.47
C ALA J 200 -24.90 22.73 -25.32
N THR J 201 -25.38 23.74 -24.63
CA THR J 201 -26.83 24.00 -24.57
C THR J 201 -27.23 24.93 -25.69
N LEU J 202 -28.20 24.51 -26.50
CA LEU J 202 -28.76 25.38 -27.52
C LEU J 202 -30.11 25.85 -27.03
N ARG J 203 -30.33 27.16 -26.96
CA ARG J 203 -31.62 27.69 -26.49
C ARG J 203 -32.28 28.52 -27.58
N CYS J 204 -33.53 28.16 -27.90
CA CYS J 204 -34.30 28.86 -28.92
C CYS J 204 -35.26 29.81 -28.26
N TRP J 205 -35.11 31.10 -28.54
CA TRP J 205 -35.91 32.15 -27.92
C TRP J 205 -37.01 32.68 -28.83
N ALA J 206 -38.17 32.97 -28.24
CA ALA J 206 -39.23 33.70 -28.93
C ALA J 206 -39.68 34.82 -28.01
N LEU J 207 -39.60 36.06 -28.48
CA LEU J 207 -39.86 37.21 -27.62
C LEU J 207 -40.77 38.24 -28.27
N GLY J 208 -41.54 38.94 -27.43
CA GLY J 208 -42.36 40.06 -27.88
C GLY J 208 -43.55 39.70 -28.74
N PHE J 209 -44.06 38.47 -28.61
CA PHE J 209 -45.14 38.06 -29.52
C PHE J 209 -46.52 38.21 -28.87
N TYR J 210 -47.50 38.37 -29.75
CA TYR J 210 -48.91 38.44 -29.40
C TYR J 210 -49.73 37.95 -30.60
N PRO J 211 -50.70 37.05 -30.38
CA PRO J 211 -51.16 36.57 -29.06
C PRO J 211 -50.26 35.49 -28.46
N ALA J 212 -50.72 34.87 -27.39
CA ALA J 212 -49.86 34.02 -26.57
C ALA J 212 -49.57 32.66 -27.22
N GLU J 213 -50.50 32.15 -28.03
CA GLU J 213 -50.34 30.82 -28.63
C GLU J 213 -49.10 30.72 -29.53
N ILE J 214 -48.28 29.70 -29.29
CA ILE J 214 -47.06 29.56 -30.08
C ILE J 214 -46.61 28.12 -30.02
N THR J 215 -45.94 27.66 -31.07
CA THR J 215 -45.30 26.35 -31.04
C THR J 215 -43.80 26.56 -31.21
N LEU J 216 -43.03 25.93 -30.34
CA LEU J 216 -41.57 26.04 -30.33
C LEU J 216 -40.98 24.66 -30.10
N THR J 217 -40.32 24.12 -31.12
CA THR J 217 -39.87 22.74 -31.02
C THR J 217 -38.44 22.61 -31.55
N TRP J 218 -37.66 21.76 -30.89
CA TRP J 218 -36.31 21.43 -31.36
C TRP J 218 -36.38 20.11 -32.12
N GLN J 219 -35.85 20.10 -33.33
CA GLN J 219 -35.73 18.88 -34.11
C GLN J 219 -34.25 18.53 -34.29
N ARG J 220 -33.95 17.23 -34.29
CA ARG J 220 -32.62 16.75 -34.67
C ARG J 220 -32.78 15.96 -35.96
N ASP J 221 -32.21 16.49 -37.04
CA ASP J 221 -32.37 15.91 -38.38
C ASP J 221 -33.85 15.66 -38.65
N GLY J 222 -34.67 16.67 -38.39
CA GLY J 222 -36.08 16.64 -38.73
C GLY J 222 -36.95 15.79 -37.82
N GLU J 223 -36.39 15.33 -36.70
CA GLU J 223 -37.14 14.55 -35.71
C GLU J 223 -37.30 15.31 -34.38
N ASP J 224 -38.54 15.44 -33.91
CA ASP J 224 -38.85 16.13 -32.65
C ASP J 224 -38.07 15.57 -31.47
N GLN J 225 -37.51 16.45 -30.65
CA GLN J 225 -36.76 16.02 -29.47
C GLN J 225 -37.55 16.36 -28.22
N THR J 226 -38.86 16.12 -28.28
CA THR J 226 -39.73 16.62 -27.22
C THR J 226 -39.34 16.05 -25.85
N GLN J 227 -38.82 14.83 -25.83
CA GLN J 227 -38.42 14.19 -24.58
C GLN J 227 -37.04 14.58 -24.06
N ASP J 228 -36.30 15.39 -24.82
CA ASP J 228 -35.01 15.90 -24.34
C ASP J 228 -34.97 17.43 -24.27
N THR J 229 -36.10 18.05 -24.51
CA THR J 229 -36.17 19.51 -24.56
C THR J 229 -36.68 20.06 -23.23
N GLU J 230 -35.97 21.03 -22.66
CA GLU J 230 -36.54 21.81 -21.58
C GLU J 230 -37.31 22.94 -22.23
N LEU J 231 -38.63 22.95 -22.03
CA LEU J 231 -39.46 23.97 -22.64
C LEU J 231 -40.21 24.69 -21.52
N VAL J 232 -39.99 26.00 -21.37
CA VAL J 232 -40.67 26.71 -20.28
C VAL J 232 -42.06 27.08 -20.72
N GLU J 233 -42.93 27.31 -19.74
CA GLU J 233 -44.26 27.83 -19.98
C GLU J 233 -44.20 29.21 -20.63
N THR J 234 -45.09 29.45 -21.58
CA THR J 234 -45.22 30.77 -22.16
C THR J 234 -45.50 31.76 -21.04
N ARG J 235 -44.78 32.88 -21.04
CA ARG J 235 -44.84 33.81 -19.91
C ARG J 235 -45.01 35.25 -20.42
N PRO J 236 -45.64 36.11 -19.62
CA PRO J 236 -45.91 37.48 -20.08
C PRO J 236 -44.70 38.41 -19.96
N GLY J 237 -44.51 39.28 -20.96
CA GLY J 237 -43.50 40.32 -20.86
C GLY J 237 -43.88 41.41 -19.87
N GLY J 238 -45.17 41.55 -19.61
CA GLY J 238 -45.66 42.62 -18.74
C GLY J 238 -46.10 43.83 -19.54
N ASP J 239 -45.80 43.81 -20.84
CA ASP J 239 -46.09 44.92 -21.74
C ASP J 239 -47.13 44.53 -22.78
N GLY J 240 -47.84 43.44 -22.52
CA GLY J 240 -48.85 42.97 -23.45
C GLY J 240 -48.34 41.97 -24.47
N THR J 241 -47.09 41.57 -24.32
CA THR J 241 -46.53 40.54 -25.19
C THR J 241 -46.14 39.32 -24.39
N PHE J 242 -45.63 38.32 -25.09
CA PHE J 242 -45.29 37.05 -24.44
C PHE J 242 -43.89 36.58 -24.83
N GLN J 243 -43.37 35.62 -24.07
CA GLN J 243 -42.01 35.11 -24.23
C GLN J 243 -42.03 33.60 -24.06
N LYS J 244 -41.11 32.90 -24.73
CA LYS J 244 -40.98 31.48 -24.49
C LYS J 244 -39.57 31.08 -24.93
N TRP J 245 -39.05 30.03 -24.31
CA TRP J 245 -37.85 29.39 -24.87
C TRP J 245 -37.86 27.88 -24.67
N GLY J 246 -37.08 27.20 -25.51
CA GLY J 246 -36.90 25.77 -25.41
C GLY J 246 -35.42 25.48 -25.63
N ALA J 247 -34.88 24.53 -24.89
CA ALA J 247 -33.45 24.24 -24.97
C ALA J 247 -33.15 22.75 -25.03
N VAL J 248 -32.04 22.42 -25.67
CA VAL J 248 -31.53 21.05 -25.73
C VAL J 248 -30.03 21.07 -25.41
N VAL J 249 -29.52 20.00 -24.79
CA VAL J 249 -28.09 19.86 -24.59
C VAL J 249 -27.60 18.84 -25.61
N VAL J 250 -26.65 19.25 -26.45
CA VAL J 250 -26.28 18.42 -27.61
C VAL J 250 -24.77 18.21 -27.68
N PRO J 251 -24.34 17.15 -28.37
CA PRO J 251 -22.90 16.97 -28.64
C PRO J 251 -22.41 18.10 -29.52
N SER J 252 -21.25 18.68 -29.20
CA SER J 252 -20.74 19.82 -29.95
C SER J 252 -20.72 19.59 -31.46
N GLY J 253 -20.32 18.39 -31.88
CA GLY J 253 -20.19 18.10 -33.30
C GLY J 253 -21.50 17.85 -34.03
N GLU J 254 -22.61 17.87 -33.29
CA GLU J 254 -23.90 17.59 -33.89
C GLU J 254 -24.77 18.83 -33.91
N GLU J 255 -24.22 19.96 -33.50
CA GLU J 255 -25.02 21.18 -33.33
C GLU J 255 -25.82 21.55 -34.56
N GLN J 256 -25.24 21.36 -35.74
CA GLN J 256 -25.93 21.77 -36.95
C GLN J 256 -27.00 20.78 -37.36
N ARG J 257 -27.11 19.66 -36.64
CA ARG J 257 -28.21 18.73 -36.89
C ARG J 257 -29.51 19.29 -36.29
N TYR J 258 -29.38 20.29 -35.44
CA TYR J 258 -30.53 20.75 -34.67
C TYR J 258 -31.18 21.99 -35.27
N THR J 259 -32.51 21.98 -35.34
CA THR J 259 -33.23 23.15 -35.80
C THR J 259 -34.38 23.43 -34.85
N CYS J 260 -34.61 24.71 -34.60
CA CYS J 260 -35.76 25.15 -33.81
C CYS J 260 -36.86 25.60 -34.76
N HIS J 261 -38.07 25.11 -34.51
CA HIS J 261 -39.17 25.42 -35.41
C HIS J 261 -40.20 26.23 -34.63
N VAL J 262 -40.55 27.39 -35.17
CA VAL J 262 -41.46 28.31 -34.49
C VAL J 262 -42.70 28.59 -35.34
N GLN J 263 -43.87 28.38 -34.75
CA GLN J 263 -45.16 28.69 -35.39
C GLN J 263 -45.90 29.74 -34.58
N HIS J 264 -46.35 30.80 -35.25
CA HIS J 264 -47.15 31.88 -34.63
C HIS J 264 -47.98 32.62 -35.69
N GLU J 265 -49.15 33.13 -35.29
N GLU J 265 -49.16 33.12 -35.28
CA GLU J 265 -50.07 33.80 -36.20
CA GLU J 265 -50.07 33.84 -36.19
C GLU J 265 -49.44 34.99 -36.93
C GLU J 265 -49.39 34.95 -36.95
N GLY J 266 -48.54 35.71 -36.26
CA GLY J 266 -47.90 36.86 -36.85
C GLY J 266 -46.83 36.56 -37.88
N LEU J 267 -46.48 35.29 -38.03
CA LEU J 267 -45.47 34.87 -39.00
C LEU J 267 -46.09 34.48 -40.34
N PRO J 268 -45.60 35.09 -41.43
CA PRO J 268 -45.98 34.75 -42.80
C PRO J 268 -45.87 33.25 -43.06
N GLU J 269 -44.74 32.67 -42.66
CA GLU J 269 -44.58 31.23 -42.68
C GLU J 269 -43.81 30.77 -41.45
N PRO J 270 -43.97 29.49 -41.06
CA PRO J 270 -43.20 28.88 -39.97
C PRO J 270 -41.71 29.17 -40.08
N LEU J 271 -41.06 29.40 -38.95
CA LEU J 271 -39.63 29.70 -38.94
C LEU J 271 -38.81 28.46 -38.67
N THR J 272 -37.65 28.40 -39.31
CA THR J 272 -36.66 27.38 -38.99
C THR J 272 -35.37 28.07 -38.58
N LEU J 273 -34.95 27.87 -37.33
CA LEU J 273 -33.74 28.48 -36.82
C LEU J 273 -32.65 27.44 -36.56
N ARG J 274 -31.41 27.86 -36.72
CA ARG J 274 -30.26 27.02 -36.45
C ARG J 274 -29.32 27.84 -35.60
N TRP J 275 -28.45 27.19 -34.83
CA TRP J 275 -27.38 27.91 -34.15
C TRP J 275 -26.44 28.47 -35.22
N GLU J 276 -26.35 29.80 -35.29
CA GLU J 276 -25.52 30.47 -36.26
C GLU J 276 -24.27 31.05 -35.59
N PRO J 277 -23.18 30.27 -35.57
CA PRO J 277 -21.94 30.71 -34.91
C PRO J 277 -21.24 31.80 -35.70
N ALA K 1 -59.43 18.49 -1.64
CA ALA K 1 -58.98 19.56 -2.53
C ALA K 1 -57.67 19.20 -3.22
N ILE K 2 -57.52 19.67 -4.45
CA ILE K 2 -56.31 19.43 -5.21
C ILE K 2 -55.23 20.42 -4.74
N GLN K 3 -53.96 20.02 -4.85
CA GLN K 3 -52.86 20.92 -4.55
C GLN K 3 -51.83 20.84 -5.67
N ARG K 4 -51.42 22.00 -6.18
CA ARG K 4 -50.47 22.05 -7.25
C ARG K 4 -49.35 23.02 -6.89
N THR K 5 -48.11 22.59 -7.10
CA THR K 5 -46.93 23.35 -6.70
C THR K 5 -46.65 24.47 -7.71
N PRO K 6 -46.31 25.66 -7.22
CA PRO K 6 -46.05 26.75 -8.17
C PRO K 6 -44.80 26.52 -9.00
N LYS K 7 -44.90 26.89 -10.28
CA LYS K 7 -43.74 27.01 -11.13
C LYS K 7 -43.28 28.47 -11.03
N ILE K 8 -41.97 28.69 -11.12
CA ILE K 8 -41.43 30.03 -10.93
C ILE K 8 -40.45 30.36 -12.03
N GLN K 9 -40.68 31.49 -12.67
CA GLN K 9 -39.73 32.03 -13.64
C GLN K 9 -39.35 33.45 -13.29
N VAL K 10 -38.06 33.74 -13.34
CA VAL K 10 -37.55 35.06 -13.01
C VAL K 10 -36.79 35.59 -14.21
N TYR K 11 -37.19 36.75 -14.71
CA TYR K 11 -36.70 37.23 -16.00
C TYR K 11 -36.97 38.72 -16.15
N SER K 12 -36.36 39.33 -17.16
CA SER K 12 -36.60 40.74 -17.45
C SER K 12 -37.51 40.87 -18.66
N ARG K 13 -38.22 41.99 -18.74
CA ARG K 13 -39.09 42.26 -19.88
C ARG K 13 -38.28 42.28 -21.16
N HIS K 14 -37.19 43.04 -21.16
CA HIS K 14 -36.31 43.14 -22.32
C HIS K 14 -34.98 42.48 -22.02
N PRO K 15 -34.22 42.12 -23.08
CA PRO K 15 -32.87 41.61 -22.83
C PRO K 15 -32.10 42.56 -21.92
N PRO K 16 -31.44 42.02 -20.90
CA PRO K 16 -30.79 42.93 -19.95
C PRO K 16 -29.48 43.49 -20.48
N GLU K 17 -29.28 44.79 -20.33
CA GLU K 17 -27.96 45.38 -20.51
C GLU K 17 -27.72 46.39 -19.42
N ASN K 18 -26.51 46.36 -18.87
CA ASN K 18 -26.11 47.19 -17.74
C ASN K 18 -26.44 48.66 -17.96
N GLY K 19 -27.01 49.29 -16.92
CA GLY K 19 -27.31 50.70 -16.97
C GLY K 19 -28.54 51.09 -17.77
N LYS K 20 -29.25 50.11 -18.30
CA LYS K 20 -30.46 50.41 -19.07
C LYS K 20 -31.71 49.98 -18.31
N PRO K 21 -32.63 50.94 -18.08
CA PRO K 21 -33.88 50.66 -17.37
C PRO K 21 -34.67 49.55 -18.07
N ASN K 22 -35.51 48.87 -17.31
CA ASN K 22 -36.07 47.59 -17.71
C ASN K 22 -37.07 47.15 -16.64
N PHE K 23 -37.71 46.00 -16.81
CA PHE K 23 -38.65 45.51 -15.79
C PHE K 23 -38.25 44.13 -15.32
N LEU K 24 -38.22 43.94 -14.01
CA LEU K 24 -37.94 42.62 -13.43
C LEU K 24 -39.25 41.87 -13.16
N ASN K 25 -39.34 40.67 -13.73
CA ASN K 25 -40.57 39.87 -13.69
C ASN K 25 -40.38 38.59 -12.88
N CYS K 26 -41.37 38.27 -12.07
CA CYS K 26 -41.47 36.93 -11.49
C CYS K 26 -42.84 36.39 -11.83
N TYR K 27 -42.86 35.36 -12.66
CA TYR K 27 -44.10 34.75 -13.11
C TYR K 27 -44.28 33.45 -12.34
N VAL K 28 -45.36 33.39 -11.58
N VAL K 28 -45.31 33.41 -11.51
CA VAL K 28 -45.67 32.24 -10.74
CA VAL K 28 -45.60 32.17 -10.80
C VAL K 28 -46.94 31.55 -11.24
C VAL K 28 -46.89 31.58 -11.36
N SER K 29 -46.84 30.30 -11.67
CA SER K 29 -47.96 29.63 -12.33
C SER K 29 -48.17 28.19 -11.91
N GLY K 30 -49.24 27.61 -12.42
CA GLY K 30 -49.58 26.22 -12.15
C GLY K 30 -49.87 25.87 -10.69
N PHE K 31 -50.21 26.84 -9.86
CA PHE K 31 -50.42 26.54 -8.45
C PHE K 31 -51.90 26.50 -8.02
N HIS K 32 -52.14 25.85 -6.88
CA HIS K 32 -53.49 25.69 -6.34
C HIS K 32 -53.31 25.16 -4.91
N PRO K 33 -53.98 25.75 -3.91
CA PRO K 33 -54.94 26.86 -3.94
C PRO K 33 -54.30 28.23 -4.18
N SER K 34 -55.10 29.28 -4.13
CA SER K 34 -54.70 30.58 -4.70
C SER K 34 -53.85 31.46 -3.77
N ASP K 35 -53.94 31.24 -2.46
CA ASP K 35 -53.14 32.01 -1.50
C ASP K 35 -51.68 31.80 -1.80
N ILE K 36 -50.93 32.90 -1.91
CA ILE K 36 -49.53 32.76 -2.21
C ILE K 36 -48.80 34.04 -1.78
N GLU K 37 -47.52 33.90 -1.44
CA GLU K 37 -46.67 35.00 -1.04
C GLU K 37 -45.52 35.11 -2.01
N VAL K 38 -45.31 36.29 -2.59
CA VAL K 38 -44.23 36.51 -3.55
C VAL K 38 -43.49 37.83 -3.28
N ASP K 39 -42.17 37.74 -3.20
CA ASP K 39 -41.31 38.90 -3.00
C ASP K 39 -40.23 38.95 -4.06
N LEU K 40 -39.97 40.14 -4.57
CA LEU K 40 -38.82 40.37 -5.42
C LEU K 40 -37.66 40.81 -4.54
N LEU K 41 -36.49 40.22 -4.76
CA LEU K 41 -35.35 40.46 -3.89
C LEU K 41 -34.18 41.13 -4.61
N LYS K 42 -33.72 42.24 -4.04
CA LYS K 42 -32.54 42.94 -4.53
C LYS K 42 -31.37 42.70 -3.56
N ASN K 43 -30.44 41.85 -3.96
CA ASN K 43 -29.30 41.44 -3.13
C ASN K 43 -29.73 40.82 -1.80
N GLY K 44 -30.76 39.98 -1.85
CA GLY K 44 -31.25 39.29 -0.66
C GLY K 44 -32.20 40.15 0.15
N GLU K 45 -32.40 41.39 -0.28
CA GLU K 45 -33.29 42.30 0.45
C GLU K 45 -34.59 42.55 -0.30
N LYS K 46 -35.69 42.51 0.44
CA LYS K 46 -37.03 42.64 -0.11
C LYS K 46 -37.22 44.00 -0.78
N MET K 47 -37.42 43.99 -2.10
CA MET K 47 -37.65 45.22 -2.85
C MET K 47 -39.00 45.80 -2.63
N GLY K 48 -39.13 47.07 -2.96
CA GLY K 48 -40.36 47.81 -2.84
C GLY K 48 -40.83 48.26 -4.19
N LYS K 49 -42.01 48.84 -4.21
CA LYS K 49 -42.61 49.24 -5.44
C LYS K 49 -42.86 47.99 -6.30
N VAL K 50 -43.10 46.85 -5.67
CA VAL K 50 -43.36 45.63 -6.41
C VAL K 50 -44.85 45.48 -6.62
N GLU K 51 -45.24 45.39 -7.87
CA GLU K 51 -46.64 45.26 -8.26
C GLU K 51 -46.97 43.85 -8.74
N HIS K 52 -48.27 43.52 -8.82
CA HIS K 52 -48.64 42.21 -9.34
C HIS K 52 -49.96 42.21 -10.12
N SER K 53 -50.11 41.24 -11.00
CA SER K 53 -51.32 41.12 -11.80
C SER K 53 -52.52 40.66 -10.97
N ASP K 54 -53.70 40.78 -11.55
CA ASP K 54 -54.94 40.29 -10.95
C ASP K 54 -55.00 38.77 -11.08
N LEU K 55 -55.48 38.11 -10.03
CA LEU K 55 -55.52 36.66 -10.00
C LEU K 55 -56.30 36.08 -11.18
N SER K 56 -55.65 35.21 -11.93
CA SER K 56 -56.30 34.55 -13.04
C SER K 56 -55.91 33.07 -13.04
N PHE K 57 -56.42 32.30 -13.98
CA PHE K 57 -56.08 30.89 -14.03
C PHE K 57 -56.18 30.30 -15.43
N SER K 58 -55.54 29.15 -15.60
CA SER K 58 -55.37 28.49 -16.88
C SER K 58 -56.40 27.40 -17.11
N LYS K 59 -56.31 26.76 -18.27
CA LYS K 59 -57.29 25.75 -18.68
C LYS K 59 -57.49 24.63 -17.66
N ASP K 60 -56.43 24.26 -16.96
CA ASP K 60 -56.53 23.20 -15.94
C ASP K 60 -56.95 23.72 -14.56
N TRP K 61 -57.41 24.98 -14.53
CA TRP K 61 -57.86 25.69 -13.32
C TRP K 61 -56.72 26.15 -12.39
N SER K 62 -55.46 25.87 -12.72
CA SER K 62 -54.38 26.31 -11.85
C SER K 62 -54.14 27.82 -12.01
N PHE K 63 -53.73 28.47 -10.92
CA PHE K 63 -53.60 29.94 -10.89
C PHE K 63 -52.26 30.42 -11.41
N TYR K 64 -52.22 31.67 -11.86
CA TYR K 64 -50.96 32.31 -12.21
C TYR K 64 -51.02 33.80 -11.87
N LEU K 65 -49.84 34.35 -11.59
CA LEU K 65 -49.64 35.75 -11.22
C LEU K 65 -48.33 36.24 -11.78
N LEU K 66 -48.29 37.50 -12.18
CA LEU K 66 -47.03 38.14 -12.52
C LEU K 66 -46.71 39.19 -11.45
N TYR K 67 -45.53 39.09 -10.85
CA TYR K 67 -45.02 40.13 -9.96
C TYR K 67 -43.93 40.89 -10.71
N TYR K 68 -43.89 42.21 -10.56
CA TYR K 68 -42.94 42.97 -11.37
C TYR K 68 -42.59 44.34 -10.80
N THR K 69 -41.43 44.85 -11.20
CA THR K 69 -41.03 46.20 -10.81
C THR K 69 -39.93 46.72 -11.72
N GLU K 70 -39.84 48.05 -11.85
CA GLU K 70 -38.75 48.65 -12.59
C GLU K 70 -37.42 48.34 -11.92
N PHE K 71 -36.38 48.10 -12.74
CA PHE K 71 -35.02 47.86 -12.26
C PHE K 71 -34.02 48.30 -13.33
N THR K 72 -32.78 48.50 -12.93
CA THR K 72 -31.71 48.83 -13.87
C THR K 72 -30.51 47.96 -13.55
N PRO K 73 -30.31 46.90 -14.35
CA PRO K 73 -29.33 45.87 -14.00
C PRO K 73 -27.87 46.31 -14.09
N ASN K 74 -27.03 45.71 -13.26
CA ASN K 74 -25.59 45.94 -13.24
C ASN K 74 -24.84 44.62 -13.09
N GLU K 75 -23.51 44.69 -13.15
CA GLU K 75 -22.68 43.52 -12.92
C GLU K 75 -22.77 43.09 -11.45
N LYS K 76 -22.97 44.09 -10.60
CA LYS K 76 -22.88 43.93 -9.15
C LYS K 76 -24.11 43.27 -8.50
N ASP K 77 -25.28 43.88 -8.71
N ASP K 77 -25.27 43.88 -8.71
CA ASP K 77 -26.50 43.45 -8.03
CA ASP K 77 -26.50 43.44 -8.06
C ASP K 77 -26.99 42.07 -8.48
C ASP K 77 -26.95 42.05 -8.47
N GLU K 78 -27.48 41.30 -7.52
CA GLU K 78 -28.12 40.03 -7.80
C GLU K 78 -29.61 40.20 -7.53
N TYR K 79 -30.43 39.55 -8.34
CA TYR K 79 -31.87 39.59 -8.12
C TYR K 79 -32.41 38.18 -7.98
N ALA K 80 -33.51 38.06 -7.26
CA ALA K 80 -34.17 36.78 -7.09
C ALA K 80 -35.65 36.97 -6.80
N CYS K 81 -36.40 35.89 -6.90
CA CYS K 81 -37.82 35.88 -6.54
C CYS K 81 -38.01 34.90 -5.40
N ARG K 82 -38.79 35.29 -4.40
CA ARG K 82 -39.07 34.37 -3.31
C ARG K 82 -40.56 34.09 -3.17
N VAL K 83 -40.89 32.81 -3.15
CA VAL K 83 -42.28 32.36 -3.17
C VAL K 83 -42.58 31.41 -2.02
N ASN K 84 -43.67 31.68 -1.31
CA ASN K 84 -44.14 30.72 -0.31
C ASN K 84 -45.57 30.26 -0.62
N HIS K 85 -45.78 28.95 -0.55
CA HIS K 85 -47.09 28.33 -0.86
C HIS K 85 -47.29 27.10 0.03
N VAL K 86 -48.55 26.73 0.23
N VAL K 86 -48.55 26.74 0.27
CA VAL K 86 -48.93 25.61 1.09
CA VAL K 86 -48.85 25.60 1.14
C VAL K 86 -48.35 24.27 0.62
C VAL K 86 -48.18 24.31 0.66
N THR K 87 -47.98 24.19 -0.64
CA THR K 87 -47.33 22.99 -1.21
C THR K 87 -45.81 22.96 -0.95
N LEU K 88 -45.28 24.00 -0.30
CA LEU K 88 -43.84 24.11 -0.05
C LEU K 88 -43.50 24.01 1.44
N SER K 89 -42.34 23.43 1.74
CA SER K 89 -41.82 23.38 3.10
C SER K 89 -41.65 24.77 3.70
N GLY K 90 -41.24 25.70 2.85
CA GLY K 90 -41.08 27.09 3.26
C GLY K 90 -40.72 27.88 2.02
N PRO K 91 -40.40 29.17 2.20
CA PRO K 91 -40.13 30.05 1.06
C PRO K 91 -39.08 29.47 0.12
N ARG K 92 -39.36 29.55 -1.17
CA ARG K 92 -38.44 29.07 -2.19
C ARG K 92 -37.83 30.27 -2.90
N THR K 93 -36.50 30.29 -2.99
CA THR K 93 -35.81 31.41 -3.59
C THR K 93 -35.21 31.00 -4.93
N VAL K 94 -35.62 31.68 -6.00
CA VAL K 94 -35.09 31.43 -7.33
C VAL K 94 -34.32 32.65 -7.81
N LYS K 95 -33.04 32.45 -8.13
CA LYS K 95 -32.17 33.55 -8.60
C LYS K 95 -32.50 33.93 -10.03
N TRP K 96 -32.39 35.21 -10.34
CA TRP K 96 -32.47 35.67 -11.71
C TRP K 96 -31.24 35.24 -12.48
N ASP K 97 -31.44 34.35 -13.45
CA ASP K 97 -30.37 33.96 -14.36
C ASP K 97 -30.38 34.87 -15.58
N ARG K 98 -29.47 35.85 -15.59
CA ARG K 98 -29.47 36.89 -16.61
C ARG K 98 -28.77 36.49 -17.91
N ASP K 99 -28.31 35.25 -17.99
CA ASP K 99 -27.61 34.79 -19.19
C ASP K 99 -28.52 33.98 -20.12
N MET K 100 -29.08 34.66 -21.12
CA MET K 100 -30.00 34.03 -22.07
C MET K 100 -29.34 32.95 -22.92
N GLY L 1 -77.16 33.54 -13.74
CA GLY L 1 -77.48 34.66 -12.88
C GLY L 1 -77.59 34.26 -11.42
N GLY L 2 -78.80 33.94 -10.99
CA GLY L 2 -79.05 33.48 -9.63
C GLY L 2 -79.11 31.98 -9.52
N ALA L 3 -78.39 31.28 -10.40
CA ALA L 3 -78.37 29.83 -10.41
C ALA L 3 -77.35 29.26 -9.42
N ILE L 4 -77.84 28.81 -8.27
CA ILE L 4 -76.99 28.29 -7.22
C ILE L 4 -76.70 26.80 -7.41
N SER L 5 -75.51 26.35 -6.98
CA SER L 5 -75.14 24.95 -7.09
C SER L 5 -76.06 24.05 -6.26
ZN ZN M . 34.34 11.69 17.22
ZN ZN N . 74.61 -18.75 -24.58
ZN ZN O . 34.40 2.35 11.95
ZN ZN P . 66.84 8.67 -9.36
C1 EDO Q . 61.98 6.60 -6.71
O1 EDO Q . 62.80 7.08 -7.79
C2 EDO Q . 62.83 5.71 -5.78
O2 EDO Q . 63.86 6.50 -5.17
C1 EDO R . 73.86 9.70 -10.76
O1 EDO R . 73.20 10.16 -11.95
C2 EDO R . 72.84 9.21 -9.73
O2 EDO R . 72.01 10.29 -9.26
C1 EDO S . 73.77 -8.36 -12.02
O1 EDO S . 72.64 -7.56 -11.69
C2 EDO S . 74.88 -8.02 -11.03
O2 EDO S . 75.91 -7.33 -11.73
C1 EDO T . 63.81 -4.22 -0.56
O1 EDO T . 62.74 -3.27 -0.34
C2 EDO T . 64.98 -3.96 0.40
O2 EDO T . 66.00 -3.19 -0.27
C1 EDO U . 57.31 -15.14 -13.44
O1 EDO U . 57.17 -13.77 -13.10
C2 EDO U . 58.78 -15.44 -13.72
O2 EDO U . 59.23 -14.59 -14.78
C1 EDO V . 83.06 3.77 -7.65
O1 EDO V . 82.81 4.57 -6.49
C2 EDO V . 82.36 4.40 -8.85
O2 EDO V . 82.22 3.41 -9.88
C1 EDO W . 53.38 -9.46 -4.93
O1 EDO W . 52.50 -9.16 -6.02
C2 EDO W . 54.39 -10.49 -5.43
O2 EDO W . 55.72 -9.97 -5.26
C1 EDO X . 71.59 -1.95 4.57
O1 EDO X . 71.10 -1.88 3.22
C2 EDO X . 71.36 -3.36 5.14
O2 EDO X . 70.03 -3.81 4.82
C1 EDO Y . 69.69 -34.84 2.34
O1 EDO Y . 69.26 -36.19 2.13
C2 EDO Y . 71.05 -34.78 2.99
O2 EDO Y . 70.92 -35.10 4.37
C TRS Z . 66.10 5.19 -2.69
C1 TRS Z . 64.66 4.97 -2.24
C2 TRS Z . 67.01 4.03 -2.23
C3 TRS Z . 66.61 6.52 -2.14
N TRS Z . 66.11 5.27 -4.16
O1 TRS Z . 64.11 3.80 -2.81
O2 TRS Z . 68.37 4.26 -2.52
O3 TRS Z . 65.89 7.58 -2.73
CL CL AA . 70.62 -25.08 -7.86
ZN ZN BA . 53.84 -21.62 -3.66
ZN ZN CA . 50.78 -27.71 8.85
C1 EDO DA . 71.10 -7.65 6.32
O1 EDO DA . 70.78 -6.44 6.99
C2 EDO DA . 69.89 -8.16 5.53
O2 EDO DA . 69.41 -7.16 4.64
C1 EDO EA . 61.54 -22.51 2.70
O1 EDO EA . 60.98 -21.92 3.88
C2 EDO EA . 61.27 -21.55 1.56
O2 EDO EA . 60.00 -20.92 1.80
C1 EDO FA . 42.80 -6.75 10.29
O1 EDO FA . 42.41 -6.11 9.06
C2 EDO FA . 44.15 -6.25 10.81
O2 EDO FA . 45.23 -6.65 9.95
C1 EDO GA . 40.12 1.67 3.38
O1 EDO GA . 41.09 2.73 3.34
C2 EDO GA . 40.04 1.12 4.80
O2 EDO GA . 39.11 1.90 5.57
C1 EDO HA . 43.71 -0.44 2.58
O1 EDO HA . 43.94 -1.81 2.92
C2 EDO HA . 43.07 -0.35 1.20
O2 EDO HA . 42.52 0.96 1.06
C1 EDO IA . 53.04 -28.74 9.01
O1 EDO IA . 52.24 -27.77 9.70
C2 EDO IA . 52.30 -30.06 9.07
O2 EDO IA . 51.15 -30.00 8.24
C1 EDO JA . 57.35 -21.43 -3.25
O1 EDO JA . 56.78 -22.72 -2.99
C2 EDO JA . 57.15 -21.06 -4.73
O2 EDO JA . 55.76 -20.92 -5.01
C1 MYR KA . 79.29 -16.15 -4.08
O1 MYR KA . 79.21 -15.98 -2.85
C2 MYR KA . 78.16 -15.79 -5.02
C3 MYR KA . 77.61 -14.39 -4.76
C4 MYR KA . 77.08 -13.75 -6.05
C5 MYR KA . 77.82 -12.46 -6.40
C6 MYR KA . 76.95 -11.53 -7.25
C7 MYR KA . 77.19 -11.71 -8.75
C8 MYR KA . 76.22 -10.89 -9.60
C9 MYR KA . 74.99 -11.67 -10.08
C10 MYR KA . 73.91 -11.79 -9.00
C11 MYR KA . 73.87 -13.20 -8.41
C12 MYR KA . 73.40 -13.20 -6.95
C13 MYR KA . 73.47 -14.60 -6.36
C14 MYR KA . 73.18 -14.60 -4.86
ZN ZN LA . 43.83 -33.28 18.81
ZN ZN MA . 34.64 -35.65 13.73
ZN ZN NA . 10.44 -31.37 44.41
C1 EDO OA . 13.08 -32.23 39.14
O1 EDO OA . 12.29 -32.57 40.29
C2 EDO OA . 12.62 -30.87 38.62
O2 EDO OA . 12.87 -29.84 39.60
C1 EDO PA . 8.77 -24.76 30.24
O1 EDO PA . 10.09 -25.31 30.09
C2 EDO PA . 8.86 -23.29 30.68
O2 EDO PA . 8.39 -23.14 32.03
C1 EDO QA . -5.27 -24.49 37.16
O1 EDO QA . -5.68 -24.46 38.52
C2 EDO QA . -5.55 -25.88 36.61
O2 EDO QA . -4.32 -26.57 36.47
C1 EDO RA . 8.00 -33.67 21.75
O1 EDO RA . 7.98 -35.09 21.56
C2 EDO RA . 6.55 -33.18 21.71
O2 EDO RA . 6.30 -32.30 22.81
C1 EDO SA . -11.43 -30.51 38.80
O1 EDO SA . -11.14 -31.72 39.51
C2 EDO SA . -12.92 -30.43 38.47
O2 EDO SA . -13.70 -30.85 39.60
C1 EDO TA . 9.99 -29.49 23.39
O1 EDO TA . 9.38 -30.76 23.12
C2 EDO TA . 9.22 -28.44 22.61
O2 EDO TA . 7.90 -28.36 23.14
C1 EDO UA . -3.92 -35.79 23.31
O1 EDO UA . -4.06 -36.30 24.64
C2 EDO UA . -2.90 -36.64 22.58
O2 EDO UA . -1.64 -36.44 23.19
C1 EDO VA . 9.04 -15.76 33.21
O1 EDO VA . 8.93 -14.34 33.07
C2 EDO VA . 8.93 -16.13 34.69
O2 EDO VA . 8.93 -17.57 34.82
C TRS WA . 12.40 -26.30 39.21
C1 TRS WA . 13.22 -26.87 38.06
C2 TRS WA . 11.50 -25.15 38.74
C3 TRS WA . 13.36 -25.82 40.30
N TRS WA . 11.56 -27.37 39.77
O1 TRS WA . 12.43 -27.35 36.99
O2 TRS WA . 10.80 -24.52 39.81
O3 TRS WA . 14.07 -26.93 40.83
ZN ZN XA . 0.46 -30.36 12.54
ZN ZN YA . 5.33 -21.88 2.01
C1 EDO ZA . 7.01 -14.02 29.61
O1 EDO ZA . 8.37 -14.07 30.09
C2 EDO ZA . 6.76 -15.23 28.72
O2 EDO ZA . 7.01 -16.43 29.45
C1 EDO AB . 22.36 -37.43 20.42
O1 EDO AB . 23.37 -38.12 21.15
C2 EDO AB . 22.86 -36.01 20.19
O2 EDO AB . 22.01 -35.35 19.24
C1 EDO BB . 26.41 -38.07 19.38
O1 EDO BB . 26.64 -37.61 20.72
C2 EDO BB . 26.88 -37.00 18.40
O2 EDO BB . 28.31 -36.97 18.38
C1 EDO CB . 0.92 -22.42 14.51
O1 EDO CB . 2.35 -22.27 14.48
C2 EDO CB . 0.22 -21.06 14.68
O2 EDO CB . 0.94 -20.08 13.92
C1 EDO DB . 0.82 -26.93 17.53
O1 EDO DB . 0.25 -26.05 18.52
C2 EDO DB . 1.77 -26.16 16.62
O2 EDO DB . 1.04 -25.40 15.64
C1 EDO EB . -1.17 -29.05 14.28
O1 EDO EB . -0.86 -29.40 15.64
C2 EDO EB . -0.83 -27.58 14.06
O2 EDO EB . -1.08 -27.23 12.68
C1 EDO FB . 4.84 -17.52 2.55
O1 EDO FB . 4.92 -16.62 1.44
C2 EDO FB . 4.08 -18.79 2.18
O2 EDO FB . 4.82 -19.98 2.55
C1 MYR GB . -7.99 -15.04 31.71
O1 MYR GB . -7.09 -14.40 31.12
C2 MYR GB . -8.22 -16.50 31.37
C3 MYR GB . -7.15 -17.36 32.03
C4 MYR GB . -7.69 -18.04 33.30
C5 MYR GB . -6.58 -18.53 34.22
C6 MYR GB . -7.08 -19.64 35.15
C7 MYR GB . -6.29 -20.92 34.94
C8 MYR GB . -7.13 -22.18 35.15
C9 MYR GB . -6.82 -23.25 34.09
C10 MYR GB . -7.27 -22.80 32.69
C11 MYR GB . -6.09 -22.42 31.79
C12 MYR GB . -6.46 -21.40 30.71
C13 MYR GB . -5.24 -20.56 30.32
C14 MYR GB . -5.55 -19.58 29.19
ZN ZN HB . -34.85 14.41 7.19
ZN ZN IB . -22.03 -19.91 -2.70
C1 EDO JB . -4.81 -17.34 -11.67
O1 EDO JB . -5.82 -16.85 -10.76
C2 EDO JB . -5.51 -17.82 -12.93
O2 EDO JB . -5.91 -16.67 -13.69
C1 EDO KB . -18.78 -7.37 -30.18
O1 EDO KB . -20.19 -7.08 -30.20
C2 EDO KB . -18.41 -8.28 -29.02
O2 EDO KB . -18.82 -7.74 -27.76
C1 EDO LB . -17.04 -7.73 -9.80
O1 EDO LB . -17.77 -7.12 -10.87
C2 EDO LB . -16.85 -6.68 -8.73
O2 EDO LB . -18.10 -6.41 -8.09
C1 EDO MB . -16.39 -0.58 -41.44
O1 EDO MB . -14.99 -0.92 -41.29
C2 EDO MB . -17.13 -0.70 -40.12
O2 EDO MB . -17.43 -2.07 -39.80
C1 EDO NB . -17.57 -10.47 2.78
O1 EDO NB . -17.02 -9.15 2.82
C2 EDO NB . -18.77 -10.50 3.72
O2 EDO NB . -18.98 -11.83 4.20
C1 EDO OB . -21.45 -1.11 6.84
O1 EDO OB . -21.14 -2.51 6.89
C2 EDO OB . -22.67 -0.87 5.96
O2 EDO OB . -22.37 -1.13 4.58
C1 EDO PB . -22.28 -15.55 -2.98
O1 EDO PB . -21.11 -14.78 -3.28
C2 EDO PB . -22.21 -16.20 -1.59
O2 EDO PB . -21.77 -15.31 -0.56
C1 EDO QB . -31.73 -12.68 -4.31
O1 EDO QB . -32.69 -13.43 -5.07
C2 EDO QB . -30.98 -11.70 -5.22
O2 EDO QB . -31.85 -10.67 -5.69
C1 EDO RB . -20.40 -22.28 -2.95
O1 EDO RB . -20.42 -21.11 -2.12
C2 EDO RB . -19.17 -23.09 -2.61
O2 EDO RB . -18.24 -23.06 -3.70
C1 EDO SB . -15.44 -1.09 -31.37
O1 EDO SB . -14.45 -0.06 -31.39
C2 EDO SB . -16.62 -0.68 -32.26
O2 EDO SB . -17.23 0.52 -31.76
C1 EDO TB . -12.83 3.74 -32.49
O1 EDO TB . -12.89 4.60 -31.34
C2 EDO TB . -14.22 3.47 -33.06
O2 EDO TB . -14.81 4.68 -33.56
CL CL UB . 4.11 -3.41 -17.58
ZN ZN VB . -3.28 6.92 -5.87
C1 EDO WB . -17.80 -6.31 -19.83
O1 EDO WB . -19.21 -6.52 -19.60
C2 EDO WB . -17.17 -5.58 -18.65
O2 EDO WB . -17.30 -6.35 -17.44
C1 EDO XB . -5.91 6.07 -13.72
O1 EDO XB . -7.28 6.11 -13.29
C2 EDO XB . -5.83 5.94 -15.24
O2 EDO XB . -6.72 6.89 -15.84
C1 EDO YB . -24.87 5.16 4.84
O1 EDO YB . -24.03 6.19 4.30
C2 EDO YB . -24.41 4.88 6.27
O2 EDO YB . -25.56 4.59 7.08
C1 EDO ZB . -10.88 17.46 -7.76
O1 EDO ZB . -11.02 18.05 -6.46
C2 EDO ZB . -10.07 18.39 -8.65
O2 EDO ZB . -10.93 19.45 -9.10
C1 EDO AC . -4.98 9.71 -7.44
O1 EDO AC . -4.77 9.62 -6.02
C2 EDO AC . -3.88 8.93 -8.16
O2 EDO AC . -4.03 7.53 -7.92
C1 MYR BC . -3.19 -16.56 -25.26
O1 MYR BC . -2.32 -16.97 -26.06
C2 MYR BC . -3.42 -17.27 -23.94
C3 MYR BC . -4.89 -17.20 -23.55
C4 MYR BC . -5.17 -18.04 -22.30
C5 MYR BC . -4.32 -17.59 -21.12
C6 MYR BC . -4.95 -16.38 -20.41
C7 MYR BC . -3.89 -15.58 -19.67
C8 MYR BC . -4.01 -15.74 -18.15
C9 MYR BC . -4.91 -14.68 -17.54
C10 MYR BC . -4.43 -13.27 -17.89
C11 MYR BC . -4.37 -12.38 -16.66
C12 MYR BC . -4.14 -10.90 -17.03
C13 MYR BC . -5.42 -10.26 -17.56
C14 MYR BC . -5.37 -10.02 -19.07
ZN ZN CC . -20.67 24.35 -29.45
ZN ZN DC . -58.22 38.23 -35.88
C1 EDO EC . -56.70 34.22 -21.50
O1 EDO EC . -56.64 32.84 -21.13
C2 EDO EC . -55.51 34.94 -20.87
O2 EDO EC . -54.30 34.62 -21.56
C1 EDO FC . -67.78 19.18 -16.43
O1 EDO FC . -66.46 19.72 -16.57
C2 EDO FC . -67.78 17.98 -15.49
O2 EDO FC . -66.89 16.96 -15.98
C1 EDO GC . -40.47 40.94 -24.98
O1 EDO GC . -41.62 40.17 -24.57
C2 EDO GC . -40.69 42.42 -24.73
O2 EDO GC . -41.69 42.93 -25.61
C1 EDO HC . -34.99 32.89 -18.94
O1 EDO HC . -35.71 32.28 -17.86
C2 EDO HC . -34.91 34.41 -18.77
O2 EDO HC . -34.30 34.73 -17.52
C1 EDO IC . -64.48 16.28 -2.70
O1 EDO IC . -63.42 15.64 -3.44
C2 EDO IC . -64.81 17.64 -3.33
O2 EDO IC . -63.75 18.57 -3.05
C1 EDO JC . -70.88 41.06 -21.36
O1 EDO JC . -70.42 40.00 -20.51
C2 EDO JC . -70.15 42.34 -20.97
O2 EDO JC . -68.83 42.30 -21.50
C1 EDO KC . -57.32 34.62 -31.23
O1 EDO KC . -56.13 34.90 -30.46
C2 EDO KC . -57.51 33.12 -31.33
O2 EDO KC . -57.29 32.67 -32.68
C1 EDO LC . -55.06 38.33 -33.58
O1 EDO LC . -54.12 39.21 -32.95
C2 EDO LC . -55.44 37.14 -32.70
O2 EDO LC . -55.67 37.49 -31.34
C1 EDO MC . -67.08 10.82 -9.99
O1 EDO MC . -66.69 9.63 -9.29
C2 EDO MC . -66.19 11.95 -9.49
O2 EDO MC . -66.03 11.79 -8.07
C1 EDO NC . -52.64 45.74 -17.08
O1 EDO NC . -53.33 46.69 -16.27
C2 EDO NC . -53.56 44.55 -17.34
O2 EDO NC . -52.75 43.39 -17.64
C1 EDO OC . -60.94 20.74 -18.63
O1 EDO OC . -62.14 21.43 -18.27
C2 EDO OC . -59.79 21.14 -17.72
O2 EDO OC . -59.92 20.50 -16.43
C1 EDO PC . -60.60 40.79 -36.10
O1 EDO PC . -59.48 39.90 -35.94
C2 EDO PC . -61.73 40.15 -36.90
O2 EDO PC . -62.31 39.07 -36.17
CL CL QC . -69.11 41.44 -3.37
ZN ZN RC . -23.88 31.02 -20.98
ZN ZN SC . -51.64 43.35 -3.84
C1 EDO TC . -60.65 27.07 -17.06
O1 EDO TC . -60.34 27.98 -18.12
C2 EDO TC . -61.51 25.93 -17.60
O2 EDO TC . -60.77 25.21 -18.61
C1 EDO UC . -36.12 37.74 -21.50
O1 EDO UC . -36.32 37.61 -20.09
C2 EDO UC . -35.38 39.05 -21.75
O2 EDO UC . -34.96 39.10 -23.11
C1 EDO VC . -55.31 35.80 -4.24
O1 EDO VC . -54.06 35.10 -4.35
C2 EDO VC . -56.13 35.30 -3.04
O2 EDO VC . -56.06 33.87 -2.90
C1 EDO WC . -42.76 34.83 1.47
O1 EDO WC . -41.72 33.97 1.93
C2 EDO WC . -42.45 35.22 0.02
O2 EDO WC . -41.30 36.07 0.00
C1 EDO XC . -32.26 30.97 -17.92
O1 EDO XC . -31.95 29.79 -18.66
C2 EDO XC . -31.50 32.14 -18.54
O2 EDO XC . -31.49 31.99 -19.96
C1 EDO YC . -50.14 40.26 -2.41
O1 EDO YC . -51.45 40.59 -2.90
C2 EDO YC . -49.20 41.45 -2.61
O2 EDO YC . -49.77 42.61 -2.00
C1 MYR ZC . -78.34 33.10 -14.45
O1 MYR ZC . -78.85 32.13 -13.85
C2 MYR ZC . -78.03 33.01 -15.93
C3 MYR ZC . -77.51 34.35 -16.43
C4 MYR ZC . -76.73 34.20 -17.72
C5 MYR ZC . -76.14 35.55 -18.13
C6 MYR ZC . -74.91 35.89 -17.28
C7 MYR ZC . -74.42 37.31 -17.56
C8 MYR ZC . -73.53 37.82 -16.43
C9 MYR ZC . -72.08 37.38 -16.61
C10 MYR ZC . -71.23 37.83 -15.43
C11 MYR ZC . -69.79 37.32 -15.54
C12 MYR ZC . -69.04 37.43 -14.22
C13 MYR ZC . -68.56 36.06 -13.74
C14 MYR ZC . -69.71 35.07 -13.57
#